data_1WX6
#
_entry.id   1WX6
#
_entity_poly.entity_id   1
_entity_poly.type   'polypeptide(L)'
_entity_poly.pdbx_seq_one_letter_code
;GSSGSSGLSNGQGSRVLHVVQTLYPFSSVTEEELNFEKGETMEVIEKPENDPEWWKCKNARGQVGLVPKNYVVVLSDGPA
LHPAHSGPSSG
;
_entity_poly.pdbx_strand_id   A
#
# COMPACT_ATOMS: atom_id res chain seq x y z
N GLY A 1 -27.22 10.97 15.58
CA GLY A 1 -26.46 11.28 14.38
C GLY A 1 -26.24 10.07 13.50
N SER A 2 -27.22 9.78 12.66
CA SER A 2 -27.15 8.63 11.75
C SER A 2 -26.09 8.85 10.69
N SER A 3 -25.40 7.79 10.32
CA SER A 3 -24.35 7.86 9.30
C SER A 3 -24.79 7.18 8.02
N GLY A 4 -24.24 7.64 6.90
CA GLY A 4 -24.60 7.08 5.60
C GLY A 4 -23.46 7.15 4.60
N SER A 5 -23.61 6.46 3.48
CA SER A 5 -22.59 6.45 2.44
C SER A 5 -23.22 6.22 1.07
N SER A 6 -22.76 7.00 0.09
CA SER A 6 -23.27 6.88 -1.28
C SER A 6 -22.50 5.83 -2.06
N GLY A 7 -21.19 6.05 -2.20
CA GLY A 7 -20.36 5.10 -2.93
C GLY A 7 -19.44 5.79 -3.91
N LEU A 8 -18.64 6.74 -3.41
CA LEU A 8 -17.71 7.48 -4.25
C LEU A 8 -16.47 6.64 -4.55
N SER A 9 -16.02 6.70 -5.80
CA SER A 9 -14.83 5.95 -6.22
C SER A 9 -13.94 6.79 -7.11
N ASN A 10 -12.67 6.41 -7.19
CA ASN A 10 -11.71 7.14 -8.02
C ASN A 10 -11.07 6.21 -9.05
N GLY A 11 -10.34 6.80 -9.99
CA GLY A 11 -9.69 6.01 -11.03
C GLY A 11 -8.25 6.43 -11.25
N GLN A 12 -7.33 5.80 -10.54
CA GLN A 12 -5.92 6.11 -10.68
C GLN A 12 -5.16 4.99 -11.39
N GLY A 13 -4.05 5.34 -12.03
CA GLY A 13 -3.27 4.34 -12.74
C GLY A 13 -2.24 3.67 -11.85
N SER A 14 -2.72 2.82 -10.95
CA SER A 14 -1.84 2.12 -10.02
C SER A 14 -2.55 0.90 -9.42
N ARG A 15 -1.76 -0.08 -8.98
CA ARG A 15 -2.31 -1.29 -8.38
C ARG A 15 -1.44 -1.79 -7.23
N VAL A 16 -1.83 -2.89 -6.62
CA VAL A 16 -1.08 -3.46 -5.51
C VAL A 16 0.21 -4.09 -5.99
N LEU A 17 1.31 -3.36 -5.86
CA LEU A 17 2.62 -3.85 -6.27
C LEU A 17 3.14 -4.90 -5.30
N HIS A 18 3.29 -4.52 -4.04
CA HIS A 18 3.78 -5.43 -3.01
C HIS A 18 3.24 -5.03 -1.64
N VAL A 19 2.82 -6.03 -0.87
CA VAL A 19 2.29 -5.79 0.47
C VAL A 19 3.41 -5.64 1.48
N VAL A 20 3.44 -4.50 2.16
CA VAL A 20 4.47 -4.24 3.17
C VAL A 20 3.84 -3.94 4.53
N GLN A 21 4.62 -4.15 5.58
CA GLN A 21 4.13 -3.90 6.94
C GLN A 21 4.97 -2.83 7.63
N THR A 22 4.36 -2.15 8.60
CA THR A 22 5.06 -1.10 9.34
C THR A 22 5.62 -1.63 10.65
N LEU A 23 6.94 -1.55 10.79
CA LEU A 23 7.61 -2.03 12.00
C LEU A 23 7.50 -1.00 13.12
N TYR A 24 7.67 0.27 12.77
CA TYR A 24 7.60 1.35 13.73
C TYR A 24 6.51 2.34 13.37
N PRO A 25 5.86 2.93 14.39
CA PRO A 25 4.79 3.90 14.20
C PRO A 25 5.30 5.22 13.65
N PHE A 26 4.73 5.65 12.52
CA PHE A 26 5.14 6.91 11.89
C PHE A 26 3.92 7.74 11.53
N SER A 27 3.79 8.89 12.19
CA SER A 27 2.66 9.80 11.95
C SER A 27 3.16 11.18 11.53
N SER A 28 2.62 11.68 10.43
CA SER A 28 3.00 13.00 9.91
C SER A 28 1.88 14.01 10.13
N VAL A 29 2.18 15.27 9.83
CA VAL A 29 1.20 16.34 9.97
C VAL A 29 0.62 16.76 8.63
N THR A 30 1.44 16.67 7.59
CA THR A 30 1.02 17.04 6.24
C THR A 30 0.39 15.85 5.52
N GLU A 31 -0.29 16.13 4.41
CA GLU A 31 -0.94 15.09 3.63
C GLU A 31 0.07 14.34 2.77
N GLU A 32 1.13 15.04 2.37
CA GLU A 32 2.17 14.44 1.54
C GLU A 32 2.64 13.12 2.14
N GLU A 33 2.96 13.13 3.43
CA GLU A 33 3.41 11.93 4.12
C GLU A 33 2.23 11.08 4.57
N LEU A 34 2.46 9.78 4.70
CA LEU A 34 1.42 8.85 5.14
C LEU A 34 1.32 8.81 6.66
N ASN A 35 0.16 8.41 7.16
CA ASN A 35 -0.06 8.32 8.60
C ASN A 35 -0.51 6.93 9.01
N PHE A 36 0.26 6.28 9.88
CA PHE A 36 -0.07 4.95 10.35
C PHE A 36 0.52 4.69 11.74
N GLU A 37 0.34 3.48 12.24
CA GLU A 37 0.85 3.11 13.56
C GLU A 37 1.70 1.85 13.48
N LYS A 38 2.13 1.37 14.64
CA LYS A 38 2.97 0.17 14.71
C LYS A 38 2.15 -1.08 14.37
N GLY A 39 2.57 -1.81 13.35
CA GLY A 39 1.87 -3.01 12.95
C GLY A 39 0.73 -2.73 11.99
N GLU A 40 1.00 -1.91 10.98
CA GLU A 40 -0.01 -1.56 10.00
C GLU A 40 0.33 -2.15 8.62
N THR A 41 -0.68 -2.70 7.96
CA THR A 41 -0.48 -3.30 6.64
C THR A 41 -0.91 -2.34 5.54
N MET A 42 -0.05 -2.19 4.53
CA MET A 42 -0.34 -1.30 3.41
C MET A 42 -0.02 -1.99 2.08
N GLU A 43 -0.16 -1.25 0.99
CA GLU A 43 0.11 -1.79 -0.33
C GLU A 43 0.82 -0.76 -1.21
N VAL A 44 1.95 -1.15 -1.78
CA VAL A 44 2.72 -0.27 -2.65
C VAL A 44 1.98 0.00 -3.96
N ILE A 45 1.53 1.23 -4.13
CA ILE A 45 0.82 1.63 -5.34
C ILE A 45 1.78 2.20 -6.38
N GLU A 46 2.77 2.94 -5.92
CA GLU A 46 3.75 3.55 -6.81
C GLU A 46 5.04 3.89 -6.05
N LYS A 47 6.15 3.92 -6.78
CA LYS A 47 7.44 4.23 -6.18
C LYS A 47 8.11 5.40 -6.90
N PRO A 48 8.36 6.49 -6.15
CA PRO A 48 9.01 7.69 -6.70
C PRO A 48 10.47 7.47 -7.05
N GLU A 49 10.89 8.01 -8.19
CA GLU A 49 12.27 7.86 -8.63
C GLU A 49 13.19 8.84 -7.90
N ASN A 50 12.87 10.12 -7.99
CA ASN A 50 13.66 11.15 -7.32
C ASN A 50 13.97 10.76 -5.88
N ASP A 51 12.93 10.41 -5.13
CA ASP A 51 13.09 10.02 -3.75
C ASP A 51 12.90 8.51 -3.58
N PRO A 52 13.97 7.74 -3.82
CA PRO A 52 13.95 6.29 -3.70
C PRO A 52 13.82 5.82 -2.26
N GLU A 53 14.23 6.67 -1.33
CA GLU A 53 14.15 6.35 0.10
C GLU A 53 12.71 6.37 0.58
N TRP A 54 11.82 6.90 -0.25
CA TRP A 54 10.40 6.98 0.11
C TRP A 54 9.55 6.17 -0.87
N TRP A 55 8.47 5.60 -0.37
CA TRP A 55 7.58 4.79 -1.20
C TRP A 55 6.14 5.29 -1.08
N LYS A 56 5.37 5.11 -2.15
CA LYS A 56 3.98 5.53 -2.19
C LYS A 56 3.05 4.37 -1.85
N CYS A 57 2.36 4.47 -0.72
CA CYS A 57 1.43 3.43 -0.30
C CYS A 57 0.11 4.03 0.16
N LYS A 58 -0.89 3.18 0.35
CA LYS A 58 -2.21 3.63 0.79
C LYS A 58 -2.61 2.94 2.08
N ASN A 59 -2.92 3.75 3.10
CA ASN A 59 -3.32 3.22 4.40
C ASN A 59 -4.78 2.80 4.38
N ALA A 60 -5.29 2.38 5.54
CA ALA A 60 -6.68 1.95 5.66
C ALA A 60 -7.63 3.08 5.31
N ARG A 61 -7.23 4.31 5.63
CA ARG A 61 -8.06 5.47 5.35
C ARG A 61 -8.19 5.70 3.84
N GLY A 62 -7.45 4.90 3.06
CA GLY A 62 -7.49 5.03 1.61
C GLY A 62 -6.71 6.23 1.13
N GLN A 63 -5.84 6.76 1.98
CA GLN A 63 -5.03 7.92 1.63
C GLN A 63 -3.63 7.49 1.20
N VAL A 64 -3.09 8.17 0.19
CA VAL A 64 -1.75 7.87 -0.30
C VAL A 64 -0.76 8.95 0.09
N GLY A 65 0.49 8.55 0.32
CA GLY A 65 1.52 9.49 0.70
C GLY A 65 2.91 8.91 0.63
N LEU A 66 3.90 9.67 1.06
CA LEU A 66 5.29 9.22 1.03
C LEU A 66 5.67 8.57 2.36
N VAL A 67 5.87 7.25 2.33
CA VAL A 67 6.24 6.51 3.52
C VAL A 67 7.66 5.98 3.42
N PRO A 68 8.41 6.08 4.53
CA PRO A 68 9.80 5.62 4.58
C PRO A 68 9.91 4.10 4.54
N LYS A 69 10.63 3.59 3.54
CA LYS A 69 10.82 2.15 3.37
C LYS A 69 11.60 1.57 4.54
N ASN A 70 12.56 2.35 5.06
CA ASN A 70 13.38 1.90 6.18
C ASN A 70 12.51 1.61 7.40
N TYR A 71 11.25 1.99 7.33
CA TYR A 71 10.31 1.77 8.43
C TYR A 71 9.41 0.58 8.14
N VAL A 72 9.20 0.29 6.85
CA VAL A 72 8.35 -0.81 6.44
C VAL A 72 9.17 -1.97 5.91
N VAL A 73 8.50 -3.03 5.45
CA VAL A 73 9.17 -4.20 4.92
C VAL A 73 8.25 -4.97 3.97
N VAL A 74 8.82 -5.48 2.88
CA VAL A 74 8.06 -6.25 1.90
C VAL A 74 7.82 -7.66 2.38
N LEU A 75 6.56 -8.04 2.50
CA LEU A 75 6.19 -9.38 2.95
C LEU A 75 5.99 -10.31 1.76
N SER A 76 5.03 -9.97 0.90
CA SER A 76 4.74 -10.78 -0.28
C SER A 76 4.69 -9.91 -1.54
N ASP A 77 4.81 -10.55 -2.70
CA ASP A 77 4.77 -9.84 -3.97
C ASP A 77 3.48 -10.15 -4.72
N GLY A 78 2.57 -9.18 -4.74
CA GLY A 78 1.30 -9.36 -5.43
C GLY A 78 0.20 -9.85 -4.51
N PRO A 79 -1.03 -9.42 -4.78
CA PRO A 79 -2.20 -9.81 -3.98
C PRO A 79 -2.56 -11.28 -4.15
N ALA A 80 -1.95 -12.14 -3.34
CA ALA A 80 -2.20 -13.57 -3.42
C ALA A 80 -2.07 -14.08 -4.85
N LEU A 81 -0.99 -13.70 -5.51
CA LEU A 81 -0.73 -14.13 -6.88
C LEU A 81 0.20 -15.33 -6.92
N HIS A 82 1.25 -15.29 -6.10
CA HIS A 82 2.22 -16.39 -6.04
C HIS A 82 1.81 -17.39 -4.97
N PRO A 83 2.07 -18.69 -5.26
CA PRO A 83 1.75 -19.78 -4.34
C PRO A 83 2.63 -19.77 -3.10
N ALA A 84 2.11 -19.24 -2.00
CA ALA A 84 2.85 -19.17 -0.75
C ALA A 84 1.91 -18.95 0.43
N HIS A 85 1.99 -19.85 1.42
CA HIS A 85 1.15 -19.77 2.60
C HIS A 85 1.84 -18.97 3.69
N SER A 86 1.05 -18.34 4.57
CA SER A 86 1.58 -17.54 5.65
C SER A 86 2.88 -18.15 6.19
N GLY A 87 2.80 -19.40 6.62
CA GLY A 87 3.97 -20.09 7.15
C GLY A 87 3.62 -21.10 8.21
N PRO A 88 4.61 -21.89 8.63
CA PRO A 88 4.43 -22.94 9.65
C PRO A 88 4.19 -22.34 11.04
N SER A 89 4.13 -21.01 11.11
CA SER A 89 3.92 -20.33 12.37
C SER A 89 2.96 -21.11 13.27
N SER A 90 3.35 -21.29 14.52
CA SER A 90 2.53 -22.03 15.47
C SER A 90 1.22 -21.30 15.76
N GLY A 91 0.13 -22.05 15.83
CA GLY A 91 -1.16 -21.45 16.10
C GLY A 91 -1.62 -21.66 17.53
N GLY A 1 -20.22 -14.54 6.10
CA GLY A 1 -20.04 -15.65 5.18
C GLY A 1 -21.05 -15.63 4.05
N SER A 2 -21.32 -14.44 3.52
CA SER A 2 -22.28 -14.30 2.43
C SER A 2 -22.00 -13.04 1.61
N SER A 3 -21.46 -13.24 0.41
CA SER A 3 -21.14 -12.12 -0.47
C SER A 3 -22.30 -11.14 -0.56
N GLY A 4 -22.01 -9.86 -0.41
CA GLY A 4 -23.03 -8.84 -0.48
C GLY A 4 -22.84 -7.89 -1.64
N SER A 5 -23.25 -6.64 -1.47
CA SER A 5 -23.12 -5.63 -2.51
C SER A 5 -21.65 -5.28 -2.75
N SER A 6 -21.23 -5.37 -4.00
CA SER A 6 -19.85 -5.07 -4.37
C SER A 6 -19.71 -3.61 -4.80
N GLY A 7 -18.48 -3.11 -4.78
CA GLY A 7 -18.22 -1.74 -5.17
C GLY A 7 -17.72 -1.62 -6.59
N LEU A 8 -16.51 -2.10 -6.84
CA LEU A 8 -15.91 -2.04 -8.16
C LEU A 8 -14.84 -3.12 -8.32
N SER A 9 -14.61 -3.52 -9.57
CA SER A 9 -13.60 -4.54 -9.87
C SER A 9 -12.52 -4.00 -10.79
N ASN A 10 -12.95 -3.30 -11.83
CA ASN A 10 -12.02 -2.72 -12.80
C ASN A 10 -11.30 -1.51 -12.21
N GLY A 11 -10.25 -1.07 -12.88
CA GLY A 11 -9.49 0.08 -12.41
C GLY A 11 -8.29 0.37 -13.28
N GLN A 12 -8.02 1.66 -13.49
CA GLN A 12 -6.88 2.07 -14.32
C GLN A 12 -6.00 3.05 -13.57
N GLY A 13 -4.77 2.63 -13.29
CA GLY A 13 -3.84 3.48 -12.57
C GLY A 13 -2.77 2.69 -11.83
N SER A 14 -2.37 3.17 -10.66
CA SER A 14 -1.34 2.51 -9.87
C SER A 14 -1.91 1.27 -9.19
N ARG A 15 -1.51 0.10 -9.69
CA ARG A 15 -1.99 -1.17 -9.13
C ARG A 15 -1.15 -1.57 -7.92
N VAL A 16 -1.50 -2.70 -7.31
CA VAL A 16 -0.78 -3.19 -6.14
C VAL A 16 0.56 -3.81 -6.54
N LEU A 17 1.65 -3.19 -6.09
CA LEU A 17 2.98 -3.67 -6.40
C LEU A 17 3.41 -4.75 -5.40
N HIS A 18 3.51 -4.38 -4.13
CA HIS A 18 3.90 -5.31 -3.08
C HIS A 18 3.34 -4.88 -1.73
N VAL A 19 3.04 -5.85 -0.88
CA VAL A 19 2.50 -5.57 0.44
C VAL A 19 3.61 -5.41 1.47
N VAL A 20 3.60 -4.28 2.18
CA VAL A 20 4.60 -4.01 3.19
C VAL A 20 3.96 -3.78 4.56
N GLN A 21 4.74 -3.96 5.62
CA GLN A 21 4.25 -3.78 6.97
C GLN A 21 5.01 -2.66 7.68
N THR A 22 4.39 -2.11 8.73
CA THR A 22 5.00 -1.02 9.48
C THR A 22 5.57 -1.53 10.81
N LEU A 23 6.89 -1.50 10.93
CA LEU A 23 7.56 -1.95 12.14
C LEU A 23 7.42 -0.91 13.25
N TYR A 24 7.52 0.36 12.89
CA TYR A 24 7.41 1.44 13.85
C TYR A 24 6.33 2.43 13.43
N PRO A 25 5.65 3.02 14.43
CA PRO A 25 4.58 4.00 14.19
C PRO A 25 5.12 5.32 13.65
N PHE A 26 4.57 5.75 12.52
CA PHE A 26 5.00 6.99 11.90
C PHE A 26 3.78 7.83 11.49
N SER A 27 3.71 9.04 12.03
CA SER A 27 2.60 9.95 11.73
C SER A 27 3.05 11.07 10.79
N SER A 28 2.38 11.17 9.64
CA SER A 28 2.71 12.19 8.66
C SER A 28 2.20 13.56 9.10
N VAL A 29 3.10 14.37 9.64
CA VAL A 29 2.74 15.71 10.11
C VAL A 29 2.38 16.62 8.94
N THR A 30 2.76 16.20 7.73
CA THR A 30 2.48 16.98 6.53
C THR A 30 1.46 16.27 5.65
N GLU A 31 0.91 17.00 4.68
CA GLU A 31 -0.09 16.44 3.77
C GLU A 31 0.59 15.80 2.56
N GLU A 32 1.78 15.26 2.78
CA GLU A 32 2.54 14.61 1.71
C GLU A 32 2.91 13.18 2.09
N GLU A 33 3.12 12.95 3.38
CA GLU A 33 3.49 11.63 3.87
C GLU A 33 2.25 10.85 4.29
N LEU A 34 2.47 9.65 4.83
CA LEU A 34 1.37 8.80 5.28
C LEU A 34 1.35 8.69 6.80
N ASN A 35 0.16 8.50 7.36
CA ASN A 35 0.01 8.38 8.81
C ASN A 35 -0.48 6.98 9.18
N PHE A 36 0.32 6.28 9.98
CA PHE A 36 -0.03 4.93 10.42
C PHE A 36 0.53 4.64 11.81
N GLU A 37 0.24 3.46 12.32
CA GLU A 37 0.71 3.07 13.64
C GLU A 37 1.61 1.83 13.56
N LYS A 38 2.01 1.32 14.72
CA LYS A 38 2.87 0.14 14.78
C LYS A 38 2.09 -1.11 14.42
N GLY A 39 2.64 -1.92 13.52
CA GLY A 39 1.99 -3.14 13.10
C GLY A 39 0.84 -2.89 12.14
N GLU A 40 1.09 -2.05 11.14
CA GLU A 40 0.08 -1.73 10.15
C GLU A 40 0.44 -2.32 8.79
N THR A 41 -0.58 -2.69 8.02
CA THR A 41 -0.37 -3.28 6.70
C THR A 41 -0.79 -2.31 5.59
N MET A 42 -0.10 -2.37 4.46
CA MET A 42 -0.42 -1.50 3.33
C MET A 42 0.02 -2.13 2.02
N GLU A 43 -0.15 -1.40 0.93
CA GLU A 43 0.23 -1.89 -0.39
C GLU A 43 0.93 -0.80 -1.20
N VAL A 44 2.04 -1.15 -1.84
CA VAL A 44 2.80 -0.21 -2.64
C VAL A 44 2.13 0.03 -3.99
N ILE A 45 1.53 1.20 -4.14
CA ILE A 45 0.85 1.55 -5.39
C ILE A 45 1.84 2.12 -6.40
N GLU A 46 2.82 2.86 -5.91
CA GLU A 46 3.83 3.47 -6.78
C GLU A 46 5.05 3.88 -5.98
N LYS A 47 6.17 4.09 -6.68
CA LYS A 47 7.41 4.48 -6.03
C LYS A 47 8.01 5.71 -6.72
N PRO A 48 8.17 6.80 -5.94
CA PRO A 48 8.73 8.05 -6.44
C PRO A 48 10.22 7.94 -6.77
N GLU A 49 10.52 7.73 -8.05
CA GLU A 49 11.91 7.60 -8.49
C GLU A 49 12.80 8.62 -7.78
N ASN A 50 12.59 9.90 -8.10
CA ASN A 50 13.37 10.97 -7.49
C ASN A 50 13.66 10.67 -6.03
N ASP A 51 12.66 10.17 -5.31
CA ASP A 51 12.80 9.85 -3.90
C ASP A 51 12.69 8.34 -3.68
N PRO A 52 13.81 7.63 -3.86
CA PRO A 52 13.85 6.17 -3.68
C PRO A 52 13.71 5.76 -2.22
N GLU A 53 14.13 6.64 -1.32
CA GLU A 53 14.05 6.37 0.10
C GLU A 53 12.59 6.39 0.59
N TRP A 54 11.71 6.91 -0.25
CA TRP A 54 10.29 6.99 0.09
C TRP A 54 9.46 6.12 -0.86
N TRP A 55 8.31 5.66 -0.37
CA TRP A 55 7.44 4.82 -1.18
C TRP A 55 5.98 5.31 -1.09
N LYS A 56 5.23 5.08 -2.15
CA LYS A 56 3.83 5.49 -2.19
C LYS A 56 2.90 4.32 -1.88
N CYS A 57 2.20 4.41 -0.76
CA CYS A 57 1.28 3.36 -0.34
C CYS A 57 -0.07 3.94 0.05
N LYS A 58 -1.01 3.07 0.37
CA LYS A 58 -2.35 3.49 0.76
C LYS A 58 -2.80 2.78 2.04
N ASN A 59 -3.15 3.56 3.05
CA ASN A 59 -3.60 3.02 4.33
C ASN A 59 -4.99 2.41 4.20
N ALA A 60 -5.54 1.97 5.32
CA ALA A 60 -6.87 1.38 5.34
C ALA A 60 -7.94 2.43 5.08
N ARG A 61 -7.62 3.69 5.37
CA ARG A 61 -8.55 4.78 5.17
C ARG A 61 -8.73 5.08 3.68
N GLY A 62 -7.72 4.73 2.89
CA GLY A 62 -7.79 4.96 1.46
C GLY A 62 -6.97 6.17 1.04
N GLN A 63 -6.15 6.67 1.95
CA GLN A 63 -5.31 7.83 1.67
C GLN A 63 -3.90 7.41 1.29
N VAL A 64 -3.35 8.05 0.26
CA VAL A 64 -2.01 7.74 -0.21
C VAL A 64 -1.02 8.83 0.20
N GLY A 65 0.23 8.43 0.41
CA GLY A 65 1.25 9.39 0.81
C GLY A 65 2.65 8.81 0.74
N LEU A 66 3.64 9.63 1.04
CA LEU A 66 5.04 9.20 1.02
C LEU A 66 5.43 8.55 2.34
N VAL A 67 5.55 7.22 2.34
CA VAL A 67 5.93 6.50 3.54
C VAL A 67 7.37 6.01 3.47
N PRO A 68 8.09 6.12 4.59
CA PRO A 68 9.49 5.70 4.68
C PRO A 68 9.65 4.18 4.61
N LYS A 69 10.46 3.72 3.66
CA LYS A 69 10.69 2.29 3.49
C LYS A 69 11.52 1.73 4.64
N ASN A 70 12.52 2.50 5.08
CA ASN A 70 13.37 2.07 6.18
C ASN A 70 12.56 1.75 7.42
N TYR A 71 11.30 2.18 7.43
CA TYR A 71 10.41 1.93 8.56
C TYR A 71 9.50 0.74 8.27
N VAL A 72 9.25 0.48 6.99
CA VAL A 72 8.40 -0.64 6.59
C VAL A 72 9.23 -1.78 6.02
N VAL A 73 8.55 -2.84 5.59
CA VAL A 73 9.22 -3.99 5.02
C VAL A 73 8.28 -4.79 4.12
N VAL A 74 8.80 -5.27 3.00
CA VAL A 74 8.01 -6.04 2.05
C VAL A 74 7.80 -7.47 2.55
N LEU A 75 6.54 -7.90 2.61
CA LEU A 75 6.20 -9.23 3.08
C LEU A 75 5.99 -10.18 1.90
N SER A 76 5.05 -9.82 1.03
CA SER A 76 4.74 -10.63 -0.14
C SER A 76 4.96 -9.85 -1.43
N ASP A 77 4.99 -10.55 -2.56
CA ASP A 77 5.19 -9.92 -3.85
C ASP A 77 3.90 -9.95 -4.68
N GLY A 78 3.01 -9.01 -4.38
CA GLY A 78 1.74 -8.95 -5.10
C GLY A 78 0.56 -9.20 -4.20
N PRO A 79 -0.64 -8.79 -4.66
CA PRO A 79 -1.89 -8.96 -3.91
C PRO A 79 -2.31 -10.42 -3.82
N ALA A 80 -1.97 -11.21 -4.83
CA ALA A 80 -2.31 -12.62 -4.86
C ALA A 80 -3.80 -12.83 -4.58
N LEU A 81 -4.63 -11.98 -5.17
CA LEU A 81 -6.08 -12.07 -4.98
C LEU A 81 -6.78 -12.48 -6.27
N HIS A 82 -7.21 -13.73 -6.34
CA HIS A 82 -7.90 -14.24 -7.52
C HIS A 82 -7.34 -13.62 -8.79
N PRO A 83 -6.01 -13.73 -8.96
CA PRO A 83 -5.30 -13.18 -10.13
C PRO A 83 -5.63 -13.95 -11.41
N ALA A 84 -4.95 -13.60 -12.49
CA ALA A 84 -5.16 -14.25 -13.77
C ALA A 84 -4.52 -15.63 -13.80
N HIS A 85 -4.84 -16.41 -14.83
CA HIS A 85 -4.30 -17.76 -14.97
C HIS A 85 -4.33 -18.50 -13.64
N SER A 86 -5.44 -18.35 -12.92
CA SER A 86 -5.59 -19.00 -11.62
C SER A 86 -7.06 -19.26 -11.32
N GLY A 87 -7.34 -20.37 -10.64
CA GLY A 87 -8.71 -20.72 -10.30
C GLY A 87 -8.96 -20.66 -8.81
N PRO A 88 -10.01 -21.36 -8.35
CA PRO A 88 -10.38 -21.41 -6.93
C PRO A 88 -9.36 -22.19 -6.09
N SER A 89 -9.06 -21.66 -4.90
CA SER A 89 -8.12 -22.30 -4.00
C SER A 89 -8.83 -23.15 -2.97
N SER A 90 -8.16 -24.20 -2.49
CA SER A 90 -8.73 -25.09 -1.49
C SER A 90 -7.93 -25.05 -0.19
N GLY A 91 -8.50 -24.43 0.83
CA GLY A 91 -7.83 -24.33 2.11
C GLY A 91 -7.12 -25.62 2.49
N GLY A 1 -30.13 -11.49 -2.16
CA GLY A 1 -30.38 -10.33 -2.99
C GLY A 1 -29.10 -9.59 -3.35
N SER A 2 -28.21 -9.44 -2.37
CA SER A 2 -26.95 -8.74 -2.58
C SER A 2 -25.83 -9.40 -1.78
N SER A 3 -24.74 -9.74 -2.47
CA SER A 3 -23.60 -10.38 -1.81
C SER A 3 -23.23 -9.65 -0.52
N GLY A 4 -23.20 -8.32 -0.60
CA GLY A 4 -22.85 -7.53 0.58
C GLY A 4 -21.48 -6.90 0.47
N SER A 5 -21.15 -6.39 -0.71
CA SER A 5 -19.85 -5.76 -0.93
C SER A 5 -19.90 -4.85 -2.16
N SER A 6 -19.15 -3.76 -2.10
CA SER A 6 -19.09 -2.80 -3.20
C SER A 6 -17.72 -2.15 -3.29
N GLY A 7 -17.45 -1.52 -4.43
CA GLY A 7 -16.17 -0.86 -4.63
C GLY A 7 -16.25 0.25 -5.66
N LEU A 8 -15.35 1.22 -5.55
CA LEU A 8 -15.31 2.34 -6.48
C LEU A 8 -14.13 2.23 -7.43
N SER A 9 -14.39 1.84 -8.68
CA SER A 9 -13.34 1.68 -9.67
C SER A 9 -13.60 2.61 -10.87
N ASN A 10 -13.05 3.82 -10.79
CA ASN A 10 -13.22 4.80 -11.86
C ASN A 10 -11.87 5.15 -12.48
N GLY A 11 -11.80 5.05 -13.81
CA GLY A 11 -10.57 5.37 -14.50
C GLY A 11 -9.39 4.57 -13.98
N GLN A 12 -8.95 3.59 -14.76
CA GLN A 12 -7.82 2.75 -14.37
C GLN A 12 -6.67 3.60 -13.83
N GLY A 13 -5.70 2.94 -13.19
CA GLY A 13 -4.58 3.65 -12.64
C GLY A 13 -3.54 2.71 -12.04
N SER A 14 -3.19 2.94 -10.79
CA SER A 14 -2.20 2.11 -10.10
C SER A 14 -2.87 0.93 -9.41
N ARG A 15 -2.09 -0.12 -9.15
CA ARG A 15 -2.61 -1.32 -8.49
C ARG A 15 -1.67 -1.76 -7.37
N VAL A 16 -2.09 -2.80 -6.65
CA VAL A 16 -1.29 -3.32 -5.54
C VAL A 16 -0.01 -3.98 -6.05
N LEU A 17 1.13 -3.35 -5.78
CA LEU A 17 2.42 -3.87 -6.22
C LEU A 17 2.95 -4.89 -5.23
N HIS A 18 3.12 -4.47 -3.97
CA HIS A 18 3.62 -5.35 -2.93
C HIS A 18 3.11 -4.91 -1.56
N VAL A 19 2.72 -5.88 -0.74
CA VAL A 19 2.21 -5.59 0.60
C VAL A 19 3.36 -5.40 1.59
N VAL A 20 3.41 -4.24 2.21
CA VAL A 20 4.44 -3.94 3.19
C VAL A 20 3.85 -3.60 4.55
N GLN A 21 4.55 -4.00 5.61
CA GLN A 21 4.09 -3.74 6.97
C GLN A 21 4.89 -2.62 7.61
N THR A 22 4.36 -2.06 8.69
CA THR A 22 5.01 -0.98 9.41
C THR A 22 5.62 -1.47 10.72
N LEU A 23 6.94 -1.43 10.81
CA LEU A 23 7.64 -1.87 12.01
C LEU A 23 7.53 -0.83 13.12
N TYR A 24 7.67 0.44 12.75
CA TYR A 24 7.59 1.53 13.71
C TYR A 24 6.47 2.49 13.35
N PRO A 25 5.80 3.05 14.37
CA PRO A 25 4.69 3.99 14.19
C PRO A 25 5.17 5.34 13.64
N PHE A 26 4.49 5.82 12.60
CA PHE A 26 4.83 7.09 11.99
C PHE A 26 3.58 7.92 11.70
N SER A 27 3.36 8.96 12.51
CA SER A 27 2.20 9.82 12.34
C SER A 27 2.57 11.08 11.56
N SER A 28 2.09 11.15 10.32
CA SER A 28 2.37 12.30 9.46
C SER A 28 1.41 13.44 9.75
N VAL A 29 1.97 14.63 9.98
CA VAL A 29 1.16 15.81 10.27
C VAL A 29 0.54 16.38 9.00
N THR A 30 1.20 16.14 7.87
CA THR A 30 0.71 16.63 6.59
C THR A 30 0.21 15.48 5.71
N GLU A 31 -0.35 15.82 4.55
CA GLU A 31 -0.86 14.82 3.63
C GLU A 31 0.26 14.20 2.82
N GLU A 32 1.24 15.03 2.45
CA GLU A 32 2.37 14.56 1.66
C GLU A 32 2.88 13.21 2.17
N GLU A 33 3.05 13.12 3.49
CA GLU A 33 3.52 11.88 4.11
C GLU A 33 2.35 10.99 4.51
N LEU A 34 2.67 9.76 4.90
CA LEU A 34 1.64 8.80 5.30
C LEU A 34 1.61 8.64 6.82
N ASN A 35 0.41 8.42 7.36
CA ASN A 35 0.25 8.25 8.81
C ASN A 35 -0.23 6.84 9.13
N PHE A 36 0.45 6.18 10.06
CA PHE A 36 0.10 4.83 10.47
C PHE A 36 0.58 4.54 11.88
N GLU A 37 0.27 3.34 12.37
CA GLU A 37 0.68 2.94 13.71
C GLU A 37 1.53 1.67 13.66
N LYS A 38 2.21 1.38 14.77
CA LYS A 38 3.05 0.20 14.86
C LYS A 38 2.27 -1.07 14.58
N GLY A 39 2.66 -1.78 13.52
CA GLY A 39 1.97 -3.01 13.16
C GLY A 39 0.84 -2.77 12.18
N GLU A 40 1.12 -2.00 11.13
CA GLU A 40 0.12 -1.70 10.12
C GLU A 40 0.51 -2.29 8.77
N THR A 41 -0.48 -2.64 7.97
CA THR A 41 -0.24 -3.23 6.65
C THR A 41 -0.71 -2.30 5.55
N MET A 42 0.12 -2.14 4.52
CA MET A 42 -0.22 -1.26 3.40
C MET A 42 0.10 -1.95 2.07
N GLU A 43 -0.10 -1.23 0.98
CA GLU A 43 0.16 -1.78 -0.36
C GLU A 43 0.83 -0.73 -1.24
N VAL A 44 1.96 -1.11 -1.84
CA VAL A 44 2.70 -0.21 -2.72
C VAL A 44 1.96 0.01 -4.03
N ILE A 45 1.48 1.23 -4.25
CA ILE A 45 0.76 1.56 -5.47
C ILE A 45 1.71 2.12 -6.53
N GLU A 46 2.73 2.83 -6.08
CA GLU A 46 3.70 3.43 -6.99
C GLU A 46 5.01 3.73 -6.27
N LYS A 47 6.10 3.80 -7.03
CA LYS A 47 7.41 4.07 -6.47
C LYS A 47 8.09 5.23 -7.20
N PRO A 48 8.52 6.25 -6.45
CA PRO A 48 9.20 7.43 -7.00
C PRO A 48 10.58 7.10 -7.53
N GLU A 49 11.23 8.09 -8.13
CA GLU A 49 12.56 7.91 -8.68
C GLU A 49 13.55 8.88 -8.04
N ASN A 50 13.19 10.16 -8.02
CA ASN A 50 14.04 11.19 -7.44
C ASN A 50 14.35 10.88 -5.98
N ASP A 51 13.41 10.22 -5.31
CA ASP A 51 13.58 9.86 -3.90
C ASP A 51 13.27 8.38 -3.68
N PRO A 52 14.27 7.52 -3.91
CA PRO A 52 14.12 6.08 -3.74
C PRO A 52 13.97 5.67 -2.27
N GLU A 53 14.26 6.61 -1.38
CA GLU A 53 14.16 6.35 0.06
C GLU A 53 12.70 6.40 0.51
N TRP A 54 11.85 6.95 -0.33
CA TRP A 54 10.42 7.05 -0.01
C TRP A 54 9.59 6.20 -0.96
N TRP A 55 8.45 5.71 -0.48
CA TRP A 55 7.57 4.88 -1.29
C TRP A 55 6.13 5.37 -1.18
N LYS A 56 5.36 5.15 -2.25
CA LYS A 56 3.96 5.57 -2.28
C LYS A 56 3.04 4.40 -1.95
N CYS A 57 2.35 4.50 -0.82
CA CYS A 57 1.43 3.45 -0.39
C CYS A 57 0.10 4.04 0.06
N LYS A 58 -0.86 3.17 0.35
CA LYS A 58 -2.18 3.62 0.80
C LYS A 58 -2.57 2.92 2.10
N ASN A 59 -2.89 3.72 3.11
CA ASN A 59 -3.28 3.18 4.41
C ASN A 59 -4.75 2.76 4.41
N ALA A 60 -5.25 2.36 5.57
CA ALA A 60 -6.64 1.94 5.70
C ALA A 60 -7.59 3.06 5.32
N ARG A 61 -7.19 4.29 5.63
CA ARG A 61 -8.02 5.45 5.32
C ARG A 61 -8.10 5.68 3.81
N GLY A 62 -7.39 4.85 3.06
CA GLY A 62 -7.40 4.98 1.61
C GLY A 62 -6.62 6.19 1.13
N GLN A 63 -5.82 6.76 2.03
CA GLN A 63 -5.02 7.94 1.69
C GLN A 63 -3.62 7.53 1.26
N VAL A 64 -3.13 8.18 0.21
CA VAL A 64 -1.79 7.88 -0.31
C VAL A 64 -0.80 8.97 0.09
N GLY A 65 0.44 8.57 0.32
CA GLY A 65 1.48 9.52 0.70
C GLY A 65 2.87 8.95 0.59
N LEU A 66 3.86 9.70 1.05
CA LEU A 66 5.26 9.26 1.00
C LEU A 66 5.66 8.59 2.31
N VAL A 67 5.86 7.28 2.26
CA VAL A 67 6.26 6.52 3.43
C VAL A 67 7.68 5.97 3.29
N PRO A 68 8.48 6.14 4.34
CA PRO A 68 9.87 5.68 4.36
C PRO A 68 9.98 4.16 4.40
N LYS A 69 10.62 3.59 3.38
CA LYS A 69 10.80 2.15 3.30
C LYS A 69 11.54 1.62 4.51
N ASN A 70 12.52 2.37 4.97
CA ASN A 70 13.32 1.98 6.13
C ASN A 70 12.42 1.73 7.34
N TYR A 71 11.17 2.17 7.25
CA TYR A 71 10.22 1.99 8.33
C TYR A 71 9.31 0.78 8.09
N VAL A 72 9.13 0.46 6.82
CA VAL A 72 8.28 -0.67 6.44
C VAL A 72 9.12 -1.82 5.89
N VAL A 73 8.46 -2.89 5.47
CA VAL A 73 9.15 -4.05 4.92
C VAL A 73 8.23 -4.85 4.01
N VAL A 74 8.76 -5.26 2.86
CA VAL A 74 7.98 -6.04 1.90
C VAL A 74 7.78 -7.47 2.38
N LEU A 75 6.52 -7.87 2.47
CA LEU A 75 6.18 -9.22 2.93
C LEU A 75 5.85 -10.12 1.74
N SER A 76 4.83 -9.76 0.98
CA SER A 76 4.41 -10.53 -0.19
C SER A 76 4.38 -9.67 -1.44
N ASP A 77 4.12 -10.29 -2.58
CA ASP A 77 4.06 -9.57 -3.84
C ASP A 77 2.67 -9.70 -4.47
N GLY A 78 1.72 -8.97 -3.92
CA GLY A 78 0.36 -9.00 -4.44
C GLY A 78 -0.68 -8.99 -3.33
N PRO A 79 -1.93 -8.63 -3.69
CA PRO A 79 -3.03 -8.59 -2.74
C PRO A 79 -3.46 -9.96 -2.26
N ALA A 80 -2.78 -10.99 -2.76
CA ALA A 80 -3.08 -12.36 -2.37
C ALA A 80 -2.89 -12.57 -0.87
N LEU A 81 -3.86 -12.11 -0.09
CA LEU A 81 -3.81 -12.24 1.36
C LEU A 81 -4.64 -13.42 1.83
N HIS A 82 -4.37 -13.89 3.04
CA HIS A 82 -5.10 -15.01 3.62
C HIS A 82 -5.97 -14.57 4.78
N PRO A 83 -7.15 -14.01 4.46
CA PRO A 83 -8.10 -13.52 5.47
C PRO A 83 -8.74 -14.66 6.25
N ALA A 84 -8.68 -15.87 5.70
CA ALA A 84 -9.25 -17.05 6.35
C ALA A 84 -8.85 -17.09 7.82
N HIS A 85 -7.59 -16.81 8.10
CA HIS A 85 -7.09 -16.83 9.47
C HIS A 85 -7.65 -15.66 10.27
N SER A 86 -7.57 -14.46 9.71
CA SER A 86 -8.07 -13.26 10.37
C SER A 86 -9.59 -13.20 10.31
N GLY A 87 -10.23 -13.79 11.31
CA GLY A 87 -11.68 -13.80 11.37
C GLY A 87 -12.30 -14.37 10.11
N PRO A 88 -12.45 -15.71 10.07
CA PRO A 88 -13.03 -16.41 8.93
C PRO A 88 -14.53 -16.14 8.79
N SER A 89 -15.06 -15.30 9.66
CA SER A 89 -16.48 -14.95 9.62
C SER A 89 -16.71 -13.68 8.84
N SER A 90 -15.99 -12.61 9.21
CA SER A 90 -16.13 -11.33 8.54
C SER A 90 -14.79 -10.86 7.98
N GLY A 91 -14.76 -10.62 6.67
CA GLY A 91 -13.53 -10.17 6.03
C GLY A 91 -12.30 -10.85 6.59
N GLY A 1 -23.24 7.92 2.71
CA GLY A 1 -23.46 6.77 1.86
C GLY A 1 -22.30 5.78 1.91
N SER A 2 -22.32 4.80 1.01
CA SER A 2 -21.27 3.80 0.96
C SER A 2 -20.49 3.89 -0.35
N SER A 3 -19.17 3.77 -0.25
CA SER A 3 -18.30 3.85 -1.43
C SER A 3 -18.16 2.48 -2.08
N GLY A 4 -17.92 1.46 -1.27
CA GLY A 4 -17.76 0.12 -1.79
C GLY A 4 -16.43 -0.51 -1.40
N SER A 5 -16.41 -1.18 -0.26
CA SER A 5 -15.19 -1.82 0.23
C SER A 5 -14.73 -2.90 -0.74
N SER A 6 -15.65 -3.79 -1.11
CA SER A 6 -15.33 -4.89 -2.02
C SER A 6 -16.08 -4.72 -3.34
N GLY A 7 -15.34 -4.29 -4.36
CA GLY A 7 -15.94 -4.09 -5.68
C GLY A 7 -14.96 -4.34 -6.80
N LEU A 8 -15.28 -3.84 -7.99
CA LEU A 8 -14.42 -4.01 -9.16
C LEU A 8 -14.19 -2.68 -9.87
N SER A 9 -13.10 -2.01 -9.49
CA SER A 9 -12.75 -0.73 -10.10
C SER A 9 -11.54 -0.87 -11.01
N ASN A 10 -11.80 -1.16 -12.28
CA ASN A 10 -10.75 -1.32 -13.27
C ASN A 10 -10.07 0.01 -13.56
N GLY A 11 -8.89 0.22 -12.97
CA GLY A 11 -8.17 1.46 -13.18
C GLY A 11 -6.73 1.23 -13.57
N GLN A 12 -6.37 1.59 -14.80
CA GLN A 12 -5.02 1.41 -15.30
C GLN A 12 -4.16 2.63 -14.95
N GLY A 13 -3.40 2.51 -13.86
CA GLY A 13 -2.54 3.60 -13.44
C GLY A 13 -1.94 3.37 -12.07
N SER A 14 -2.75 2.82 -11.16
CA SER A 14 -2.30 2.56 -9.80
C SER A 14 -2.95 1.29 -9.25
N ARG A 15 -2.14 0.30 -8.93
CA ARG A 15 -2.64 -0.96 -8.38
C ARG A 15 -1.73 -1.47 -7.28
N VAL A 16 -2.14 -2.57 -6.64
CA VAL A 16 -1.36 -3.17 -5.56
C VAL A 16 -0.08 -3.81 -6.10
N LEU A 17 1.06 -3.22 -5.76
CA LEU A 17 2.34 -3.74 -6.20
C LEU A 17 2.88 -4.79 -5.23
N HIS A 18 3.12 -4.37 -4.00
CA HIS A 18 3.63 -5.28 -2.97
C HIS A 18 3.13 -4.86 -1.59
N VAL A 19 2.81 -5.86 -0.75
CA VAL A 19 2.33 -5.59 0.59
C VAL A 19 3.48 -5.44 1.57
N VAL A 20 3.52 -4.31 2.26
CA VAL A 20 4.57 -4.03 3.23
C VAL A 20 3.99 -3.77 4.62
N GLN A 21 4.75 -4.11 5.64
CA GLN A 21 4.32 -3.92 7.02
C GLN A 21 5.17 -2.87 7.72
N THR A 22 4.53 -2.06 8.55
CA THR A 22 5.23 -1.01 9.29
C THR A 22 5.79 -1.54 10.61
N LEU A 23 7.11 -1.53 10.74
CA LEU A 23 7.76 -2.00 11.95
C LEU A 23 7.67 -0.96 13.06
N TYR A 24 7.85 0.30 12.69
CA TYR A 24 7.79 1.39 13.67
C TYR A 24 6.65 2.36 13.32
N PRO A 25 6.04 2.93 14.37
CA PRO A 25 4.94 3.88 14.21
C PRO A 25 5.39 5.21 13.63
N PHE A 26 4.77 5.62 12.53
CA PHE A 26 5.12 6.88 11.87
C PHE A 26 3.87 7.68 11.51
N SER A 27 3.55 8.67 12.34
CA SER A 27 2.37 9.50 12.11
C SER A 27 2.78 10.88 11.59
N SER A 28 2.24 11.25 10.44
CA SER A 28 2.54 12.55 9.84
C SER A 28 1.38 13.51 10.01
N VAL A 29 1.52 14.72 9.46
CA VAL A 29 0.49 15.74 9.56
C VAL A 29 0.06 16.23 8.19
N THR A 30 1.02 16.24 7.26
CA THR A 30 0.74 16.68 5.89
C THR A 30 0.35 15.52 5.00
N GLU A 31 -0.12 15.83 3.79
CA GLU A 31 -0.54 14.81 2.84
C GLU A 31 0.68 14.16 2.17
N GLU A 32 1.71 14.96 1.94
CA GLU A 32 2.92 14.48 1.31
C GLU A 32 3.41 13.19 1.98
N GLU A 33 3.17 13.08 3.28
CA GLU A 33 3.59 11.90 4.04
C GLU A 33 2.38 11.07 4.44
N LEU A 34 2.64 9.87 4.95
CA LEU A 34 1.56 8.98 5.38
C LEU A 34 1.57 8.81 6.90
N ASN A 35 0.39 8.60 7.46
CA ASN A 35 0.26 8.42 8.91
C ASN A 35 -0.28 7.03 9.24
N PHE A 36 0.50 6.28 10.01
CA PHE A 36 0.10 4.93 10.40
C PHE A 36 0.61 4.60 11.80
N GLU A 37 0.30 3.39 12.27
CA GLU A 37 0.72 2.96 13.59
C GLU A 37 1.70 1.79 13.49
N LYS A 38 2.21 1.35 14.64
CA LYS A 38 3.16 0.24 14.68
C LYS A 38 2.46 -1.07 14.35
N GLY A 39 2.91 -1.72 13.29
CA GLY A 39 2.32 -2.99 12.88
C GLY A 39 1.13 -2.81 11.97
N GLU A 40 1.21 -1.83 11.07
CA GLU A 40 0.14 -1.56 10.13
C GLU A 40 0.49 -2.05 8.73
N THR A 41 -0.45 -2.77 8.11
CA THR A 41 -0.23 -3.30 6.77
C THR A 41 -0.66 -2.29 5.71
N MET A 42 0.01 -2.34 4.56
CA MET A 42 -0.30 -1.43 3.46
C MET A 42 0.06 -2.06 2.12
N GLU A 43 -0.10 -1.29 1.04
CA GLU A 43 0.21 -1.78 -0.29
C GLU A 43 0.86 -0.68 -1.13
N VAL A 44 1.92 -1.05 -1.85
CA VAL A 44 2.65 -0.10 -2.68
C VAL A 44 1.93 0.11 -4.02
N ILE A 45 1.38 1.30 -4.20
CA ILE A 45 0.66 1.63 -5.42
C ILE A 45 1.61 2.22 -6.46
N GLU A 46 2.63 2.93 -6.00
CA GLU A 46 3.60 3.54 -6.89
C GLU A 46 4.91 3.82 -6.16
N LYS A 47 6.00 3.95 -6.92
CA LYS A 47 7.31 4.22 -6.35
C LYS A 47 7.98 5.40 -7.05
N PRO A 48 8.42 6.39 -6.27
CA PRO A 48 9.08 7.59 -6.80
C PRO A 48 10.47 7.28 -7.34
N GLU A 49 11.12 8.28 -7.92
CA GLU A 49 12.45 8.12 -8.48
C GLU A 49 13.45 9.07 -7.82
N ASN A 50 13.03 10.33 -7.66
CA ASN A 50 13.89 11.33 -7.04
C ASN A 50 14.17 10.99 -5.58
N ASP A 51 13.18 10.39 -4.92
CA ASP A 51 13.33 10.00 -3.52
C ASP A 51 13.03 8.51 -3.34
N PRO A 52 14.05 7.67 -3.59
CA PRO A 52 13.92 6.22 -3.45
C PRO A 52 13.79 5.78 -2.00
N GLU A 53 14.20 6.65 -1.09
CA GLU A 53 14.13 6.35 0.34
C GLU A 53 12.68 6.32 0.82
N TRP A 54 11.78 6.77 -0.03
CA TRP A 54 10.35 6.80 0.30
C TRP A 54 9.55 5.94 -0.67
N TRP A 55 8.32 5.62 -0.29
CA TRP A 55 7.45 4.81 -1.13
C TRP A 55 6.01 5.28 -1.04
N LYS A 56 5.27 5.14 -2.13
CA LYS A 56 3.87 5.56 -2.18
C LYS A 56 2.94 4.39 -1.85
N CYS A 57 2.25 4.50 -0.73
CA CYS A 57 1.32 3.46 -0.29
C CYS A 57 -0.01 4.06 0.14
N LYS A 58 -0.99 3.19 0.40
CA LYS A 58 -2.31 3.63 0.83
C LYS A 58 -2.69 2.98 2.14
N ASN A 59 -3.06 3.81 3.12
CA ASN A 59 -3.46 3.32 4.43
C ASN A 59 -4.92 2.89 4.44
N ALA A 60 -5.41 2.51 5.62
CA ALA A 60 -6.80 2.09 5.75
C ALA A 60 -7.77 3.20 5.35
N ARG A 61 -7.36 4.45 5.58
CA ARG A 61 -8.18 5.59 5.24
C ARG A 61 -8.24 5.80 3.73
N GLY A 62 -7.53 4.94 3.00
CA GLY A 62 -7.52 5.04 1.55
C GLY A 62 -6.73 6.23 1.05
N GLN A 63 -5.95 6.83 1.95
CA GLN A 63 -5.15 8.00 1.59
C GLN A 63 -3.73 7.59 1.20
N VAL A 64 -3.22 8.18 0.14
CA VAL A 64 -1.87 7.88 -0.34
C VAL A 64 -0.88 8.96 0.07
N GLY A 65 0.36 8.57 0.31
CA GLY A 65 1.38 9.51 0.72
C GLY A 65 2.78 8.93 0.62
N LEU A 66 3.77 9.69 1.08
CA LEU A 66 5.15 9.24 1.06
C LEU A 66 5.54 8.57 2.38
N VAL A 67 5.87 7.29 2.31
CA VAL A 67 6.26 6.54 3.50
C VAL A 67 7.66 5.98 3.36
N PRO A 68 8.46 6.09 4.44
CA PRO A 68 9.84 5.60 4.46
C PRO A 68 9.91 4.07 4.44
N LYS A 69 10.60 3.53 3.45
CA LYS A 69 10.75 2.09 3.31
C LYS A 69 11.51 1.51 4.50
N ASN A 70 12.55 2.23 4.92
CA ASN A 70 13.37 1.79 6.05
C ASN A 70 12.50 1.52 7.28
N TYR A 71 11.27 2.01 7.24
CA TYR A 71 10.34 1.83 8.36
C TYR A 71 9.44 0.62 8.13
N VAL A 72 9.20 0.30 6.86
CA VAL A 72 8.36 -0.84 6.50
C VAL A 72 9.19 -1.97 5.90
N VAL A 73 8.53 -3.05 5.51
CA VAL A 73 9.20 -4.20 4.92
C VAL A 73 8.25 -4.99 4.02
N VAL A 74 8.76 -5.40 2.86
CA VAL A 74 7.96 -6.16 1.91
C VAL A 74 7.77 -7.61 2.38
N LEU A 75 6.52 -8.00 2.54
CA LEU A 75 6.20 -9.37 2.98
C LEU A 75 5.89 -10.27 1.79
N SER A 76 4.91 -9.86 0.99
CA SER A 76 4.51 -10.63 -0.18
C SER A 76 4.35 -9.73 -1.40
N ASP A 77 4.47 -10.32 -2.58
CA ASP A 77 4.34 -9.58 -3.83
C ASP A 77 2.96 -9.77 -4.45
N GLY A 78 2.10 -8.79 -4.27
CA GLY A 78 0.75 -8.87 -4.82
C GLY A 78 -0.30 -9.07 -3.75
N PRO A 79 -1.56 -8.78 -4.09
CA PRO A 79 -2.69 -8.93 -3.15
C PRO A 79 -3.00 -10.39 -2.84
N ALA A 80 -2.20 -11.28 -3.39
CA ALA A 80 -2.39 -12.72 -3.17
C ALA A 80 -3.61 -13.23 -3.92
N LEU A 81 -3.79 -12.75 -5.15
CA LEU A 81 -4.93 -13.16 -5.97
C LEU A 81 -4.45 -13.91 -7.21
N HIS A 82 -4.97 -15.13 -7.41
CA HIS A 82 -4.61 -15.94 -8.56
C HIS A 82 -5.00 -15.24 -9.86
N PRO A 83 -4.16 -15.41 -10.90
CA PRO A 83 -4.40 -14.81 -12.22
C PRO A 83 -5.59 -15.45 -12.94
N ALA A 84 -6.02 -14.83 -14.02
CA ALA A 84 -7.14 -15.34 -14.80
C ALA A 84 -6.78 -15.44 -16.28
N HIS A 85 -7.22 -16.51 -16.92
CA HIS A 85 -6.94 -16.74 -18.34
C HIS A 85 -8.23 -16.88 -19.13
N SER A 86 -8.83 -15.75 -19.48
CA SER A 86 -10.08 -15.76 -20.24
C SER A 86 -9.82 -15.53 -21.72
N GLY A 87 -9.61 -16.62 -22.46
CA GLY A 87 -9.34 -16.51 -23.88
C GLY A 87 -10.61 -16.59 -24.71
N PRO A 88 -10.94 -17.80 -25.19
CA PRO A 88 -12.14 -18.02 -26.01
C PRO A 88 -13.43 -17.88 -25.20
N SER A 89 -14.56 -17.96 -25.90
CA SER A 89 -15.86 -17.83 -25.25
C SER A 89 -16.92 -18.64 -25.99
N SER A 90 -17.93 -19.08 -25.25
CA SER A 90 -19.01 -19.88 -25.84
C SER A 90 -18.46 -20.86 -26.87
N GLY A 91 -17.34 -21.49 -26.54
CA GLY A 91 -16.73 -22.46 -27.44
C GLY A 91 -15.35 -22.88 -26.98
N GLY A 1 -22.06 2.72 8.99
CA GLY A 1 -22.39 1.37 9.39
C GLY A 1 -21.30 0.72 10.20
N SER A 2 -21.47 -0.56 10.51
CA SER A 2 -20.48 -1.29 11.30
C SER A 2 -19.19 -1.48 10.51
N SER A 3 -18.32 -0.48 10.56
CA SER A 3 -17.06 -0.53 9.84
C SER A 3 -17.24 -1.08 8.44
N GLY A 4 -18.31 -0.64 7.77
CA GLY A 4 -18.58 -1.11 6.42
C GLY A 4 -18.93 0.03 5.49
N SER A 5 -18.81 -0.22 4.18
CA SER A 5 -19.10 0.79 3.17
C SER A 5 -18.03 1.88 3.17
N SER A 6 -16.78 1.46 3.29
CA SER A 6 -15.66 2.40 3.31
C SER A 6 -15.20 2.73 1.89
N GLY A 7 -14.79 1.69 1.15
CA GLY A 7 -14.33 1.90 -0.21
C GLY A 7 -14.14 0.59 -0.95
N LEU A 8 -12.89 0.14 -1.04
CA LEU A 8 -12.58 -1.11 -1.73
C LEU A 8 -12.91 -1.02 -3.21
N SER A 9 -12.55 0.12 -3.82
CA SER A 9 -12.82 0.34 -5.24
C SER A 9 -11.52 0.55 -6.00
N ASN A 10 -11.46 0.00 -7.21
CA ASN A 10 -10.28 0.13 -8.05
C ASN A 10 -9.80 1.57 -8.12
N GLY A 11 -8.65 1.78 -8.74
CA GLY A 11 -8.10 3.12 -8.85
C GLY A 11 -7.88 3.54 -10.30
N GLN A 12 -7.11 4.60 -10.49
CA GLN A 12 -6.82 5.10 -11.83
C GLN A 12 -5.37 4.83 -12.22
N GLY A 13 -5.16 3.78 -13.02
CA GLY A 13 -3.82 3.43 -13.45
C GLY A 13 -2.89 3.18 -12.29
N SER A 14 -3.31 2.32 -11.37
CA SER A 14 -2.50 1.99 -10.20
C SER A 14 -2.99 0.70 -9.54
N ARG A 15 -2.12 -0.30 -9.48
CA ARG A 15 -2.45 -1.58 -8.89
C ARG A 15 -1.51 -1.92 -7.74
N VAL A 16 -1.78 -3.02 -7.06
CA VAL A 16 -0.95 -3.45 -5.93
C VAL A 16 0.40 -3.96 -6.41
N LEU A 17 1.46 -3.29 -6.00
CA LEU A 17 2.82 -3.68 -6.39
C LEU A 17 3.38 -4.71 -5.41
N HIS A 18 3.48 -4.31 -4.14
CA HIS A 18 4.02 -5.19 -3.11
C HIS A 18 3.43 -4.83 -1.74
N VAL A 19 3.03 -5.85 -1.00
CA VAL A 19 2.45 -5.65 0.33
C VAL A 19 3.55 -5.50 1.38
N VAL A 20 3.54 -4.38 2.08
CA VAL A 20 4.53 -4.12 3.13
C VAL A 20 3.86 -3.90 4.48
N GLN A 21 4.65 -3.93 5.54
CA GLN A 21 4.13 -3.72 6.89
C GLN A 21 4.92 -2.62 7.61
N THR A 22 4.32 -2.09 8.67
CA THR A 22 4.95 -1.02 9.45
C THR A 22 5.51 -1.55 10.76
N LEU A 23 6.83 -1.55 10.89
CA LEU A 23 7.48 -2.04 12.10
C LEU A 23 7.35 -1.03 13.24
N TYR A 24 7.48 0.25 12.90
CA TYR A 24 7.37 1.31 13.89
C TYR A 24 6.30 2.33 13.49
N PRO A 25 5.64 2.92 14.50
CA PRO A 25 4.59 3.92 14.27
C PRO A 25 5.14 5.23 13.71
N PHE A 26 4.51 5.72 12.65
CA PHE A 26 4.93 6.97 12.03
C PHE A 26 3.72 7.81 11.61
N SER A 27 3.65 9.02 12.16
CA SER A 27 2.54 9.92 11.84
C SER A 27 2.99 11.04 10.91
N SER A 28 2.22 11.26 9.85
CA SER A 28 2.55 12.30 8.88
C SER A 28 1.93 13.63 9.28
N VAL A 29 2.77 14.58 9.69
CA VAL A 29 2.31 15.90 10.09
C VAL A 29 1.53 16.58 8.97
N THR A 30 1.71 16.09 7.75
CA THR A 30 1.03 16.65 6.60
C THR A 30 0.42 15.55 5.73
N GLU A 31 -0.21 15.96 4.63
CA GLU A 31 -0.84 15.01 3.72
C GLU A 31 0.21 14.27 2.88
N GLU A 32 1.20 15.02 2.40
CA GLU A 32 2.26 14.44 1.59
C GLU A 32 2.70 13.09 2.15
N GLU A 33 3.00 13.06 3.45
CA GLU A 33 3.44 11.83 4.10
C GLU A 33 2.24 10.98 4.50
N LEU A 34 2.51 9.75 4.92
CA LEU A 34 1.45 8.83 5.33
C LEU A 34 1.42 8.69 6.85
N ASN A 35 0.22 8.53 7.39
CA ASN A 35 0.05 8.38 8.84
C ASN A 35 -0.45 6.98 9.18
N PHE A 36 0.35 6.25 9.95
CA PHE A 36 -0.02 4.89 10.36
C PHE A 36 0.45 4.62 11.79
N GLU A 37 0.27 3.37 12.23
CA GLU A 37 0.66 2.97 13.56
C GLU A 37 1.50 1.69 13.54
N LYS A 38 2.00 1.29 14.69
CA LYS A 38 2.81 0.08 14.80
C LYS A 38 2.01 -1.15 14.41
N GLY A 39 2.57 -1.95 13.50
CA GLY A 39 1.88 -3.16 13.06
C GLY A 39 0.74 -2.85 12.11
N GLU A 40 1.02 -2.03 11.10
CA GLU A 40 0.00 -1.67 10.11
C GLU A 40 0.36 -2.21 8.74
N THR A 41 -0.64 -2.74 8.03
CA THR A 41 -0.41 -3.29 6.69
C THR A 41 -0.82 -2.30 5.62
N MET A 42 -0.12 -2.33 4.49
CA MET A 42 -0.41 -1.43 3.39
C MET A 42 -0.02 -2.06 2.05
N GLU A 43 -0.16 -1.29 0.98
CA GLU A 43 0.17 -1.78 -0.36
C GLU A 43 0.82 -0.69 -1.20
N VAL A 44 1.96 -1.01 -1.80
CA VAL A 44 2.67 -0.05 -2.64
C VAL A 44 1.97 0.16 -3.97
N ILE A 45 1.41 1.35 -4.16
CA ILE A 45 0.71 1.68 -5.39
C ILE A 45 1.66 2.23 -6.43
N GLU A 46 2.71 2.91 -5.97
CA GLU A 46 3.70 3.49 -6.87
C GLU A 46 5.01 3.76 -6.14
N LYS A 47 6.08 3.94 -6.90
CA LYS A 47 7.39 4.21 -6.32
C LYS A 47 8.07 5.38 -7.02
N PRO A 48 8.22 6.51 -6.30
CA PRO A 48 8.84 7.72 -6.83
C PRO A 48 10.34 7.54 -7.04
N GLU A 49 10.77 7.65 -8.30
CA GLU A 49 12.18 7.51 -8.64
C GLU A 49 13.02 8.56 -7.91
N ASN A 50 12.68 9.82 -8.12
CA ASN A 50 13.41 10.93 -7.50
C ASN A 50 13.78 10.58 -6.06
N ASP A 51 12.78 10.21 -5.27
CA ASP A 51 12.99 9.85 -3.87
C ASP A 51 12.86 8.35 -3.67
N PRO A 52 13.97 7.62 -3.91
CA PRO A 52 14.00 6.17 -3.76
C PRO A 52 13.91 5.73 -2.30
N GLU A 53 14.22 6.65 -1.39
CA GLU A 53 14.17 6.36 0.04
C GLU A 53 12.73 6.39 0.55
N TRP A 54 11.81 6.81 -0.31
CA TRP A 54 10.40 6.89 0.06
C TRP A 54 9.55 6.04 -0.87
N TRP A 55 8.40 5.58 -0.38
CA TRP A 55 7.50 4.76 -1.17
C TRP A 55 6.06 5.26 -1.06
N LYS A 56 5.28 5.06 -2.11
CA LYS A 56 3.90 5.49 -2.14
C LYS A 56 2.96 4.33 -1.76
N CYS A 57 2.30 4.46 -0.63
CA CYS A 57 1.37 3.43 -0.16
C CYS A 57 0.05 4.05 0.29
N LYS A 58 -0.96 3.20 0.49
CA LYS A 58 -2.27 3.65 0.92
C LYS A 58 -2.65 3.04 2.26
N ASN A 59 -2.99 3.89 3.22
CA ASN A 59 -3.38 3.42 4.55
C ASN A 59 -4.85 3.00 4.57
N ALA A 60 -5.32 2.58 5.73
CA ALA A 60 -6.71 2.15 5.89
C ALA A 60 -7.67 3.26 5.48
N ARG A 61 -7.24 4.51 5.66
CA ARG A 61 -8.06 5.65 5.30
C ARG A 61 -8.12 5.85 3.79
N GLY A 62 -7.45 4.95 3.06
CA GLY A 62 -7.44 5.03 1.61
C GLY A 62 -6.66 6.23 1.11
N GLN A 63 -5.84 6.81 1.99
CA GLN A 63 -5.03 7.97 1.63
C GLN A 63 -3.63 7.55 1.20
N VAL A 64 -3.11 8.21 0.17
CA VAL A 64 -1.77 7.91 -0.34
C VAL A 64 -0.78 8.98 0.06
N GLY A 65 0.48 8.59 0.25
CA GLY A 65 1.51 9.53 0.63
C GLY A 65 2.90 8.94 0.54
N LEU A 66 3.90 9.69 1.01
CA LEU A 66 5.29 9.22 0.97
C LEU A 66 5.68 8.61 2.31
N VAL A 67 5.86 7.29 2.31
CA VAL A 67 6.25 6.58 3.53
C VAL A 67 7.67 6.03 3.41
N PRO A 68 8.44 6.16 4.49
CA PRO A 68 9.83 5.69 4.55
C PRO A 68 9.92 4.17 4.54
N LYS A 69 10.60 3.62 3.53
CA LYS A 69 10.75 2.18 3.41
C LYS A 69 11.51 1.62 4.62
N ASN A 70 12.50 2.37 5.09
CA ASN A 70 13.30 1.95 6.23
C ASN A 70 12.41 1.62 7.43
N TYR A 71 11.21 2.20 7.45
CA TYR A 71 10.27 1.96 8.54
C TYR A 71 9.37 0.77 8.22
N VAL A 72 9.17 0.50 6.94
CA VAL A 72 8.34 -0.61 6.50
C VAL A 72 9.17 -1.76 5.95
N VAL A 73 8.51 -2.81 5.50
CA VAL A 73 9.20 -3.97 4.94
C VAL A 73 8.28 -4.75 4.01
N VAL A 74 8.85 -5.26 2.93
CA VAL A 74 8.09 -6.03 1.95
C VAL A 74 7.88 -7.47 2.43
N LEU A 75 6.62 -7.84 2.60
CA LEU A 75 6.28 -9.20 3.05
C LEU A 75 6.22 -10.16 1.89
N SER A 76 5.37 -9.84 0.91
CA SER A 76 5.20 -10.68 -0.27
C SER A 76 5.35 -9.86 -1.55
N ASP A 77 5.55 -10.55 -2.67
CA ASP A 77 5.70 -9.88 -3.96
C ASP A 77 4.34 -9.73 -4.65
N GLY A 78 3.61 -8.68 -4.28
CA GLY A 78 2.31 -8.45 -4.87
C GLY A 78 1.17 -8.94 -4.00
N PRO A 79 -0.05 -8.88 -4.52
CA PRO A 79 -1.25 -9.30 -3.80
C PRO A 79 -1.30 -10.82 -3.62
N ALA A 80 -0.26 -11.50 -4.10
CA ALA A 80 -0.18 -12.95 -3.98
C ALA A 80 -1.46 -13.62 -4.48
N LEU A 81 -1.92 -13.18 -5.65
CA LEU A 81 -3.14 -13.73 -6.24
C LEU A 81 -2.98 -13.92 -7.74
N HIS A 82 -3.74 -14.86 -8.30
CA HIS A 82 -3.67 -15.16 -9.73
C HIS A 82 -3.45 -13.87 -10.53
N PRO A 83 -2.61 -13.97 -11.58
CA PRO A 83 -2.30 -12.83 -12.44
C PRO A 83 -3.48 -12.40 -13.30
N ALA A 84 -4.55 -13.20 -13.26
CA ALA A 84 -5.76 -12.90 -14.02
C ALA A 84 -6.05 -11.41 -14.04
N HIS A 85 -6.65 -10.94 -15.13
CA HIS A 85 -6.98 -9.52 -15.27
C HIS A 85 -8.33 -9.21 -14.63
N SER A 86 -9.37 -9.90 -15.09
CA SER A 86 -10.71 -9.70 -14.56
C SER A 86 -10.92 -10.47 -13.27
N GLY A 87 -12.09 -10.31 -12.66
CA GLY A 87 -12.38 -10.99 -11.42
C GLY A 87 -13.50 -12.02 -11.56
N PRO A 88 -14.73 -11.59 -11.23
CA PRO A 88 -15.90 -12.46 -11.32
C PRO A 88 -16.30 -12.77 -12.76
N SER A 89 -17.26 -13.67 -12.93
CA SER A 89 -17.72 -14.06 -14.26
C SER A 89 -19.05 -13.38 -14.59
N SER A 90 -19.97 -13.40 -13.64
CA SER A 90 -21.28 -12.79 -13.84
C SER A 90 -21.18 -11.27 -13.89
N GLY A 91 -22.07 -10.65 -14.67
CA GLY A 91 -22.06 -9.21 -14.80
C GLY A 91 -21.97 -8.76 -16.24
N GLY A 1 -18.44 0.93 6.19
CA GLY A 1 -17.43 -0.05 5.84
C GLY A 1 -16.88 -0.77 7.06
N SER A 2 -17.34 -2.00 7.27
CA SER A 2 -16.90 -2.79 8.41
C SER A 2 -15.67 -3.62 8.05
N SER A 3 -15.73 -4.28 6.89
CA SER A 3 -14.63 -5.11 6.43
C SER A 3 -13.63 -4.30 5.62
N GLY A 4 -14.15 -3.50 4.69
CA GLY A 4 -13.30 -2.67 3.86
C GLY A 4 -14.01 -2.16 2.62
N SER A 5 -14.89 -1.17 2.80
CA SER A 5 -15.63 -0.60 1.70
C SER A 5 -14.73 -0.31 0.51
N SER A 6 -15.03 -0.94 -0.63
CA SER A 6 -14.25 -0.77 -1.84
C SER A 6 -14.59 0.55 -2.52
N GLY A 7 -13.67 1.05 -3.35
CA GLY A 7 -13.90 2.29 -4.06
C GLY A 7 -14.17 2.08 -5.53
N LEU A 8 -15.17 2.79 -6.05
CA LEU A 8 -15.53 2.68 -7.45
C LEU A 8 -14.97 3.84 -8.27
N SER A 9 -13.72 4.19 -7.99
CA SER A 9 -13.06 5.29 -8.68
C SER A 9 -11.59 5.37 -8.33
N ASN A 10 -10.79 5.95 -9.21
CA ASN A 10 -9.35 6.08 -8.99
C ASN A 10 -8.77 7.23 -9.81
N GLY A 11 -7.60 7.69 -9.42
CA GLY A 11 -6.95 8.79 -10.12
C GLY A 11 -6.12 8.31 -11.30
N GLN A 12 -4.82 8.54 -11.24
CA GLN A 12 -3.92 8.13 -12.31
C GLN A 12 -4.16 6.68 -12.70
N GLY A 13 -4.08 5.79 -11.72
CA GLY A 13 -4.29 4.37 -11.98
C GLY A 13 -3.09 3.52 -11.60
N SER A 14 -3.31 2.53 -10.75
CA SER A 14 -2.23 1.65 -10.30
C SER A 14 -2.80 0.41 -9.62
N ARG A 15 -1.96 -0.61 -9.46
CA ARG A 15 -2.37 -1.85 -8.82
C ARG A 15 -1.50 -2.15 -7.61
N VAL A 16 -1.86 -3.20 -6.87
CA VAL A 16 -1.11 -3.60 -5.69
C VAL A 16 0.25 -4.19 -6.07
N LEU A 17 1.29 -3.38 -6.00
CA LEU A 17 2.63 -3.81 -6.33
C LEU A 17 3.12 -4.88 -5.34
N HIS A 18 3.24 -4.49 -4.07
CA HIS A 18 3.69 -5.39 -3.04
C HIS A 18 3.13 -5.00 -1.68
N VAL A 19 2.82 -5.99 -0.85
CA VAL A 19 2.27 -5.74 0.48
C VAL A 19 3.38 -5.60 1.51
N VAL A 20 3.46 -4.43 2.12
CA VAL A 20 4.47 -4.15 3.14
C VAL A 20 3.83 -3.88 4.50
N GLN A 21 4.61 -4.04 5.55
CA GLN A 21 4.12 -3.82 6.91
C GLN A 21 4.94 -2.73 7.61
N THR A 22 4.33 -2.09 8.60
CA THR A 22 5.00 -1.03 9.34
C THR A 22 5.57 -1.56 10.65
N LEU A 23 6.89 -1.48 10.79
CA LEU A 23 7.57 -1.94 11.99
C LEU A 23 7.44 -0.93 13.13
N TYR A 24 7.58 0.34 12.78
CA TYR A 24 7.48 1.42 13.76
C TYR A 24 6.38 2.41 13.37
N PRO A 25 5.68 2.94 14.39
CA PRO A 25 4.60 3.91 14.18
C PRO A 25 5.11 5.26 13.70
N PHE A 26 4.55 5.74 12.59
CA PHE A 26 4.95 7.02 12.03
C PHE A 26 3.72 7.89 11.73
N SER A 27 3.79 9.15 12.15
CA SER A 27 2.69 10.08 11.93
C SER A 27 3.09 11.18 10.95
N SER A 28 2.34 11.31 9.86
CA SER A 28 2.62 12.32 8.85
C SER A 28 2.08 13.67 9.27
N VAL A 29 2.97 14.57 9.67
CA VAL A 29 2.57 15.91 10.09
C VAL A 29 1.82 16.64 8.99
N THR A 30 1.84 16.07 7.78
CA THR A 30 1.15 16.66 6.65
C THR A 30 0.52 15.59 5.78
N GLU A 31 -0.11 16.02 4.68
CA GLU A 31 -0.76 15.09 3.77
C GLU A 31 0.27 14.36 2.89
N GLU A 32 1.25 15.11 2.42
CA GLU A 32 2.30 14.53 1.58
C GLU A 32 2.79 13.20 2.15
N GLU A 33 2.96 13.15 3.45
CA GLU A 33 3.41 11.94 4.12
C GLU A 33 2.23 11.05 4.51
N LEU A 34 2.52 9.81 4.87
CA LEU A 34 1.49 8.86 5.27
C LEU A 34 1.45 8.70 6.78
N ASN A 35 0.24 8.51 7.32
CA ASN A 35 0.06 8.34 8.76
C ASN A 35 -0.38 6.93 9.09
N PHE A 36 0.31 6.31 10.04
CA PHE A 36 -0.02 4.94 10.46
C PHE A 36 0.55 4.65 11.85
N GLU A 37 0.32 3.43 12.33
CA GLU A 37 0.80 3.02 13.64
C GLU A 37 1.67 1.77 13.54
N LYS A 38 2.08 1.26 14.68
CA LYS A 38 2.91 0.06 14.73
C LYS A 38 2.10 -1.19 14.39
N GLY A 39 2.48 -1.87 13.32
CA GLY A 39 1.77 -3.07 12.91
C GLY A 39 0.68 -2.78 11.91
N GLU A 40 0.95 -1.88 10.96
CA GLU A 40 -0.02 -1.52 9.95
C GLU A 40 0.34 -2.15 8.60
N THR A 41 -0.67 -2.67 7.91
CA THR A 41 -0.46 -3.30 6.61
C THR A 41 -0.89 -2.38 5.48
N MET A 42 0.05 -2.05 4.59
CA MET A 42 -0.23 -1.17 3.47
C MET A 42 0.07 -1.87 2.14
N GLU A 43 -0.17 -1.18 1.04
CA GLU A 43 0.08 -1.74 -0.28
C GLU A 43 0.79 -0.72 -1.17
N VAL A 44 1.92 -1.14 -1.74
CA VAL A 44 2.70 -0.26 -2.62
C VAL A 44 1.99 -0.05 -3.95
N ILE A 45 1.58 1.20 -4.19
CA ILE A 45 0.89 1.54 -5.43
C ILE A 45 1.86 2.12 -6.45
N GLU A 46 2.80 2.92 -5.99
CA GLU A 46 3.78 3.53 -6.86
C GLU A 46 5.08 3.83 -6.11
N LYS A 47 6.18 3.95 -6.85
CA LYS A 47 7.49 4.23 -6.25
C LYS A 47 8.14 5.43 -6.93
N PRO A 48 8.45 6.47 -6.15
CA PRO A 48 9.09 7.69 -6.65
C PRO A 48 10.54 7.45 -7.06
N GLU A 49 10.92 7.97 -8.22
CA GLU A 49 12.28 7.82 -8.72
C GLU A 49 13.23 8.80 -8.04
N ASN A 50 12.87 10.08 -8.08
CA ASN A 50 13.71 11.11 -7.46
C ASN A 50 14.08 10.72 -6.03
N ASP A 51 13.08 10.47 -5.21
CA ASP A 51 13.30 10.09 -3.81
C ASP A 51 12.98 8.62 -3.60
N PRO A 52 13.97 7.74 -3.87
CA PRO A 52 13.81 6.29 -3.70
C PRO A 52 13.71 5.88 -2.24
N GLU A 53 14.17 6.76 -1.35
CA GLU A 53 14.13 6.48 0.07
C GLU A 53 12.70 6.43 0.58
N TRP A 54 11.79 6.99 -0.20
CA TRP A 54 10.37 7.00 0.17
C TRP A 54 9.54 6.18 -0.80
N TRP A 55 8.42 5.66 -0.32
CA TRP A 55 7.54 4.84 -1.15
C TRP A 55 6.09 5.33 -1.05
N LYS A 56 5.34 5.16 -2.13
CA LYS A 56 3.94 5.59 -2.16
C LYS A 56 3.02 4.41 -1.85
N CYS A 57 2.33 4.49 -0.72
CA CYS A 57 1.41 3.43 -0.31
C CYS A 57 0.08 4.01 0.15
N LYS A 58 -0.91 3.14 0.34
CA LYS A 58 -2.23 3.58 0.79
C LYS A 58 -2.60 2.90 2.11
N ASN A 59 -2.99 3.71 3.09
CA ASN A 59 -3.38 3.19 4.40
C ASN A 59 -4.83 2.73 4.39
N ALA A 60 -5.29 2.26 5.55
CA ALA A 60 -6.67 1.79 5.67
C ALA A 60 -7.66 2.90 5.36
N ARG A 61 -7.27 4.14 5.64
CA ARG A 61 -8.12 5.29 5.39
C ARG A 61 -8.25 5.57 3.89
N GLY A 62 -7.58 4.74 3.09
CA GLY A 62 -7.63 4.91 1.65
C GLY A 62 -6.91 6.16 1.18
N GLN A 63 -5.88 6.56 1.93
CA GLN A 63 -5.11 7.75 1.59
C GLN A 63 -3.69 7.37 1.18
N VAL A 64 -3.18 8.05 0.15
CA VAL A 64 -1.83 7.79 -0.35
C VAL A 64 -0.87 8.89 0.08
N GLY A 65 0.39 8.50 0.31
CA GLY A 65 1.39 9.46 0.74
C GLY A 65 2.80 8.91 0.64
N LEU A 66 3.77 9.67 1.13
CA LEU A 66 5.17 9.25 1.09
C LEU A 66 5.56 8.58 2.41
N VAL A 67 5.77 7.28 2.36
CA VAL A 67 6.16 6.51 3.54
C VAL A 67 7.59 6.01 3.42
N PRO A 68 8.36 6.15 4.51
CA PRO A 68 9.76 5.72 4.55
C PRO A 68 9.90 4.20 4.54
N LYS A 69 10.57 3.66 3.53
CA LYS A 69 10.77 2.23 3.40
C LYS A 69 11.54 1.68 4.61
N ASN A 70 12.46 2.49 5.13
CA ASN A 70 13.27 2.09 6.27
C ASN A 70 12.39 1.78 7.47
N TYR A 71 11.12 2.18 7.40
CA TYR A 71 10.18 1.95 8.49
C TYR A 71 9.28 0.75 8.18
N VAL A 72 9.11 0.46 6.89
CA VAL A 72 8.27 -0.65 6.47
C VAL A 72 9.12 -1.79 5.91
N VAL A 73 8.46 -2.84 5.44
CA VAL A 73 9.15 -3.99 4.87
C VAL A 73 8.24 -4.78 3.95
N VAL A 74 8.80 -5.29 2.86
CA VAL A 74 8.03 -6.07 1.88
C VAL A 74 7.82 -7.50 2.39
N LEU A 75 6.57 -7.87 2.57
CA LEU A 75 6.23 -9.21 3.04
C LEU A 75 6.05 -10.17 1.87
N SER A 76 5.09 -9.88 1.01
CA SER A 76 4.82 -10.71 -0.15
C SER A 76 4.77 -9.88 -1.43
N ASP A 77 4.66 -10.55 -2.57
CA ASP A 77 4.61 -9.88 -3.86
C ASP A 77 3.20 -9.88 -4.42
N GLY A 78 2.65 -8.69 -4.65
CA GLY A 78 1.31 -8.57 -5.18
C GLY A 78 0.25 -8.72 -4.11
N PRO A 79 -1.03 -8.73 -4.53
CA PRO A 79 -2.17 -8.86 -3.61
C PRO A 79 -2.26 -10.25 -3.00
N ALA A 80 -1.73 -10.40 -1.79
CA ALA A 80 -1.76 -11.68 -1.08
C ALA A 80 -3.10 -12.38 -1.28
N LEU A 81 -3.14 -13.32 -2.23
CA LEU A 81 -4.36 -14.07 -2.51
C LEU A 81 -5.59 -13.18 -2.31
N HIS A 82 -5.51 -11.94 -2.77
CA HIS A 82 -6.61 -11.00 -2.65
C HIS A 82 -7.07 -10.51 -4.03
N PRO A 83 -7.95 -11.29 -4.66
CA PRO A 83 -8.48 -10.95 -6.00
C PRO A 83 -9.41 -9.74 -5.97
N ALA A 84 -9.23 -8.85 -6.93
CA ALA A 84 -10.06 -7.64 -7.00
C ALA A 84 -11.41 -7.95 -7.66
N HIS A 85 -12.29 -6.95 -7.68
CA HIS A 85 -13.61 -7.11 -8.28
C HIS A 85 -13.85 -6.06 -9.35
N SER A 86 -13.65 -4.80 -9.00
CA SER A 86 -13.86 -3.71 -9.94
C SER A 86 -12.53 -3.28 -10.57
N GLY A 87 -12.58 -2.94 -11.85
CA GLY A 87 -11.38 -2.50 -12.55
C GLY A 87 -11.15 -3.27 -13.84
N PRO A 88 -10.32 -4.32 -13.78
CA PRO A 88 -10.00 -5.15 -14.94
C PRO A 88 -11.19 -6.00 -15.38
N SER A 89 -11.80 -5.63 -16.50
CA SER A 89 -12.94 -6.36 -17.03
C SER A 89 -13.15 -6.04 -18.51
N SER A 90 -13.99 -6.84 -19.17
CA SER A 90 -14.27 -6.65 -20.58
C SER A 90 -14.76 -5.23 -20.85
N GLY A 91 -15.82 -4.83 -20.17
CA GLY A 91 -16.36 -3.49 -20.35
C GLY A 91 -16.23 -2.64 -19.10
N GLY A 1 -26.46 10.41 -8.80
CA GLY A 1 -27.88 10.48 -8.50
C GLY A 1 -28.27 9.58 -7.34
N SER A 2 -29.03 8.53 -7.65
CA SER A 2 -29.47 7.60 -6.61
C SER A 2 -28.30 6.80 -6.06
N SER A 3 -28.09 6.91 -4.75
CA SER A 3 -27.00 6.20 -4.09
C SER A 3 -27.18 4.68 -4.22
N GLY A 4 -26.51 4.10 -5.21
CA GLY A 4 -26.60 2.67 -5.42
C GLY A 4 -25.58 2.16 -6.41
N SER A 5 -24.40 1.80 -5.92
CA SER A 5 -23.33 1.30 -6.76
C SER A 5 -22.92 -0.11 -6.36
N SER A 6 -22.71 -0.96 -7.36
CA SER A 6 -22.33 -2.35 -7.10
C SER A 6 -21.08 -2.72 -7.89
N GLY A 7 -19.96 -2.83 -7.19
CA GLY A 7 -18.71 -3.18 -7.83
C GLY A 7 -17.50 -2.73 -7.03
N LEU A 8 -17.21 -1.44 -7.08
CA LEU A 8 -16.07 -0.88 -6.35
C LEU A 8 -16.46 0.41 -5.64
N SER A 9 -16.52 0.34 -4.31
CA SER A 9 -16.88 1.51 -3.50
C SER A 9 -15.85 2.61 -3.65
N ASN A 10 -14.57 2.25 -3.50
CA ASN A 10 -13.49 3.21 -3.62
C ASN A 10 -12.88 3.18 -5.02
N GLY A 11 -12.34 4.31 -5.45
CA GLY A 11 -11.72 4.38 -6.76
C GLY A 11 -10.21 4.39 -6.70
N GLN A 12 -9.65 3.49 -5.92
CA GLN A 12 -8.19 3.40 -5.76
C GLN A 12 -7.49 3.65 -7.10
N GLY A 13 -6.24 4.07 -7.03
CA GLY A 13 -5.48 4.34 -8.24
C GLY A 13 -4.73 3.12 -8.73
N SER A 14 -3.41 3.24 -8.84
CA SER A 14 -2.57 2.14 -9.31
C SER A 14 -2.96 0.83 -8.61
N ARG A 15 -2.48 -0.28 -9.16
CA ARG A 15 -2.77 -1.59 -8.59
C ARG A 15 -1.84 -1.90 -7.42
N VAL A 16 -2.04 -3.06 -6.79
CA VAL A 16 -1.22 -3.47 -5.66
C VAL A 16 0.09 -4.07 -6.12
N LEU A 17 1.20 -3.38 -5.86
CA LEU A 17 2.52 -3.85 -6.25
C LEU A 17 3.04 -4.87 -5.26
N HIS A 18 3.17 -4.46 -4.00
CA HIS A 18 3.67 -5.35 -2.95
C HIS A 18 3.13 -4.92 -1.59
N VAL A 19 2.81 -5.91 -0.75
CA VAL A 19 2.29 -5.63 0.58
C VAL A 19 3.42 -5.46 1.59
N VAL A 20 3.49 -4.28 2.21
CA VAL A 20 4.52 -3.99 3.20
C VAL A 20 3.91 -3.73 4.57
N GLN A 21 4.65 -4.05 5.61
CA GLN A 21 4.19 -3.84 6.97
C GLN A 21 5.02 -2.77 7.68
N THR A 22 4.40 -2.09 8.64
CA THR A 22 5.08 -1.04 9.38
C THR A 22 5.64 -1.57 10.70
N LEU A 23 6.97 -1.52 10.83
CA LEU A 23 7.63 -2.00 12.03
C LEU A 23 7.54 -0.97 13.15
N TYR A 24 7.65 0.31 12.80
CA TYR A 24 7.58 1.39 13.77
C TYR A 24 6.49 2.38 13.40
N PRO A 25 5.82 2.93 14.42
CA PRO A 25 4.74 3.90 14.22
C PRO A 25 5.25 5.25 13.72
N PHE A 26 4.64 5.75 12.66
CA PHE A 26 5.03 7.04 12.09
C PHE A 26 3.83 7.96 11.94
N SER A 27 3.78 9.00 12.77
CA SER A 27 2.68 9.96 12.73
C SER A 27 3.10 11.22 11.98
N SER A 28 2.61 11.36 10.75
CA SER A 28 2.93 12.51 9.92
C SER A 28 2.02 13.69 10.26
N VAL A 29 2.42 14.89 9.85
CA VAL A 29 1.64 16.09 10.11
C VAL A 29 1.00 16.61 8.83
N THR A 30 1.66 16.40 7.70
CA THR A 30 1.16 16.85 6.41
C THR A 30 0.54 15.69 5.64
N GLU A 31 -0.22 16.03 4.60
CA GLU A 31 -0.88 15.02 3.77
C GLU A 31 0.14 14.29 2.90
N GLU A 32 1.06 15.04 2.32
CA GLU A 32 2.09 14.47 1.46
C GLU A 32 2.57 13.13 2.00
N GLU A 33 2.91 13.10 3.28
CA GLU A 33 3.39 11.88 3.92
C GLU A 33 2.21 10.99 4.33
N LEU A 34 2.53 9.75 4.70
CA LEU A 34 1.50 8.80 5.11
C LEU A 34 1.45 8.67 6.63
N ASN A 35 0.24 8.49 7.17
CA ASN A 35 0.06 8.35 8.61
C ASN A 35 -0.35 6.93 8.96
N PHE A 36 0.31 6.37 9.98
CA PHE A 36 0.01 5.01 10.43
C PHE A 36 0.61 4.75 11.81
N GLU A 37 0.47 3.52 12.28
CA GLU A 37 1.00 3.15 13.59
C GLU A 37 1.79 1.85 13.50
N LYS A 38 2.23 1.35 14.66
CA LYS A 38 3.01 0.12 14.72
C LYS A 38 2.13 -1.09 14.37
N GLY A 39 2.55 -1.83 13.34
CA GLY A 39 1.78 -2.99 12.92
C GLY A 39 0.68 -2.65 11.95
N GLU A 40 1.00 -1.84 10.95
CA GLU A 40 0.02 -1.43 9.95
C GLU A 40 0.36 -2.02 8.58
N THR A 41 -0.63 -2.63 7.95
CA THR A 41 -0.43 -3.24 6.63
C THR A 41 -0.86 -2.28 5.52
N MET A 42 0.01 -2.12 4.53
CA MET A 42 -0.27 -1.24 3.40
C MET A 42 0.04 -1.91 2.08
N GLU A 43 -0.15 -1.19 0.98
CA GLU A 43 0.11 -1.74 -0.35
C GLU A 43 0.78 -0.70 -1.24
N VAL A 44 1.92 -1.06 -1.82
CA VAL A 44 2.66 -0.16 -2.70
C VAL A 44 1.90 0.07 -4.00
N ILE A 45 1.41 1.29 -4.19
CA ILE A 45 0.67 1.64 -5.39
C ILE A 45 1.60 2.20 -6.47
N GLU A 46 2.69 2.81 -6.04
CA GLU A 46 3.67 3.38 -6.96
C GLU A 46 5.00 3.66 -6.26
N LYS A 47 6.07 3.77 -7.03
CA LYS A 47 7.39 4.03 -6.49
C LYS A 47 8.03 5.25 -7.17
N PRO A 48 8.45 6.22 -6.34
CA PRO A 48 9.08 7.45 -6.84
C PRO A 48 10.47 7.19 -7.41
N GLU A 49 11.01 8.19 -8.10
CA GLU A 49 12.34 8.07 -8.70
C GLU A 49 13.31 9.06 -8.07
N ASN A 50 12.82 10.26 -7.76
CA ASN A 50 13.64 11.29 -7.15
C ASN A 50 13.95 10.96 -5.70
N ASP A 51 13.02 10.29 -5.05
CA ASP A 51 13.19 9.90 -3.65
C ASP A 51 13.00 8.40 -3.47
N PRO A 52 14.09 7.64 -3.64
CA PRO A 52 14.06 6.18 -3.50
C PRO A 52 13.85 5.74 -2.05
N GLU A 53 14.30 6.57 -1.12
CA GLU A 53 14.17 6.27 0.31
C GLU A 53 12.71 6.31 0.73
N TRP A 54 11.85 6.83 -0.13
CA TRP A 54 10.43 6.92 0.16
C TRP A 54 9.62 6.10 -0.83
N TRP A 55 8.44 5.66 -0.40
CA TRP A 55 7.57 4.85 -1.25
C TRP A 55 6.12 5.33 -1.16
N LYS A 56 5.37 5.12 -2.24
CA LYS A 56 3.97 5.53 -2.27
C LYS A 56 3.05 4.36 -1.95
N CYS A 57 2.36 4.44 -0.83
CA CYS A 57 1.44 3.39 -0.41
C CYS A 57 0.08 3.97 -0.01
N LYS A 58 -0.86 3.09 0.31
CA LYS A 58 -2.21 3.51 0.70
C LYS A 58 -2.62 2.84 2.00
N ASN A 59 -2.97 3.65 3.00
CA ASN A 59 -3.38 3.14 4.29
C ASN A 59 -4.85 2.72 4.27
N ALA A 60 -5.34 2.25 5.41
CA ALA A 60 -6.73 1.81 5.51
C ALA A 60 -7.69 2.94 5.16
N ARG A 61 -7.30 4.17 5.49
CA ARG A 61 -8.13 5.33 5.21
C ARG A 61 -8.23 5.59 3.70
N GLY A 62 -7.50 4.78 2.93
CA GLY A 62 -7.51 4.93 1.48
C GLY A 62 -6.74 6.16 1.02
N GLN A 63 -5.89 6.69 1.89
CA GLN A 63 -5.09 7.86 1.57
C GLN A 63 -3.68 7.48 1.14
N VAL A 64 -3.20 8.10 0.08
CA VAL A 64 -1.86 7.81 -0.42
C VAL A 64 -0.87 8.90 -0.02
N GLY A 65 0.37 8.52 0.22
CA GLY A 65 1.39 9.47 0.61
C GLY A 65 2.79 8.88 0.57
N LEU A 66 3.77 9.69 0.95
CA LEU A 66 5.16 9.25 0.96
C LEU A 66 5.51 8.57 2.28
N VAL A 67 5.91 7.31 2.22
CA VAL A 67 6.27 6.56 3.41
C VAL A 67 7.69 6.01 3.30
N PRO A 68 8.46 6.12 4.41
CA PRO A 68 9.84 5.65 4.46
C PRO A 68 9.94 4.13 4.43
N LYS A 69 10.62 3.60 3.41
CA LYS A 69 10.79 2.16 3.27
C LYS A 69 11.56 1.58 4.44
N ASN A 70 12.50 2.37 4.97
CA ASN A 70 13.31 1.94 6.10
C ASN A 70 12.45 1.62 7.32
N TYR A 71 11.21 2.11 7.29
CA TYR A 71 10.29 1.88 8.39
C TYR A 71 9.41 0.67 8.12
N VAL A 72 9.17 0.39 6.84
CA VAL A 72 8.35 -0.75 6.44
C VAL A 72 9.21 -1.88 5.90
N VAL A 73 8.56 -2.95 5.44
CA VAL A 73 9.26 -4.10 4.89
C VAL A 73 8.34 -4.93 3.99
N VAL A 74 8.84 -5.28 2.81
CA VAL A 74 8.06 -6.08 1.86
C VAL A 74 7.83 -7.48 2.39
N LEU A 75 6.57 -7.84 2.60
CA LEU A 75 6.22 -9.17 3.09
C LEU A 75 5.94 -10.12 1.93
N SER A 76 4.95 -9.78 1.12
CA SER A 76 4.58 -10.62 -0.02
C SER A 76 4.78 -9.86 -1.34
N ASP A 77 5.20 -10.58 -2.37
CA ASP A 77 5.44 -9.98 -3.68
C ASP A 77 4.13 -9.87 -4.46
N GLY A 78 3.35 -8.84 -4.16
CA GLY A 78 2.09 -8.63 -4.85
C GLY A 78 0.92 -9.27 -4.12
N PRO A 79 -0.30 -9.00 -4.60
CA PRO A 79 -1.53 -9.56 -4.00
C PRO A 79 -1.66 -11.05 -4.24
N ALA A 80 -0.68 -11.63 -4.93
CA ALA A 80 -0.69 -13.06 -5.22
C ALA A 80 -1.72 -13.40 -6.30
N LEU A 81 -1.71 -12.62 -7.37
CA LEU A 81 -2.64 -12.83 -8.48
C LEU A 81 -1.89 -12.85 -9.82
N HIS A 82 -2.66 -12.95 -10.90
CA HIS A 82 -2.07 -12.97 -12.25
C HIS A 82 -2.71 -11.90 -13.13
N PRO A 83 -2.49 -10.63 -12.77
CA PRO A 83 -3.02 -9.49 -13.53
C PRO A 83 -2.36 -9.33 -14.89
N ALA A 84 -1.04 -9.32 -14.90
CA ALA A 84 -0.28 -9.18 -16.15
C ALA A 84 1.21 -9.40 -15.90
N HIS A 85 1.93 -9.74 -16.97
CA HIS A 85 3.35 -9.99 -16.89
C HIS A 85 4.11 -8.69 -16.61
N SER A 86 3.81 -7.66 -17.40
CA SER A 86 4.46 -6.36 -17.24
C SER A 86 3.52 -5.37 -16.54
N GLY A 87 4.08 -4.23 -16.15
CA GLY A 87 3.30 -3.21 -15.46
C GLY A 87 2.88 -2.09 -16.39
N PRO A 88 2.17 -1.09 -15.84
CA PRO A 88 1.70 0.07 -16.61
C PRO A 88 2.84 0.97 -17.05
N SER A 89 3.24 0.85 -18.30
CA SER A 89 4.32 1.68 -18.84
C SER A 89 4.06 3.15 -18.59
N SER A 90 2.85 3.59 -18.89
CA SER A 90 2.48 4.99 -18.70
C SER A 90 1.65 5.16 -17.43
N GLY A 91 1.63 6.38 -16.90
CA GLY A 91 0.88 6.65 -15.68
C GLY A 91 -0.17 7.73 -15.90
N GLY A 1 -14.39 -4.84 3.32
CA GLY A 1 -15.65 -5.13 2.66
C GLY A 1 -15.52 -6.23 1.63
N SER A 2 -16.66 -6.75 1.17
CA SER A 2 -16.67 -7.82 0.18
C SER A 2 -17.51 -7.43 -1.03
N SER A 3 -18.76 -7.05 -0.77
CA SER A 3 -19.67 -6.66 -1.85
C SER A 3 -19.22 -5.34 -2.49
N GLY A 4 -18.38 -5.46 -3.51
CA GLY A 4 -17.88 -4.28 -4.20
C GLY A 4 -16.56 -3.81 -3.64
N SER A 5 -16.09 -2.67 -4.15
CA SER A 5 -14.81 -2.10 -3.70
C SER A 5 -14.90 -0.58 -3.59
N SER A 6 -14.29 -0.03 -2.55
CA SER A 6 -14.30 1.42 -2.34
C SER A 6 -13.43 2.13 -3.38
N GLY A 7 -14.07 2.60 -4.45
CA GLY A 7 -13.34 3.29 -5.49
C GLY A 7 -13.44 4.80 -5.37
N LEU A 8 -12.29 5.47 -5.39
CA LEU A 8 -12.25 6.92 -5.26
C LEU A 8 -11.36 7.54 -6.34
N SER A 9 -10.18 6.96 -6.53
CA SER A 9 -9.23 7.44 -7.52
C SER A 9 -9.51 6.82 -8.89
N ASN A 10 -8.76 7.25 -9.90
CA ASN A 10 -8.93 6.74 -11.25
C ASN A 10 -9.28 5.26 -11.23
N GLY A 11 -8.46 4.48 -10.53
CA GLY A 11 -8.70 3.04 -10.45
C GLY A 11 -7.82 2.25 -11.40
N GLN A 12 -7.95 2.53 -12.69
CA GLN A 12 -7.17 1.83 -13.70
C GLN A 12 -5.75 2.38 -13.76
N GLY A 13 -4.83 1.70 -13.09
CA GLY A 13 -3.45 2.14 -13.08
C GLY A 13 -2.72 1.76 -11.79
N SER A 14 -2.78 2.65 -10.81
CA SER A 14 -2.13 2.41 -9.53
C SER A 14 -2.74 1.20 -8.83
N ARG A 15 -2.19 0.03 -9.11
CA ARG A 15 -2.67 -1.21 -8.50
C ARG A 15 -1.74 -1.68 -7.39
N VAL A 16 -2.04 -2.84 -6.83
CA VAL A 16 -1.22 -3.40 -5.75
C VAL A 16 0.08 -3.97 -6.29
N LEU A 17 1.19 -3.42 -5.82
CA LEU A 17 2.51 -3.87 -6.26
C LEU A 17 3.08 -4.91 -5.30
N HIS A 18 3.25 -4.51 -4.05
CA HIS A 18 3.78 -5.42 -3.02
C HIS A 18 3.24 -5.05 -1.64
N VAL A 19 2.86 -6.07 -0.88
CA VAL A 19 2.33 -5.85 0.46
C VAL A 19 3.45 -5.65 1.48
N VAL A 20 3.42 -4.51 2.16
CA VAL A 20 4.43 -4.20 3.17
C VAL A 20 3.80 -3.93 4.53
N GLN A 21 4.57 -4.16 5.59
CA GLN A 21 4.09 -3.95 6.94
C GLN A 21 4.86 -2.82 7.62
N THR A 22 4.31 -2.31 8.73
CA THR A 22 4.94 -1.23 9.47
C THR A 22 5.57 -1.74 10.76
N LEU A 23 6.90 -1.65 10.84
CA LEU A 23 7.63 -2.10 12.03
C LEU A 23 7.54 -1.07 13.14
N TYR A 24 7.60 0.21 12.76
CA TYR A 24 7.55 1.29 13.72
C TYR A 24 6.51 2.34 13.32
N PRO A 25 5.97 3.05 14.32
CA PRO A 25 4.96 4.09 14.07
C PRO A 25 5.53 5.32 13.38
N PHE A 26 4.69 6.03 12.64
CA PHE A 26 5.12 7.22 11.92
C PHE A 26 3.99 8.24 11.84
N SER A 27 4.35 9.51 11.76
CA SER A 27 3.37 10.58 11.67
C SER A 27 3.53 11.38 10.38
N SER A 28 2.42 11.85 9.84
CA SER A 28 2.44 12.63 8.60
C SER A 28 2.06 14.08 8.86
N VAL A 29 3.06 14.90 9.18
CA VAL A 29 2.83 16.32 9.45
C VAL A 29 1.85 16.91 8.45
N THR A 30 1.78 16.32 7.26
CA THR A 30 0.88 16.79 6.21
C THR A 30 0.24 15.63 5.47
N GLU A 31 -0.61 15.94 4.50
CA GLU A 31 -1.28 14.92 3.70
C GLU A 31 -0.27 14.14 2.86
N GLU A 32 0.65 14.85 2.23
CA GLU A 32 1.67 14.23 1.39
C GLU A 32 2.20 12.96 2.05
N GLU A 33 2.59 13.07 3.33
CA GLU A 33 3.11 11.93 4.06
C GLU A 33 1.99 11.00 4.51
N LEU A 34 2.35 9.77 4.86
CA LEU A 34 1.37 8.79 5.31
C LEU A 34 1.46 8.57 6.81
N ASN A 35 0.31 8.34 7.44
CA ASN A 35 0.25 8.12 8.88
C ASN A 35 -0.15 6.68 9.19
N PHE A 36 0.50 6.10 10.20
CA PHE A 36 0.21 4.73 10.60
C PHE A 36 0.78 4.44 11.99
N GLU A 37 0.58 3.21 12.46
CA GLU A 37 1.08 2.81 13.77
C GLU A 37 1.87 1.50 13.67
N LYS A 38 2.37 1.03 14.81
CA LYS A 38 3.15 -0.20 14.85
C LYS A 38 2.27 -1.41 14.54
N GLY A 39 2.69 -2.20 13.56
CA GLY A 39 1.93 -3.38 13.19
C GLY A 39 0.81 -3.06 12.22
N GLU A 40 1.12 -2.26 11.19
CA GLU A 40 0.12 -1.87 10.20
C GLU A 40 0.47 -2.45 8.84
N THR A 41 -0.56 -2.73 8.03
CA THR A 41 -0.36 -3.27 6.70
C THR A 41 -0.78 -2.27 5.62
N MET A 42 -0.09 -2.31 4.49
CA MET A 42 -0.39 -1.41 3.38
C MET A 42 -0.04 -2.05 2.05
N GLU A 43 -0.19 -1.28 0.97
CA GLU A 43 0.11 -1.78 -0.37
C GLU A 43 0.80 -0.70 -1.20
N VAL A 44 1.88 -1.07 -1.87
CA VAL A 44 2.63 -0.14 -2.71
C VAL A 44 1.91 0.11 -4.02
N ILE A 45 1.40 1.33 -4.18
CA ILE A 45 0.68 1.70 -5.40
C ILE A 45 1.63 2.31 -6.44
N GLU A 46 2.68 2.96 -5.96
CA GLU A 46 3.66 3.57 -6.84
C GLU A 46 4.95 3.86 -6.09
N LYS A 47 6.05 4.00 -6.84
CA LYS A 47 7.35 4.27 -6.25
C LYS A 47 8.04 5.43 -6.98
N PRO A 48 8.48 6.43 -6.21
CA PRO A 48 9.17 7.60 -6.76
C PRO A 48 10.56 7.27 -7.27
N GLU A 49 11.21 8.26 -7.87
CA GLU A 49 12.56 8.08 -8.41
C GLU A 49 13.55 9.04 -7.76
N ASN A 50 13.19 10.32 -7.71
CA ASN A 50 14.05 11.32 -7.11
C ASN A 50 14.35 10.99 -5.66
N ASP A 51 13.38 10.39 -4.99
CA ASP A 51 13.54 10.02 -3.58
C ASP A 51 13.17 8.55 -3.36
N PRO A 52 14.14 7.65 -3.62
CA PRO A 52 13.95 6.21 -3.46
C PRO A 52 13.81 5.81 -1.99
N GLU A 53 14.21 6.70 -1.10
CA GLU A 53 14.14 6.44 0.34
C GLU A 53 12.69 6.43 0.82
N TRP A 54 11.79 6.86 -0.06
CA TRP A 54 10.36 6.91 0.27
C TRP A 54 9.54 6.08 -0.71
N TRP A 55 8.38 5.63 -0.26
CA TRP A 55 7.50 4.82 -1.11
C TRP A 55 6.06 5.32 -1.04
N LYS A 56 5.31 5.13 -2.12
CA LYS A 56 3.92 5.57 -2.17
C LYS A 56 2.98 4.41 -1.86
N CYS A 57 2.28 4.51 -0.74
CA CYS A 57 1.33 3.47 -0.33
C CYS A 57 -0.01 4.07 0.07
N LYS A 58 -0.97 3.21 0.37
CA LYS A 58 -2.30 3.66 0.77
C LYS A 58 -2.74 2.98 2.06
N ASN A 59 -3.07 3.79 3.07
CA ASN A 59 -3.51 3.26 4.35
C ASN A 59 -5.00 2.93 4.32
N ALA A 60 -5.48 2.29 5.39
CA ALA A 60 -6.88 1.92 5.49
C ALA A 60 -7.79 3.14 5.35
N ARG A 61 -7.19 4.32 5.45
CA ARG A 61 -7.94 5.57 5.32
C ARG A 61 -8.20 5.91 3.86
N GLY A 62 -7.78 5.02 2.97
CA GLY A 62 -7.97 5.25 1.56
C GLY A 62 -7.17 6.44 1.04
N GLN A 63 -6.16 6.83 1.80
CA GLN A 63 -5.31 7.96 1.43
C GLN A 63 -3.91 7.50 1.08
N VAL A 64 -3.26 8.24 0.18
CA VAL A 64 -1.90 7.90 -0.24
C VAL A 64 -0.91 8.98 0.17
N GLY A 65 0.34 8.59 0.38
CA GLY A 65 1.36 9.55 0.76
C GLY A 65 2.76 8.96 0.68
N LEU A 66 3.75 9.73 1.16
CA LEU A 66 5.13 9.28 1.14
C LEU A 66 5.51 8.61 2.44
N VAL A 67 5.76 7.31 2.39
CA VAL A 67 6.13 6.55 3.58
C VAL A 67 7.56 6.03 3.47
N PRO A 68 8.32 6.12 4.59
CA PRO A 68 9.71 5.67 4.64
C PRO A 68 9.82 4.14 4.55
N LYS A 69 10.53 3.67 3.54
CA LYS A 69 10.72 2.23 3.35
C LYS A 69 11.54 1.64 4.49
N ASN A 70 12.35 2.48 5.14
CA ASN A 70 13.18 2.04 6.25
C ASN A 70 12.33 1.64 7.45
N TYR A 71 11.08 2.09 7.45
CA TYR A 71 10.16 1.80 8.55
C TYR A 71 9.28 0.60 8.21
N VAL A 72 9.07 0.37 6.92
CA VAL A 72 8.25 -0.74 6.46
C VAL A 72 9.12 -1.86 5.88
N VAL A 73 8.48 -2.94 5.46
CA VAL A 73 9.18 -4.08 4.89
C VAL A 73 8.28 -4.90 3.98
N VAL A 74 8.81 -5.31 2.84
CA VAL A 74 8.04 -6.11 1.88
C VAL A 74 7.88 -7.54 2.35
N LEU A 75 6.63 -7.98 2.50
CA LEU A 75 6.35 -9.33 2.95
C LEU A 75 6.15 -10.28 1.76
N SER A 76 5.22 -9.91 0.88
CA SER A 76 4.92 -10.72 -0.29
C SER A 76 4.78 -9.84 -1.53
N ASP A 77 4.58 -10.48 -2.69
CA ASP A 77 4.42 -9.76 -3.93
C ASP A 77 3.01 -9.93 -4.49
N GLY A 78 2.18 -8.91 -4.33
CA GLY A 78 0.82 -8.97 -4.81
C GLY A 78 -0.21 -8.94 -3.69
N PRO A 79 -1.48 -8.72 -4.05
CA PRO A 79 -2.57 -8.67 -3.08
C PRO A 79 -2.88 -10.02 -2.46
N ALA A 80 -2.18 -11.05 -2.94
CA ALA A 80 -2.38 -12.41 -2.43
C ALA A 80 -1.90 -12.53 -0.99
N LEU A 81 -2.83 -12.43 -0.05
CA LEU A 81 -2.51 -12.53 1.37
C LEU A 81 -2.57 -13.97 1.84
N HIS A 82 -3.39 -14.77 1.18
CA HIS A 82 -3.55 -16.19 1.53
C HIS A 82 -2.30 -16.97 1.17
N PRO A 83 -1.89 -17.89 2.05
CA PRO A 83 -0.71 -18.73 1.84
C PRO A 83 -0.91 -19.76 0.72
N ALA A 84 -0.10 -19.63 -0.32
CA ALA A 84 -0.18 -20.55 -1.47
C ALA A 84 -0.36 -21.99 -1.00
N HIS A 85 -0.81 -22.84 -1.90
CA HIS A 85 -1.02 -24.26 -1.59
C HIS A 85 0.28 -25.05 -1.77
N SER A 86 1.34 -24.57 -1.15
CA SER A 86 2.65 -25.23 -1.24
C SER A 86 3.33 -25.27 0.12
N GLY A 87 4.45 -25.99 0.18
CA GLY A 87 5.19 -26.11 1.43
C GLY A 87 6.02 -24.88 1.72
N PRO A 88 6.31 -24.64 3.01
CA PRO A 88 7.11 -23.49 3.44
C PRO A 88 8.58 -23.63 3.04
N SER A 89 9.18 -22.52 2.63
CA SER A 89 10.58 -22.51 2.22
C SER A 89 11.50 -22.37 3.42
N SER A 90 12.80 -22.48 3.18
CA SER A 90 13.78 -22.37 4.26
C SER A 90 14.33 -20.95 4.35
N GLY A 91 13.99 -20.28 5.44
CA GLY A 91 14.44 -18.91 5.64
C GLY A 91 14.52 -18.13 4.34
N GLY A 1 -24.49 -11.33 11.01
CA GLY A 1 -25.00 -10.71 9.81
C GLY A 1 -23.90 -10.34 8.83
N SER A 2 -24.02 -9.17 8.20
CA SER A 2 -23.04 -8.71 7.24
C SER A 2 -23.01 -9.63 6.02
N SER A 3 -24.19 -10.02 5.55
CA SER A 3 -24.29 -10.89 4.39
C SER A 3 -24.83 -10.14 3.19
N GLY A 4 -23.95 -9.83 2.24
CA GLY A 4 -24.36 -9.11 1.05
C GLY A 4 -23.18 -8.54 0.30
N SER A 5 -23.13 -8.81 -1.01
CA SER A 5 -22.05 -8.31 -1.85
C SER A 5 -22.33 -6.90 -2.35
N SER A 6 -21.28 -6.14 -2.59
CA SER A 6 -21.42 -4.76 -3.06
C SER A 6 -20.99 -4.65 -4.53
N GLY A 7 -19.75 -5.02 -4.80
CA GLY A 7 -19.24 -4.94 -6.17
C GLY A 7 -17.74 -5.16 -6.23
N LEU A 8 -17.34 -6.36 -6.66
CA LEU A 8 -15.93 -6.70 -6.76
C LEU A 8 -15.38 -6.32 -8.14
N SER A 9 -15.04 -5.04 -8.30
CA SER A 9 -14.50 -4.55 -9.57
C SER A 9 -13.40 -3.52 -9.32
N ASN A 10 -12.18 -3.88 -9.68
CA ASN A 10 -11.03 -2.98 -9.50
C ASN A 10 -10.47 -2.56 -10.85
N GLY A 11 -9.73 -1.45 -10.85
CA GLY A 11 -9.14 -0.95 -12.08
C GLY A 11 -9.14 0.56 -12.15
N GLN A 12 -8.06 1.18 -11.67
CA GLN A 12 -7.94 2.63 -11.68
C GLN A 12 -6.68 3.07 -12.43
N GLY A 13 -5.53 2.59 -11.97
CA GLY A 13 -4.28 2.95 -12.60
C GLY A 13 -3.08 2.40 -11.86
N SER A 14 -3.02 2.64 -10.56
CA SER A 14 -1.91 2.18 -9.75
C SER A 14 -2.27 0.87 -9.04
N ARG A 15 -2.02 -0.25 -9.71
CA ARG A 15 -2.32 -1.56 -9.15
C ARG A 15 -1.42 -1.86 -7.95
N VAL A 16 -1.79 -2.89 -7.19
CA VAL A 16 -1.01 -3.27 -6.01
C VAL A 16 0.33 -3.87 -6.41
N LEU A 17 1.41 -3.17 -6.07
CA LEU A 17 2.75 -3.63 -6.39
C LEU A 17 3.22 -4.68 -5.39
N HIS A 18 3.33 -4.29 -4.13
CA HIS A 18 3.77 -5.20 -3.08
C HIS A 18 3.24 -4.75 -1.72
N VAL A 19 2.87 -5.73 -0.89
CA VAL A 19 2.36 -5.43 0.44
C VAL A 19 3.48 -5.31 1.47
N VAL A 20 3.52 -4.19 2.16
CA VAL A 20 4.54 -3.95 3.18
C VAL A 20 3.92 -3.77 4.55
N GLN A 21 4.73 -3.93 5.59
CA GLN A 21 4.27 -3.79 6.96
C GLN A 21 5.07 -2.73 7.70
N THR A 22 4.43 -2.04 8.64
CA THR A 22 5.09 -1.00 9.42
C THR A 22 5.68 -1.57 10.71
N LEU A 23 7.00 -1.50 10.83
CA LEU A 23 7.69 -2.01 12.01
C LEU A 23 7.60 -1.01 13.16
N TYR A 24 7.79 0.27 12.85
CA TYR A 24 7.74 1.32 13.86
C TYR A 24 6.58 2.28 13.57
N PRO A 25 6.01 2.84 14.65
CA PRO A 25 4.88 3.79 14.54
C PRO A 25 5.32 5.12 13.96
N PHE A 26 4.73 5.49 12.83
CA PHE A 26 5.05 6.75 12.16
C PHE A 26 3.78 7.49 11.76
N SER A 27 3.57 8.66 12.37
CA SER A 27 2.39 9.47 12.08
C SER A 27 2.79 10.85 11.58
N SER A 28 2.33 11.21 10.39
CA SER A 28 2.64 12.50 9.79
C SER A 28 1.55 13.52 10.11
N VAL A 29 1.81 14.78 9.76
CA VAL A 29 0.85 15.85 10.01
C VAL A 29 0.26 16.37 8.70
N THR A 30 1.04 16.28 7.63
CA THR A 30 0.59 16.74 6.32
C THR A 30 0.07 15.58 5.48
N GLU A 31 -0.52 15.91 4.33
CA GLU A 31 -1.06 14.89 3.44
C GLU A 31 0.05 14.23 2.64
N GLU A 32 1.03 15.02 2.21
CA GLU A 32 2.14 14.49 1.44
C GLU A 32 2.63 13.16 1.99
N GLU A 33 2.89 13.13 3.30
CA GLU A 33 3.36 11.91 3.95
C GLU A 33 2.19 11.06 4.41
N LEU A 34 2.48 9.84 4.85
CA LEU A 34 1.44 8.93 5.33
C LEU A 34 1.49 8.79 6.84
N ASN A 35 0.31 8.62 7.45
CA ASN A 35 0.22 8.47 8.90
C ASN A 35 -0.34 7.11 9.27
N PHE A 36 0.45 6.32 10.00
CA PHE A 36 0.04 4.99 10.43
C PHE A 36 0.54 4.68 11.84
N GLU A 37 0.32 3.46 12.28
CA GLU A 37 0.75 3.03 13.61
C GLU A 37 1.62 1.78 13.52
N LYS A 38 2.23 1.41 14.64
CA LYS A 38 3.10 0.23 14.69
C LYS A 38 2.31 -1.03 14.34
N GLY A 39 2.85 -1.82 13.42
CA GLY A 39 2.18 -3.04 13.01
C GLY A 39 1.03 -2.79 12.07
N GLU A 40 1.22 -1.90 11.11
CA GLU A 40 0.18 -1.58 10.14
C GLU A 40 0.50 -2.16 8.77
N THR A 41 -0.54 -2.51 8.03
CA THR A 41 -0.38 -3.09 6.71
C THR A 41 -0.79 -2.09 5.61
N MET A 42 -0.10 -2.15 4.49
CA MET A 42 -0.39 -1.26 3.37
C MET A 42 0.01 -1.90 2.04
N GLU A 43 -0.16 -1.14 0.96
CA GLU A 43 0.19 -1.64 -0.37
C GLU A 43 0.91 -0.56 -1.18
N VAL A 44 1.99 -0.94 -1.86
CA VAL A 44 2.75 -0.01 -2.67
C VAL A 44 2.06 0.24 -4.01
N ILE A 45 1.52 1.44 -4.17
CA ILE A 45 0.83 1.81 -5.40
C ILE A 45 1.80 2.37 -6.42
N GLU A 46 2.79 3.14 -5.95
CA GLU A 46 3.78 3.72 -6.82
C GLU A 46 5.06 4.04 -6.05
N LYS A 47 6.19 4.04 -6.76
CA LYS A 47 7.48 4.33 -6.15
C LYS A 47 8.17 5.49 -6.85
N PRO A 48 8.45 6.55 -6.08
CA PRO A 48 9.12 7.76 -6.61
C PRO A 48 10.58 7.50 -6.97
N GLU A 49 10.86 7.42 -8.27
CA GLU A 49 12.22 7.17 -8.74
C GLU A 49 13.19 8.16 -8.11
N ASN A 50 12.94 9.45 -8.32
CA ASN A 50 13.80 10.50 -7.78
C ASN A 50 14.20 10.18 -6.35
N ASP A 51 13.21 10.01 -5.48
CA ASP A 51 13.46 9.71 -4.07
C ASP A 51 13.12 8.25 -3.77
N PRO A 52 14.10 7.36 -3.99
CA PRO A 52 13.92 5.92 -3.74
C PRO A 52 13.82 5.59 -2.26
N GLU A 53 14.30 6.51 -1.42
CA GLU A 53 14.26 6.31 0.02
C GLU A 53 12.82 6.36 0.54
N TRP A 54 11.90 6.77 -0.32
CA TRP A 54 10.50 6.86 0.04
C TRP A 54 9.64 6.03 -0.90
N TRP A 55 8.48 5.60 -0.40
CA TRP A 55 7.56 4.80 -1.20
C TRP A 55 6.13 5.33 -1.10
N LYS A 56 5.34 5.11 -2.15
CA LYS A 56 3.96 5.57 -2.17
C LYS A 56 3.00 4.42 -1.87
N CYS A 57 2.32 4.50 -0.73
CA CYS A 57 1.37 3.47 -0.33
C CYS A 57 0.04 4.08 0.08
N LYS A 58 -0.94 3.23 0.36
CA LYS A 58 -2.26 3.69 0.76
C LYS A 58 -2.68 3.04 2.08
N ASN A 59 -3.00 3.87 3.07
CA ASN A 59 -3.42 3.39 4.38
C ASN A 59 -4.83 2.80 4.31
N ALA A 60 -5.35 2.41 5.47
CA ALA A 60 -6.69 1.85 5.55
C ALA A 60 -7.75 2.89 5.24
N ARG A 61 -7.46 4.14 5.56
CA ARG A 61 -8.39 5.24 5.32
C ARG A 61 -8.52 5.51 3.82
N GLY A 62 -7.56 5.02 3.04
CA GLY A 62 -7.59 5.22 1.60
C GLY A 62 -6.79 6.43 1.18
N GLN A 63 -5.88 6.87 2.04
CA GLN A 63 -5.05 8.04 1.73
C GLN A 63 -3.65 7.61 1.29
N VAL A 64 -3.14 8.26 0.26
CA VAL A 64 -1.81 7.95 -0.26
C VAL A 64 -0.80 9.03 0.12
N GLY A 65 0.44 8.62 0.34
CA GLY A 65 1.48 9.57 0.70
C GLY A 65 2.87 8.95 0.65
N LEU A 66 3.87 9.73 1.04
CA LEU A 66 5.25 9.25 1.04
C LEU A 66 5.61 8.60 2.36
N VAL A 67 5.85 7.30 2.33
CA VAL A 67 6.20 6.55 3.53
C VAL A 67 7.63 6.02 3.45
N PRO A 68 8.36 6.12 4.57
CA PRO A 68 9.75 5.65 4.65
C PRO A 68 9.85 4.13 4.59
N LYS A 69 10.57 3.62 3.60
CA LYS A 69 10.75 2.18 3.43
C LYS A 69 11.55 1.60 4.59
N ASN A 70 12.61 2.29 4.97
CA ASN A 70 13.46 1.83 6.07
C ASN A 70 12.63 1.54 7.31
N TYR A 71 11.40 2.05 7.34
CA TYR A 71 10.51 1.84 8.47
C TYR A 71 9.57 0.66 8.21
N VAL A 72 9.31 0.39 6.93
CA VAL A 72 8.44 -0.71 6.56
C VAL A 72 9.23 -1.86 5.95
N VAL A 73 8.52 -2.90 5.53
CA VAL A 73 9.17 -4.07 4.94
C VAL A 73 8.20 -4.83 4.04
N VAL A 74 8.69 -5.28 2.89
CA VAL A 74 7.87 -6.03 1.95
C VAL A 74 7.64 -7.47 2.42
N LEU A 75 6.38 -7.84 2.60
CA LEU A 75 6.04 -9.18 3.06
C LEU A 75 5.83 -10.12 1.87
N SER A 76 4.87 -9.76 1.02
CA SER A 76 4.56 -10.58 -0.15
C SER A 76 4.86 -9.81 -1.44
N ASP A 77 4.84 -10.52 -2.56
CA ASP A 77 5.09 -9.90 -3.86
C ASP A 77 3.81 -9.76 -4.66
N GLY A 78 2.98 -8.78 -4.29
CA GLY A 78 1.73 -8.57 -4.99
C GLY A 78 0.53 -8.88 -4.14
N PRO A 79 -0.67 -8.66 -4.69
CA PRO A 79 -1.93 -8.93 -3.98
C PRO A 79 -2.19 -10.42 -3.80
N ALA A 80 -1.45 -11.24 -4.54
CA ALA A 80 -1.59 -12.68 -4.45
C ALA A 80 -1.95 -13.12 -3.03
N LEU A 81 -3.24 -13.37 -2.81
CA LEU A 81 -3.70 -13.79 -1.48
C LEU A 81 -4.17 -15.25 -1.51
N HIS A 82 -4.92 -15.60 -2.55
CA HIS A 82 -5.43 -16.97 -2.70
C HIS A 82 -4.40 -17.85 -3.38
N PRO A 83 -4.34 -19.13 -2.96
CA PRO A 83 -3.40 -20.10 -3.51
C PRO A 83 -3.76 -20.50 -4.95
N ALA A 84 -2.74 -20.84 -5.73
CA ALA A 84 -2.95 -21.24 -7.12
C ALA A 84 -3.77 -22.52 -7.21
N HIS A 85 -4.51 -22.67 -8.29
CA HIS A 85 -5.35 -23.85 -8.50
C HIS A 85 -4.78 -24.73 -9.62
N SER A 86 -4.49 -24.12 -10.75
CA SER A 86 -3.94 -24.84 -11.90
C SER A 86 -2.55 -25.38 -11.59
N GLY A 87 -2.43 -26.70 -11.51
CA GLY A 87 -1.15 -27.32 -11.23
C GLY A 87 -0.82 -28.46 -12.17
N PRO A 88 0.15 -29.30 -11.78
CA PRO A 88 0.57 -30.44 -12.60
C PRO A 88 -0.49 -31.53 -12.66
N SER A 89 -1.18 -31.63 -13.79
CA SER A 89 -2.23 -32.63 -13.97
C SER A 89 -2.59 -32.77 -15.44
N SER A 90 -2.90 -33.99 -15.85
CA SER A 90 -3.27 -34.27 -17.23
C SER A 90 -4.61 -34.98 -17.32
N GLY A 91 -4.74 -36.08 -16.58
CA GLY A 91 -5.98 -36.84 -16.58
C GLY A 91 -5.75 -38.33 -16.62
N GLY A 1 -25.79 -0.45 -1.50
CA GLY A 1 -24.94 -0.45 -2.67
C GLY A 1 -23.47 -0.41 -2.31
N SER A 2 -22.73 -1.42 -2.75
CA SER A 2 -21.30 -1.50 -2.47
C SER A 2 -20.64 -0.12 -2.59
N SER A 3 -20.73 0.46 -3.78
CA SER A 3 -20.14 1.78 -4.03
C SER A 3 -21.20 2.76 -4.50
N GLY A 4 -20.85 4.05 -4.52
CA GLY A 4 -21.78 5.07 -4.95
C GLY A 4 -21.83 5.20 -6.46
N SER A 5 -20.68 5.48 -7.07
CA SER A 5 -20.59 5.64 -8.52
C SER A 5 -21.06 4.37 -9.23
N SER A 6 -21.88 4.55 -10.26
CA SER A 6 -22.40 3.41 -11.03
C SER A 6 -21.54 3.17 -12.28
N GLY A 7 -20.47 2.42 -12.10
CA GLY A 7 -19.59 2.12 -13.22
C GLY A 7 -18.43 3.09 -13.33
N LEU A 8 -17.26 2.58 -13.70
CA LEU A 8 -16.07 3.42 -13.84
C LEU A 8 -15.45 3.26 -15.22
N SER A 9 -15.12 4.39 -15.84
CA SER A 9 -14.51 4.38 -17.17
C SER A 9 -13.07 3.90 -17.11
N ASN A 10 -12.23 4.70 -16.45
CA ASN A 10 -10.81 4.37 -16.32
C ASN A 10 -10.63 3.05 -15.57
N GLY A 11 -10.61 1.95 -16.31
CA GLY A 11 -10.45 0.64 -15.70
C GLY A 11 -9.05 0.44 -15.15
N GLN A 12 -8.05 0.62 -15.99
CA GLN A 12 -6.66 0.45 -15.57
C GLN A 12 -6.23 1.59 -14.66
N GLY A 13 -5.19 1.34 -13.86
CA GLY A 13 -4.70 2.37 -12.95
C GLY A 13 -3.85 1.78 -11.84
N SER A 14 -3.37 2.64 -10.95
CA SER A 14 -2.55 2.20 -9.83
C SER A 14 -3.03 0.86 -9.29
N ARG A 15 -2.11 -0.11 -9.22
CA ARG A 15 -2.45 -1.43 -8.72
C ARG A 15 -1.57 -1.79 -7.52
N VAL A 16 -1.82 -2.96 -6.94
CA VAL A 16 -1.06 -3.44 -5.79
C VAL A 16 0.27 -4.04 -6.22
N LEU A 17 1.36 -3.32 -5.95
CA LEU A 17 2.69 -3.79 -6.31
C LEU A 17 3.18 -4.84 -5.32
N HIS A 18 3.32 -4.44 -4.06
CA HIS A 18 3.78 -5.34 -3.02
C HIS A 18 3.25 -4.92 -1.66
N VAL A 19 2.77 -5.89 -0.88
CA VAL A 19 2.23 -5.62 0.45
C VAL A 19 3.35 -5.47 1.48
N VAL A 20 3.43 -4.29 2.08
CA VAL A 20 4.44 -4.02 3.09
C VAL A 20 3.82 -3.75 4.45
N GLN A 21 4.60 -3.95 5.52
CA GLN A 21 4.12 -3.72 6.87
C GLN A 21 4.95 -2.66 7.57
N THR A 22 4.38 -2.09 8.64
CA THR A 22 5.08 -1.05 9.40
C THR A 22 5.65 -1.60 10.69
N LEU A 23 6.97 -1.54 10.82
CA LEU A 23 7.65 -2.04 12.02
C LEU A 23 7.58 -1.02 13.15
N TYR A 24 7.71 0.26 12.79
CA TYR A 24 7.65 1.33 13.78
C TYR A 24 6.56 2.34 13.44
N PRO A 25 5.95 2.92 14.48
CA PRO A 25 4.88 3.90 14.32
C PRO A 25 5.38 5.22 13.75
N PHE A 26 4.79 5.65 12.64
CA PHE A 26 5.18 6.89 12.00
C PHE A 26 3.95 7.71 11.60
N SER A 27 3.81 8.89 12.21
CA SER A 27 2.68 9.76 11.93
C SER A 27 3.15 11.14 11.49
N SER A 28 2.57 11.64 10.39
CA SER A 28 2.94 12.94 9.87
C SER A 28 1.84 13.97 10.13
N VAL A 29 2.14 15.23 9.85
CA VAL A 29 1.18 16.31 10.06
C VAL A 29 0.52 16.71 8.75
N THR A 30 1.28 16.63 7.66
CA THR A 30 0.78 16.99 6.34
C THR A 30 0.18 15.78 5.63
N GLU A 31 -0.44 16.02 4.49
CA GLU A 31 -1.07 14.95 3.71
C GLU A 31 -0.02 14.24 2.84
N GLU A 32 0.96 14.99 2.36
CA GLU A 32 2.01 14.43 1.53
C GLU A 32 2.52 13.11 2.10
N GLU A 33 2.84 13.12 3.38
CA GLU A 33 3.34 11.92 4.06
C GLU A 33 2.19 11.05 4.55
N LEU A 34 2.49 9.81 4.87
CA LEU A 34 1.47 8.87 5.35
C LEU A 34 1.55 8.73 6.87
N ASN A 35 0.39 8.57 7.50
CA ASN A 35 0.33 8.42 8.96
C ASN A 35 -0.20 7.04 9.34
N PHE A 36 0.63 6.27 10.03
CA PHE A 36 0.25 4.93 10.46
C PHE A 36 0.78 4.63 11.86
N GLU A 37 0.58 3.41 12.32
CA GLU A 37 1.02 3.00 13.64
C GLU A 37 1.85 1.71 13.57
N LYS A 38 2.30 1.24 14.73
CA LYS A 38 3.10 0.02 14.79
C LYS A 38 2.24 -1.20 14.48
N GLY A 39 2.56 -1.88 13.39
CA GLY A 39 1.81 -3.06 12.99
C GLY A 39 0.70 -2.74 12.02
N GLU A 40 1.02 -1.96 10.99
CA GLU A 40 0.03 -1.57 9.98
C GLU A 40 0.39 -2.15 8.62
N THR A 41 -0.60 -2.67 7.91
CA THR A 41 -0.39 -3.26 6.60
C THR A 41 -0.82 -2.30 5.49
N MET A 42 0.08 -2.08 4.53
CA MET A 42 -0.21 -1.19 3.41
C MET A 42 0.08 -1.87 2.09
N GLU A 43 -0.18 -1.17 0.99
CA GLU A 43 0.06 -1.70 -0.34
C GLU A 43 0.76 -0.68 -1.22
N VAL A 44 1.91 -1.07 -1.78
CA VAL A 44 2.68 -0.18 -2.65
C VAL A 44 1.99 0.01 -3.99
N ILE A 45 1.55 1.23 -4.25
CA ILE A 45 0.87 1.56 -5.51
C ILE A 45 1.85 2.14 -6.53
N GLU A 46 2.84 2.87 -6.04
CA GLU A 46 3.84 3.49 -6.91
C GLU A 46 5.12 3.79 -6.13
N LYS A 47 6.25 3.80 -6.84
CA LYS A 47 7.54 4.08 -6.22
C LYS A 47 8.19 5.30 -6.85
N PRO A 48 8.50 6.31 -6.02
CA PRO A 48 9.12 7.55 -6.47
C PRO A 48 10.57 7.34 -6.90
N GLU A 49 10.91 7.84 -8.09
CA GLU A 49 12.26 7.71 -8.61
C GLU A 49 13.21 8.68 -7.92
N ASN A 50 12.94 9.97 -8.06
CA ASN A 50 13.77 11.00 -7.44
C ASN A 50 14.14 10.61 -6.02
N ASP A 51 13.14 10.30 -5.21
CA ASP A 51 13.36 9.91 -3.82
C ASP A 51 13.05 8.43 -3.62
N PRO A 52 14.05 7.58 -3.90
CA PRO A 52 13.92 6.13 -3.75
C PRO A 52 13.83 5.70 -2.29
N GLU A 53 14.24 6.58 -1.39
CA GLU A 53 14.21 6.30 0.04
C GLU A 53 12.79 6.26 0.55
N TRP A 54 11.87 6.82 -0.22
CA TRP A 54 10.46 6.85 0.16
C TRP A 54 9.61 6.01 -0.80
N TRP A 55 8.46 5.57 -0.33
CA TRP A 55 7.56 4.76 -1.14
C TRP A 55 6.13 5.27 -1.04
N LYS A 56 5.37 5.09 -2.12
CA LYS A 56 3.98 5.53 -2.15
C LYS A 56 3.03 4.37 -1.85
N CYS A 57 2.33 4.46 -0.72
CA CYS A 57 1.40 3.42 -0.32
C CYS A 57 0.07 4.02 0.13
N LYS A 58 -0.95 3.18 0.27
CA LYS A 58 -2.26 3.63 0.71
C LYS A 58 -2.69 2.91 1.98
N ASN A 59 -3.00 3.69 3.02
CA ASN A 59 -3.44 3.12 4.29
C ASN A 59 -4.93 2.83 4.27
N ALA A 60 -5.41 2.13 5.31
CA ALA A 60 -6.81 1.78 5.40
C ALA A 60 -7.69 3.00 5.22
N ARG A 61 -7.12 4.18 5.44
CA ARG A 61 -7.86 5.43 5.29
C ARG A 61 -8.04 5.79 3.82
N GLY A 62 -7.64 4.87 2.94
CA GLY A 62 -7.77 5.11 1.52
C GLY A 62 -7.01 6.34 1.06
N GLN A 63 -5.99 6.71 1.82
CA GLN A 63 -5.17 7.88 1.50
C GLN A 63 -3.74 7.46 1.15
N VAL A 64 -3.21 8.05 0.09
CA VAL A 64 -1.84 7.76 -0.35
C VAL A 64 -0.87 8.86 0.06
N GLY A 65 0.37 8.48 0.29
CA GLY A 65 1.38 9.45 0.68
C GLY A 65 2.79 8.88 0.63
N LEU A 66 3.76 9.68 1.07
CA LEU A 66 5.15 9.25 1.07
C LEU A 66 5.53 8.58 2.39
N VAL A 67 5.81 7.28 2.33
CA VAL A 67 6.18 6.54 3.52
C VAL A 67 7.62 6.00 3.42
N PRO A 68 8.36 6.12 4.52
CA PRO A 68 9.76 5.65 4.58
C PRO A 68 9.86 4.13 4.54
N LYS A 69 10.55 3.61 3.52
CA LYS A 69 10.72 2.17 3.38
C LYS A 69 11.52 1.60 4.55
N ASN A 70 12.51 2.34 5.00
CA ASN A 70 13.35 1.90 6.12
C ASN A 70 12.49 1.56 7.34
N TYR A 71 11.27 2.10 7.36
CA TYR A 71 10.35 1.85 8.46
C TYR A 71 9.44 0.66 8.16
N VAL A 72 9.20 0.42 6.88
CA VAL A 72 8.35 -0.68 6.46
C VAL A 72 9.17 -1.82 5.88
N VAL A 73 8.49 -2.85 5.40
CA VAL A 73 9.16 -4.01 4.81
C VAL A 73 8.22 -4.79 3.91
N VAL A 74 8.74 -5.25 2.78
CA VAL A 74 7.95 -6.02 1.82
C VAL A 74 7.72 -7.44 2.31
N LEU A 75 6.46 -7.78 2.57
CA LEU A 75 6.10 -9.11 3.05
C LEU A 75 5.82 -10.05 1.89
N SER A 76 4.77 -9.74 1.12
CA SER A 76 4.40 -10.55 -0.03
C SER A 76 4.71 -9.83 -1.33
N ASP A 77 4.83 -10.60 -2.41
CA ASP A 77 5.13 -10.04 -3.72
C ASP A 77 3.88 -10.03 -4.61
N GLY A 78 3.04 -9.02 -4.45
CA GLY A 78 1.83 -8.92 -5.24
C GLY A 78 0.63 -9.47 -4.51
N PRO A 79 -0.58 -9.15 -5.02
CA PRO A 79 -1.84 -9.61 -4.42
C PRO A 79 -2.06 -11.11 -4.60
N ALA A 80 -1.11 -11.76 -5.28
CA ALA A 80 -1.20 -13.19 -5.52
C ALA A 80 -2.25 -13.51 -6.58
N LEU A 81 -2.17 -12.82 -7.71
CA LEU A 81 -3.11 -13.03 -8.80
C LEU A 81 -3.46 -14.52 -8.95
N HIS A 82 -4.59 -14.80 -9.59
CA HIS A 82 -5.03 -16.18 -9.80
C HIS A 82 -5.36 -16.85 -8.48
N PRO A 83 -6.23 -16.20 -7.69
CA PRO A 83 -6.65 -16.72 -6.38
C PRO A 83 -7.54 -17.95 -6.50
N ALA A 84 -8.06 -18.18 -7.70
CA ALA A 84 -8.92 -19.33 -7.95
C ALA A 84 -8.10 -20.60 -8.15
N HIS A 85 -8.73 -21.74 -7.90
CA HIS A 85 -8.05 -23.03 -8.05
C HIS A 85 -7.35 -23.12 -9.39
N SER A 86 -6.16 -23.72 -9.39
CA SER A 86 -5.37 -23.87 -10.61
C SER A 86 -4.55 -25.16 -10.58
N GLY A 87 -4.94 -26.12 -11.42
CA GLY A 87 -4.23 -27.38 -11.47
C GLY A 87 -4.10 -27.91 -12.88
N PRO A 88 -4.95 -28.89 -13.23
CA PRO A 88 -4.94 -29.51 -14.56
C PRO A 88 -5.45 -28.56 -15.64
N SER A 89 -5.16 -28.90 -16.89
CA SER A 89 -5.58 -28.06 -18.03
C SER A 89 -4.91 -26.69 -17.96
N SER A 90 -3.61 -26.69 -17.68
CA SER A 90 -2.84 -25.45 -17.60
C SER A 90 -3.13 -24.56 -18.80
N GLY A 91 -3.07 -25.14 -20.00
CA GLY A 91 -3.32 -24.39 -21.20
C GLY A 91 -2.05 -24.08 -21.98
N GLY A 1 -15.01 -4.56 1.54
CA GLY A 1 -13.60 -4.31 1.34
C GLY A 1 -13.12 -4.68 -0.05
N SER A 2 -12.28 -3.83 -0.63
CA SER A 2 -11.76 -4.06 -1.97
C SER A 2 -10.59 -5.03 -1.94
N SER A 3 -9.69 -4.84 -0.98
CA SER A 3 -8.52 -5.70 -0.84
C SER A 3 -7.72 -5.74 -2.14
N GLY A 4 -7.55 -4.58 -2.77
CA GLY A 4 -6.82 -4.51 -4.02
C GLY A 4 -7.37 -5.44 -5.08
N SER A 5 -8.66 -5.30 -5.36
CA SER A 5 -9.32 -6.13 -6.36
C SER A 5 -8.65 -5.98 -7.72
N SER A 6 -8.91 -6.93 -8.61
CA SER A 6 -8.34 -6.90 -9.95
C SER A 6 -8.98 -5.81 -10.79
N GLY A 7 -8.16 -4.91 -11.32
CA GLY A 7 -8.65 -3.82 -12.14
C GLY A 7 -9.57 -4.31 -13.26
N LEU A 8 -10.72 -3.67 -13.40
CA LEU A 8 -11.68 -4.05 -14.43
C LEU A 8 -11.91 -2.91 -15.41
N SER A 9 -10.83 -2.24 -15.79
CA SER A 9 -10.90 -1.11 -16.72
C SER A 9 -9.66 -1.06 -17.61
N ASN A 10 -9.83 -0.55 -18.82
CA ASN A 10 -8.73 -0.44 -19.77
C ASN A 10 -7.86 0.77 -19.44
N GLY A 11 -6.54 0.55 -19.40
CA GLY A 11 -5.62 1.62 -19.09
C GLY A 11 -4.73 1.31 -17.89
N GLN A 12 -3.43 1.50 -18.06
CA GLN A 12 -2.48 1.24 -16.99
C GLN A 12 -2.51 2.35 -15.95
N GLY A 13 -3.28 2.15 -14.90
CA GLY A 13 -3.38 3.15 -13.84
C GLY A 13 -2.43 2.87 -12.69
N SER A 14 -2.93 2.19 -11.66
CA SER A 14 -2.11 1.87 -10.50
C SER A 14 -2.75 0.74 -9.69
N ARG A 15 -1.99 -0.33 -9.48
CA ARG A 15 -2.48 -1.47 -8.72
C ARG A 15 -1.52 -1.82 -7.59
N VAL A 16 -1.84 -2.88 -6.85
CA VAL A 16 -1.01 -3.33 -5.74
C VAL A 16 0.29 -3.92 -6.24
N LEU A 17 1.41 -3.31 -5.84
CA LEU A 17 2.73 -3.79 -6.25
C LEU A 17 3.26 -4.84 -5.27
N HIS A 18 3.41 -4.43 -4.01
CA HIS A 18 3.91 -5.34 -2.98
C HIS A 18 3.38 -4.95 -1.61
N VAL A 19 2.89 -5.93 -0.86
CA VAL A 19 2.36 -5.67 0.47
C VAL A 19 3.47 -5.51 1.50
N VAL A 20 3.53 -4.35 2.12
CA VAL A 20 4.55 -4.07 3.13
C VAL A 20 3.92 -3.88 4.51
N GLN A 21 4.72 -4.10 5.55
CA GLN A 21 4.26 -3.95 6.92
C GLN A 21 5.08 -2.91 7.67
N THR A 22 4.42 -2.13 8.51
CA THR A 22 5.10 -1.10 9.30
C THR A 22 5.62 -1.66 10.61
N LEU A 23 6.93 -1.58 10.81
CA LEU A 23 7.57 -2.08 12.02
C LEU A 23 7.49 -1.04 13.14
N TYR A 24 7.69 0.22 12.78
CA TYR A 24 7.65 1.31 13.75
C TYR A 24 6.59 2.34 13.37
N PRO A 25 5.95 2.93 14.38
CA PRO A 25 4.91 3.95 14.18
C PRO A 25 5.47 5.26 13.64
N PHE A 26 4.86 5.76 12.57
CA PHE A 26 5.31 7.01 11.96
C PHE A 26 4.11 7.91 11.66
N SER A 27 4.03 9.04 12.36
CA SER A 27 2.95 9.99 12.17
C SER A 27 3.46 11.32 11.63
N SER A 28 3.02 11.70 10.44
CA SER A 28 3.44 12.95 9.83
C SER A 28 2.53 14.10 10.25
N VAL A 29 2.81 15.28 9.71
CA VAL A 29 2.01 16.47 10.03
C VAL A 29 1.25 16.96 8.81
N THR A 30 1.80 16.69 7.63
CA THR A 30 1.18 17.11 6.38
C THR A 30 0.44 15.95 5.72
N GLU A 31 -0.10 16.20 4.54
CA GLU A 31 -0.83 15.17 3.79
C GLU A 31 0.13 14.37 2.90
N GLU A 32 1.14 15.05 2.37
CA GLU A 32 2.12 14.41 1.49
C GLU A 32 2.58 13.08 2.08
N GLU A 33 2.84 13.09 3.39
CA GLU A 33 3.30 11.88 4.08
C GLU A 33 2.12 11.04 4.54
N LEU A 34 2.36 9.75 4.74
CA LEU A 34 1.31 8.84 5.19
C LEU A 34 1.27 8.75 6.71
N ASN A 35 0.08 8.50 7.25
CA ASN A 35 -0.10 8.40 8.70
C ASN A 35 -0.60 7.01 9.08
N PHE A 36 0.20 6.30 9.87
CA PHE A 36 -0.16 4.97 10.31
C PHE A 36 0.38 4.68 11.71
N GLU A 37 0.18 3.46 12.19
CA GLU A 37 0.65 3.07 13.52
C GLU A 37 1.61 1.89 13.42
N LYS A 38 2.05 1.40 14.58
CA LYS A 38 2.96 0.27 14.63
C LYS A 38 2.25 -1.03 14.28
N GLY A 39 2.75 -1.72 13.25
CA GLY A 39 2.14 -2.97 12.84
C GLY A 39 0.94 -2.76 11.93
N GLU A 40 1.10 -1.90 10.93
CA GLU A 40 0.02 -1.61 10.00
C GLU A 40 0.34 -2.15 8.61
N THR A 41 -0.64 -2.81 7.99
CA THR A 41 -0.46 -3.38 6.66
C THR A 41 -0.90 -2.40 5.58
N MET A 42 -0.18 -2.40 4.47
CA MET A 42 -0.49 -1.51 3.35
C MET A 42 -0.07 -2.13 2.03
N GLU A 43 -0.28 -1.39 0.94
CA GLU A 43 0.07 -1.88 -0.39
C GLU A 43 0.75 -0.78 -1.21
N VAL A 44 1.87 -1.12 -1.84
CA VAL A 44 2.61 -0.17 -2.65
C VAL A 44 1.93 0.05 -4.00
N ILE A 45 1.46 1.27 -4.22
CA ILE A 45 0.79 1.60 -5.47
C ILE A 45 1.78 2.13 -6.51
N GLU A 46 2.88 2.72 -6.02
CA GLU A 46 3.90 3.27 -6.89
C GLU A 46 5.17 3.59 -6.11
N LYS A 47 6.25 3.84 -6.83
CA LYS A 47 7.53 4.17 -6.20
C LYS A 47 8.17 5.38 -6.87
N PRO A 48 8.48 6.41 -6.06
CA PRO A 48 9.09 7.64 -6.55
C PRO A 48 10.53 7.44 -6.99
N GLU A 49 10.88 8.01 -8.13
CA GLU A 49 12.23 7.89 -8.67
C GLU A 49 13.19 8.84 -7.96
N ASN A 50 12.89 10.13 -8.04
CA ASN A 50 13.72 11.15 -7.41
C ASN A 50 14.10 10.73 -5.99
N ASP A 51 13.09 10.51 -5.15
CA ASP A 51 13.32 10.11 -3.77
C ASP A 51 12.96 8.64 -3.56
N PRO A 52 13.91 7.75 -3.87
CA PRO A 52 13.71 6.30 -3.72
C PRO A 52 13.64 5.87 -2.26
N GLU A 53 14.08 6.74 -1.37
CA GLU A 53 14.07 6.45 0.06
C GLU A 53 12.64 6.43 0.60
N TRP A 54 11.70 6.85 -0.24
CA TRP A 54 10.29 6.88 0.16
C TRP A 54 9.44 6.09 -0.82
N TRP A 55 8.39 5.46 -0.30
CA TRP A 55 7.49 4.65 -1.12
C TRP A 55 6.05 5.15 -1.01
N LYS A 56 5.31 5.05 -2.11
CA LYS A 56 3.92 5.50 -2.13
C LYS A 56 2.98 4.33 -1.84
N CYS A 57 2.29 4.40 -0.71
CA CYS A 57 1.35 3.36 -0.31
C CYS A 57 0.01 3.97 0.12
N LYS A 58 -1.00 3.12 0.27
CA LYS A 58 -2.31 3.56 0.68
C LYS A 58 -2.74 2.88 1.97
N ASN A 59 -3.09 3.68 2.98
CA ASN A 59 -3.51 3.16 4.27
C ASN A 59 -5.00 2.81 4.25
N ALA A 60 -5.46 2.18 5.33
CA ALA A 60 -6.86 1.79 5.45
C ALA A 60 -7.78 3.00 5.29
N ARG A 61 -7.20 4.20 5.39
CA ARG A 61 -7.97 5.42 5.27
C ARG A 61 -8.23 5.76 3.80
N GLY A 62 -7.77 4.88 2.91
CA GLY A 62 -7.96 5.10 1.49
C GLY A 62 -7.15 6.27 0.97
N GLN A 63 -6.21 6.74 1.78
CA GLN A 63 -5.36 7.86 1.40
C GLN A 63 -3.96 7.39 1.02
N VAL A 64 -3.29 8.16 0.16
CA VAL A 64 -1.95 7.82 -0.28
C VAL A 64 -0.95 8.89 0.14
N GLY A 65 0.31 8.48 0.35
CA GLY A 65 1.34 9.41 0.76
C GLY A 65 2.73 8.82 0.68
N LEU A 66 3.73 9.57 1.11
CA LEU A 66 5.10 9.11 1.10
C LEU A 66 5.48 8.45 2.42
N VAL A 67 5.71 7.14 2.39
CA VAL A 67 6.08 6.40 3.58
C VAL A 67 7.52 5.90 3.49
N PRO A 68 8.24 6.00 4.62
CA PRO A 68 9.64 5.56 4.71
C PRO A 68 9.78 4.05 4.62
N LYS A 69 10.53 3.58 3.63
CA LYS A 69 10.74 2.15 3.44
C LYS A 69 11.58 1.57 4.58
N ASN A 70 12.43 2.41 5.17
CA ASN A 70 13.28 1.99 6.26
C ASN A 70 12.45 1.61 7.49
N TYR A 71 11.19 2.04 7.49
CA TYR A 71 10.29 1.75 8.61
C TYR A 71 9.40 0.55 8.29
N VAL A 72 9.17 0.31 7.00
CA VAL A 72 8.34 -0.81 6.56
C VAL A 72 9.18 -1.94 6.00
N VAL A 73 8.52 -2.99 5.53
CA VAL A 73 9.22 -4.13 4.96
C VAL A 73 8.30 -4.94 4.05
N VAL A 74 8.80 -5.30 2.87
CA VAL A 74 8.02 -6.07 1.92
C VAL A 74 7.82 -7.51 2.40
N LEU A 75 6.55 -7.89 2.56
CA LEU A 75 6.22 -9.24 3.02
C LEU A 75 6.04 -10.18 1.84
N SER A 76 5.10 -9.84 0.96
CA SER A 76 4.82 -10.66 -0.22
C SER A 76 5.25 -9.95 -1.49
N ASP A 77 5.05 -10.62 -2.63
CA ASP A 77 5.42 -10.04 -3.92
C ASP A 77 4.20 -9.54 -4.67
N GLY A 78 3.38 -8.75 -3.99
CA GLY A 78 2.17 -8.22 -4.59
C GLY A 78 0.91 -8.96 -4.17
N PRO A 79 -0.19 -8.70 -4.86
CA PRO A 79 -1.48 -9.34 -4.57
C PRO A 79 -1.49 -10.82 -4.92
N ALA A 80 -0.36 -11.31 -5.44
CA ALA A 80 -0.24 -12.71 -5.82
C ALA A 80 -1.06 -13.02 -7.06
N LEU A 81 -0.84 -12.24 -8.13
CA LEU A 81 -1.57 -12.44 -9.38
C LEU A 81 -0.61 -12.89 -10.48
N HIS A 82 -0.55 -14.20 -10.70
CA HIS A 82 0.31 -14.76 -11.73
C HIS A 82 0.42 -13.82 -12.92
N PRO A 83 1.49 -13.01 -12.94
CA PRO A 83 1.74 -12.04 -14.01
C PRO A 83 2.11 -12.73 -15.33
N ALA A 84 1.37 -12.41 -16.39
CA ALA A 84 1.63 -13.00 -17.70
C ALA A 84 1.39 -11.97 -18.80
N HIS A 85 2.32 -11.93 -19.76
CA HIS A 85 2.21 -10.99 -20.88
C HIS A 85 0.93 -11.24 -21.68
N SER A 86 0.65 -12.51 -21.97
CA SER A 86 -0.55 -12.87 -22.72
C SER A 86 -0.68 -12.02 -23.98
N GLY A 87 0.45 -11.79 -24.66
CA GLY A 87 0.44 -11.00 -25.87
C GLY A 87 1.25 -9.72 -25.72
N PRO A 88 2.58 -9.85 -25.78
CA PRO A 88 3.50 -8.72 -25.66
C PRO A 88 3.45 -7.79 -26.88
N SER A 89 3.06 -8.35 -28.02
CA SER A 89 2.97 -7.57 -29.24
C SER A 89 1.71 -6.71 -29.25
N SER A 90 1.65 -5.77 -30.19
CA SER A 90 0.51 -4.88 -30.31
C SER A 90 -0.29 -5.17 -31.57
N GLY A 91 -1.54 -5.61 -31.38
CA GLY A 91 -2.39 -5.92 -32.51
C GLY A 91 -3.44 -6.97 -32.18
N GLY A 1 0.17 25.77 -9.15
CA GLY A 1 -0.21 25.28 -10.46
C GLY A 1 0.88 24.44 -11.09
N SER A 2 0.50 23.30 -11.66
CA SER A 2 1.44 22.39 -12.29
C SER A 2 1.77 22.85 -13.71
N SER A 3 2.99 22.55 -14.16
CA SER A 3 3.42 22.94 -15.49
C SER A 3 2.46 22.42 -16.56
N GLY A 4 2.10 21.14 -16.45
CA GLY A 4 1.19 20.54 -17.40
C GLY A 4 0.57 19.27 -16.88
N SER A 5 0.45 18.27 -17.77
CA SER A 5 -0.14 16.99 -17.39
C SER A 5 0.01 15.98 -18.51
N SER A 6 -0.45 14.75 -18.28
CA SER A 6 -0.37 13.69 -19.27
C SER A 6 -1.64 13.61 -20.10
N GLY A 7 -2.76 13.37 -19.43
CA GLY A 7 -4.03 13.28 -20.12
C GLY A 7 -5.08 12.52 -19.30
N LEU A 8 -6.35 12.85 -19.52
CA LEU A 8 -7.44 12.20 -18.81
C LEU A 8 -7.36 10.68 -18.98
N SER A 9 -7.10 9.99 -17.87
CA SER A 9 -6.99 8.54 -17.89
C SER A 9 -8.25 7.90 -17.28
N ASN A 10 -8.93 7.08 -18.07
CA ASN A 10 -10.13 6.40 -17.61
C ASN A 10 -9.79 5.11 -16.88
N GLY A 11 -10.43 4.90 -15.73
CA GLY A 11 -10.18 3.70 -14.94
C GLY A 11 -10.03 4.00 -13.46
N GLN A 12 -8.99 3.44 -12.86
CA GLN A 12 -8.74 3.64 -11.44
C GLN A 12 -7.42 4.37 -11.21
N GLY A 13 -6.37 3.90 -11.87
CA GLY A 13 -5.06 4.51 -11.73
C GLY A 13 -3.98 3.50 -11.38
N SER A 14 -3.33 3.70 -10.24
CA SER A 14 -2.27 2.80 -9.79
C SER A 14 -2.85 1.47 -9.30
N ARG A 15 -2.00 0.46 -9.23
CA ARG A 15 -2.43 -0.86 -8.78
C ARG A 15 -1.59 -1.32 -7.59
N VAL A 16 -1.85 -2.55 -7.13
CA VAL A 16 -1.12 -3.11 -6.00
C VAL A 16 0.19 -3.74 -6.45
N LEU A 17 1.31 -3.20 -5.98
CA LEU A 17 2.62 -3.71 -6.33
C LEU A 17 3.08 -4.78 -5.35
N HIS A 18 3.20 -4.40 -4.08
CA HIS A 18 3.62 -5.35 -3.04
C HIS A 18 3.09 -4.90 -1.67
N VAL A 19 2.75 -5.88 -0.84
CA VAL A 19 2.24 -5.59 0.50
C VAL A 19 3.37 -5.44 1.50
N VAL A 20 3.35 -4.33 2.23
CA VAL A 20 4.38 -4.07 3.24
C VAL A 20 3.76 -3.81 4.61
N GLN A 21 4.55 -3.98 5.66
CA GLN A 21 4.09 -3.75 7.02
C GLN A 21 4.93 -2.70 7.72
N THR A 22 4.30 -1.94 8.62
CA THR A 22 5.00 -0.90 9.35
C THR A 22 5.55 -1.43 10.67
N LEU A 23 6.88 -1.45 10.78
CA LEU A 23 7.54 -1.93 12.00
C LEU A 23 7.45 -0.90 13.11
N TYR A 24 7.63 0.37 12.74
CA TYR A 24 7.57 1.46 13.72
C TYR A 24 6.51 2.48 13.34
N PRO A 25 5.86 3.07 14.35
CA PRO A 25 4.81 4.07 14.16
C PRO A 25 5.36 5.39 13.61
N PHE A 26 4.87 5.79 12.44
CA PHE A 26 5.32 7.03 11.81
C PHE A 26 4.14 7.94 11.50
N SER A 27 3.94 8.94 12.34
CA SER A 27 2.84 9.88 12.17
C SER A 27 3.35 11.23 11.69
N SER A 28 2.80 11.72 10.59
CA SER A 28 3.20 13.00 10.03
C SER A 28 2.15 14.06 10.29
N VAL A 29 2.49 15.32 9.99
CA VAL A 29 1.58 16.43 10.21
C VAL A 29 0.90 16.84 8.91
N THR A 30 1.63 16.72 7.80
CA THR A 30 1.12 17.09 6.49
C THR A 30 0.44 15.90 5.82
N GLU A 31 -0.22 16.15 4.69
CA GLU A 31 -0.91 15.09 3.96
C GLU A 31 0.07 14.33 3.07
N GLU A 32 1.06 15.04 2.55
CA GLU A 32 2.06 14.43 1.68
C GLU A 32 2.54 13.09 2.25
N GLU A 33 2.86 13.09 3.53
CA GLU A 33 3.33 11.88 4.20
C GLU A 33 2.15 11.02 4.66
N LEU A 34 2.40 9.72 4.80
CA LEU A 34 1.36 8.79 5.23
C LEU A 34 1.31 8.70 6.74
N ASN A 35 0.10 8.52 7.29
CA ASN A 35 -0.07 8.42 8.73
C ASN A 35 -0.56 7.02 9.12
N PHE A 36 0.25 6.32 9.90
CA PHE A 36 -0.09 4.97 10.35
C PHE A 36 0.44 4.71 11.74
N GLU A 37 0.24 3.48 12.23
CA GLU A 37 0.70 3.11 13.56
C GLU A 37 1.60 1.88 13.50
N LYS A 38 2.09 1.46 14.65
CA LYS A 38 2.98 0.30 14.73
C LYS A 38 2.23 -0.98 14.38
N GLY A 39 2.74 -1.71 13.40
CA GLY A 39 2.10 -2.95 12.98
C GLY A 39 0.94 -2.72 12.05
N GLU A 40 1.12 -1.81 11.10
CA GLU A 40 0.07 -1.49 10.14
C GLU A 40 0.42 -2.01 8.75
N THR A 41 -0.54 -2.66 8.10
CA THR A 41 -0.31 -3.21 6.77
C THR A 41 -0.75 -2.21 5.69
N MET A 42 -0.09 -2.29 4.53
CA MET A 42 -0.41 -1.41 3.42
C MET A 42 -0.05 -2.06 2.08
N GLU A 43 -0.22 -1.31 1.00
CA GLU A 43 0.09 -1.81 -0.33
C GLU A 43 0.80 -0.75 -1.17
N VAL A 44 1.91 -1.14 -1.79
CA VAL A 44 2.68 -0.23 -2.62
C VAL A 44 1.97 0.06 -3.94
N ILE A 45 1.51 1.29 -4.11
CA ILE A 45 0.81 1.69 -5.32
C ILE A 45 1.79 2.21 -6.37
N GLU A 46 2.91 2.76 -5.91
CA GLU A 46 3.92 3.30 -6.81
C GLU A 46 5.21 3.61 -6.06
N LYS A 47 6.29 3.83 -6.80
CA LYS A 47 7.58 4.13 -6.21
C LYS A 47 8.20 5.37 -6.85
N PRO A 48 8.44 6.41 -6.04
CA PRO A 48 9.04 7.66 -6.52
C PRO A 48 10.50 7.50 -6.89
N GLU A 49 10.84 7.85 -8.13
CA GLU A 49 12.21 7.74 -8.61
C GLU A 49 13.11 8.74 -7.91
N ASN A 50 12.86 10.03 -8.13
CA ASN A 50 13.65 11.08 -7.51
C ASN A 50 14.02 10.72 -6.07
N ASP A 51 13.02 10.31 -5.30
CA ASP A 51 13.23 9.92 -3.90
C ASP A 51 13.01 8.43 -3.71
N PRO A 52 14.07 7.63 -3.96
CA PRO A 52 14.01 6.18 -3.82
C PRO A 52 13.90 5.74 -2.36
N GLU A 53 14.35 6.60 -1.45
CA GLU A 53 14.31 6.29 -0.02
C GLU A 53 12.87 6.30 0.48
N TRP A 54 11.96 6.83 -0.33
CA TRP A 54 10.56 6.90 0.03
C TRP A 54 9.71 6.07 -0.92
N TRP A 55 8.61 5.53 -0.41
CA TRP A 55 7.70 4.71 -1.22
C TRP A 55 6.27 5.23 -1.12
N LYS A 56 5.50 5.05 -2.20
CA LYS A 56 4.12 5.49 -2.23
C LYS A 56 3.17 4.34 -1.92
N CYS A 57 2.48 4.45 -0.80
CA CYS A 57 1.54 3.41 -0.37
C CYS A 57 0.20 4.02 0.03
N LYS A 58 -0.76 3.16 0.36
CA LYS A 58 -2.08 3.63 0.77
C LYS A 58 -2.53 2.94 2.05
N ASN A 59 -2.98 3.72 3.02
CA ASN A 59 -3.44 3.18 4.29
C ASN A 59 -4.79 2.49 4.14
N ALA A 60 -5.35 2.05 5.26
CA ALA A 60 -6.64 1.37 5.25
C ALA A 60 -7.79 2.37 5.08
N ARG A 61 -7.48 3.65 5.25
CA ARG A 61 -8.49 4.70 5.12
C ARG A 61 -8.70 5.07 3.66
N GLY A 62 -7.73 4.71 2.81
CA GLY A 62 -7.83 5.01 1.40
C GLY A 62 -7.04 6.25 1.01
N GLN A 63 -6.01 6.56 1.79
CA GLN A 63 -5.19 7.72 1.53
C GLN A 63 -3.76 7.31 1.16
N VAL A 64 -3.17 8.01 0.20
CA VAL A 64 -1.82 7.73 -0.23
C VAL A 64 -0.85 8.82 0.20
N GLY A 65 0.41 8.43 0.41
CA GLY A 65 1.41 9.39 0.82
C GLY A 65 2.82 8.83 0.74
N LEU A 66 3.80 9.64 1.13
CA LEU A 66 5.19 9.22 1.10
C LEU A 66 5.59 8.54 2.40
N VAL A 67 5.90 7.24 2.32
CA VAL A 67 6.29 6.47 3.50
C VAL A 67 7.71 5.93 3.34
N PRO A 68 8.50 6.02 4.42
CA PRO A 68 9.89 5.54 4.42
C PRO A 68 9.97 4.01 4.38
N LYS A 69 10.70 3.50 3.40
CA LYS A 69 10.86 2.06 3.25
C LYS A 69 11.66 1.48 4.41
N ASN A 70 12.43 2.33 5.08
CA ASN A 70 13.24 1.90 6.22
C ASN A 70 12.36 1.55 7.41
N TYR A 71 11.15 2.09 7.44
CA TYR A 71 10.22 1.84 8.53
C TYR A 71 9.31 0.66 8.19
N VAL A 72 9.10 0.43 6.90
CA VAL A 72 8.24 -0.66 6.45
C VAL A 72 9.08 -1.81 5.89
N VAL A 73 8.40 -2.89 5.50
CA VAL A 73 9.08 -4.06 4.96
C VAL A 73 8.16 -4.84 4.02
N VAL A 74 8.72 -5.31 2.92
CA VAL A 74 7.95 -6.08 1.93
C VAL A 74 7.73 -7.50 2.41
N LEU A 75 6.46 -7.89 2.54
CA LEU A 75 6.12 -9.24 2.97
C LEU A 75 5.90 -10.16 1.79
N SER A 76 4.91 -9.85 0.97
CA SER A 76 4.60 -10.65 -0.21
C SER A 76 4.85 -9.87 -1.49
N ASP A 77 4.66 -10.52 -2.63
CA ASP A 77 4.86 -9.89 -3.92
C ASP A 77 3.58 -9.87 -4.73
N GLY A 78 2.80 -8.80 -4.57
CA GLY A 78 1.54 -8.68 -5.29
C GLY A 78 0.35 -9.18 -4.48
N PRO A 79 -0.86 -8.82 -4.92
CA PRO A 79 -2.10 -9.22 -4.25
C PRO A 79 -2.38 -10.70 -4.38
N ALA A 80 -1.45 -11.43 -5.01
CA ALA A 80 -1.61 -12.86 -5.19
C ALA A 80 -2.83 -13.19 -6.06
N LEU A 81 -2.94 -12.51 -7.19
CA LEU A 81 -4.06 -12.71 -8.10
C LEU A 81 -3.58 -13.22 -9.46
N HIS A 82 -2.64 -14.15 -9.44
CA HIS A 82 -2.09 -14.71 -10.67
C HIS A 82 -1.54 -13.61 -11.57
N PRO A 83 -0.65 -12.77 -11.01
CA PRO A 83 -0.04 -11.67 -11.74
C PRO A 83 0.95 -12.15 -12.81
N ALA A 84 1.34 -11.25 -13.69
CA ALA A 84 2.28 -11.59 -14.76
C ALA A 84 3.68 -11.84 -14.20
N HIS A 85 4.55 -12.40 -15.03
CA HIS A 85 5.91 -12.70 -14.62
C HIS A 85 6.82 -11.50 -14.88
N SER A 86 7.11 -10.74 -13.82
CA SER A 86 7.97 -9.57 -13.93
C SER A 86 9.14 -9.65 -12.96
N GLY A 87 10.26 -9.04 -13.33
CA GLY A 87 11.44 -9.06 -12.48
C GLY A 87 12.49 -10.03 -12.97
N PRO A 88 13.34 -10.49 -12.04
CA PRO A 88 14.42 -11.44 -12.38
C PRO A 88 13.89 -12.82 -12.73
N SER A 89 12.57 -12.96 -12.75
CA SER A 89 11.94 -14.23 -13.08
C SER A 89 12.74 -14.97 -14.14
N SER A 90 12.90 -16.28 -13.95
CA SER A 90 13.64 -17.11 -14.88
C SER A 90 12.90 -17.23 -16.22
N GLY A 91 11.65 -16.80 -16.22
CA GLY A 91 10.85 -16.87 -17.44
C GLY A 91 10.80 -18.27 -18.02
N GLY A 1 -23.06 4.10 8.42
CA GLY A 1 -23.46 2.73 8.22
C GLY A 1 -23.63 2.39 6.75
N SER A 2 -22.61 2.69 5.96
CA SER A 2 -22.66 2.41 4.52
C SER A 2 -22.02 1.06 4.21
N SER A 3 -22.80 0.00 4.32
CA SER A 3 -22.31 -1.34 4.05
C SER A 3 -21.86 -1.48 2.60
N GLY A 4 -20.56 -1.64 2.40
CA GLY A 4 -20.03 -1.78 1.06
C GLY A 4 -19.69 -3.21 0.72
N SER A 5 -20.28 -3.72 -0.36
CA SER A 5 -20.04 -5.10 -0.79
C SER A 5 -19.64 -5.14 -2.25
N SER A 6 -18.78 -4.21 -2.65
CA SER A 6 -18.31 -4.14 -4.04
C SER A 6 -16.81 -4.40 -4.11
N GLY A 7 -16.44 -5.57 -4.63
CA GLY A 7 -15.04 -5.92 -4.75
C GLY A 7 -14.78 -6.84 -5.93
N LEU A 8 -13.63 -6.65 -6.58
CA LEU A 8 -13.26 -7.48 -7.73
C LEU A 8 -11.75 -7.50 -7.91
N SER A 9 -11.25 -8.58 -8.50
CA SER A 9 -9.81 -8.72 -8.74
C SER A 9 -9.39 -8.02 -10.02
N ASN A 10 -8.98 -6.77 -9.89
CA ASN A 10 -8.55 -5.98 -11.04
C ASN A 10 -7.35 -5.11 -10.69
N GLY A 11 -6.55 -4.77 -11.69
CA GLY A 11 -5.38 -3.94 -11.48
C GLY A 11 -4.99 -3.13 -12.70
N GLN A 12 -5.45 -1.88 -12.73
CA GLN A 12 -5.15 -1.00 -13.87
C GLN A 12 -4.30 0.18 -13.42
N GLY A 13 -3.29 0.53 -14.22
CA GLY A 13 -2.43 1.65 -13.89
C GLY A 13 -1.75 1.47 -12.54
N SER A 14 -2.25 2.20 -11.54
CA SER A 14 -1.69 2.13 -10.20
C SER A 14 -2.37 1.04 -9.38
N ARG A 15 -1.86 -0.18 -9.47
CA ARG A 15 -2.41 -1.30 -8.75
C ARG A 15 -1.48 -1.74 -7.62
N VAL A 16 -1.90 -2.75 -6.86
CA VAL A 16 -1.11 -3.26 -5.74
C VAL A 16 0.17 -3.91 -6.26
N LEU A 17 1.31 -3.30 -5.95
CA LEU A 17 2.60 -3.83 -6.38
C LEU A 17 3.13 -4.84 -5.37
N HIS A 18 3.28 -4.42 -4.12
CA HIS A 18 3.77 -5.30 -3.07
C HIS A 18 3.24 -4.86 -1.70
N VAL A 19 2.87 -5.84 -0.88
CA VAL A 19 2.35 -5.55 0.45
C VAL A 19 3.47 -5.43 1.47
N VAL A 20 3.50 -4.31 2.19
CA VAL A 20 4.52 -4.07 3.19
C VAL A 20 3.90 -3.87 4.56
N GLN A 21 4.73 -3.92 5.61
CA GLN A 21 4.26 -3.75 6.97
C GLN A 21 5.01 -2.61 7.67
N THR A 22 4.40 -2.05 8.70
CA THR A 22 5.01 -0.96 9.45
C THR A 22 5.62 -1.46 10.76
N LEU A 23 6.95 -1.47 10.81
CA LEU A 23 7.65 -1.92 12.01
C LEU A 23 7.54 -0.91 13.13
N TYR A 24 7.69 0.37 12.78
CA TYR A 24 7.60 1.45 13.77
C TYR A 24 6.50 2.43 13.39
N PRO A 25 5.84 2.99 14.42
CA PRO A 25 4.75 3.96 14.22
C PRO A 25 5.27 5.30 13.70
N PHE A 26 4.73 5.72 12.55
CA PHE A 26 5.13 6.98 11.95
C PHE A 26 3.90 7.81 11.57
N SER A 27 3.85 9.04 12.09
CA SER A 27 2.73 9.93 11.81
C SER A 27 3.16 11.05 10.87
N SER A 28 2.37 11.27 9.81
CA SER A 28 2.67 12.31 8.84
C SER A 28 2.05 13.64 9.25
N VAL A 29 2.91 14.58 9.65
CA VAL A 29 2.45 15.90 10.08
C VAL A 29 1.62 16.57 8.99
N THR A 30 1.80 16.12 7.76
CA THR A 30 1.07 16.67 6.62
C THR A 30 0.44 15.57 5.78
N GLU A 31 -0.22 15.97 4.69
CA GLU A 31 -0.88 15.00 3.81
C GLU A 31 0.15 14.29 2.93
N GLU A 32 1.12 15.05 2.42
CA GLU A 32 2.16 14.49 1.57
C GLU A 32 2.62 13.14 2.11
N GLU A 33 2.93 13.09 3.40
CA GLU A 33 3.38 11.86 4.03
C GLU A 33 2.21 11.00 4.48
N LEU A 34 2.49 9.76 4.86
CA LEU A 34 1.45 8.84 5.30
C LEU A 34 1.47 8.70 6.82
N ASN A 35 0.30 8.49 7.40
CA ASN A 35 0.18 8.33 8.85
C ASN A 35 -0.31 6.93 9.20
N PHE A 36 0.46 6.24 10.04
CA PHE A 36 0.10 4.88 10.46
C PHE A 36 0.62 4.59 11.86
N GLU A 37 0.37 3.39 12.34
CA GLU A 37 0.81 2.98 13.68
C GLU A 37 1.74 1.78 13.59
N LYS A 38 2.14 1.27 14.75
CA LYS A 38 3.03 0.12 14.82
C LYS A 38 2.28 -1.17 14.50
N GLY A 39 2.80 -1.92 13.53
CA GLY A 39 2.17 -3.16 13.13
C GLY A 39 1.01 -2.95 12.19
N GLU A 40 1.20 -2.09 11.19
CA GLU A 40 0.15 -1.79 10.22
C GLU A 40 0.49 -2.39 8.85
N THR A 41 -0.54 -2.64 8.05
CA THR A 41 -0.35 -3.22 6.72
C THR A 41 -0.74 -2.21 5.63
N MET A 42 -0.07 -2.30 4.50
CA MET A 42 -0.35 -1.41 3.37
C MET A 42 0.04 -2.05 2.06
N GLU A 43 -0.20 -1.35 0.96
CA GLU A 43 0.13 -1.86 -0.37
C GLU A 43 0.81 -0.77 -1.21
N VAL A 44 1.94 -1.14 -1.83
CA VAL A 44 2.69 -0.21 -2.66
C VAL A 44 2.00 0.01 -4.00
N ILE A 45 1.52 1.22 -4.21
CA ILE A 45 0.83 1.57 -5.45
C ILE A 45 1.81 2.13 -6.49
N GLU A 46 2.80 2.88 -6.01
CA GLU A 46 3.81 3.46 -6.89
C GLU A 46 5.08 3.79 -6.11
N LYS A 47 6.20 3.74 -6.81
CA LYS A 47 7.50 4.03 -6.20
C LYS A 47 8.14 5.26 -6.82
N PRO A 48 8.35 6.30 -5.99
CA PRO A 48 8.97 7.55 -6.44
C PRO A 48 10.44 7.40 -6.79
N GLU A 49 10.81 7.84 -7.99
CA GLU A 49 12.20 7.74 -8.44
C GLU A 49 13.08 8.74 -7.70
N ASN A 50 12.80 10.03 -7.89
CA ASN A 50 13.57 11.08 -7.24
C ASN A 50 13.86 10.72 -5.79
N ASP A 51 12.82 10.35 -5.06
CA ASP A 51 12.96 9.99 -3.65
C ASP A 51 12.80 8.48 -3.46
N PRO A 52 13.89 7.74 -3.68
CA PRO A 52 13.90 6.28 -3.55
C PRO A 52 13.77 5.84 -2.09
N GLU A 53 14.14 6.72 -1.17
CA GLU A 53 14.05 6.41 0.26
C GLU A 53 12.61 6.41 0.73
N TRP A 54 11.71 6.86 -0.13
CA TRP A 54 10.29 6.91 0.20
C TRP A 54 9.48 6.07 -0.77
N TRP A 55 8.32 5.59 -0.31
CA TRP A 55 7.45 4.77 -1.14
C TRP A 55 6.00 5.25 -1.05
N LYS A 56 5.28 5.16 -2.16
CA LYS A 56 3.88 5.57 -2.21
C LYS A 56 2.95 4.40 -1.90
N CYS A 57 2.26 4.49 -0.77
CA CYS A 57 1.33 3.44 -0.36
C CYS A 57 -0.02 4.03 0.03
N LYS A 58 -1.00 3.15 0.27
CA LYS A 58 -2.33 3.59 0.65
C LYS A 58 -2.74 2.95 1.99
N ASN A 59 -3.13 3.80 2.93
CA ASN A 59 -3.54 3.33 4.25
C ASN A 59 -4.99 2.85 4.22
N ALA A 60 -5.51 2.48 5.39
CA ALA A 60 -6.88 2.00 5.49
C ALA A 60 -7.88 3.10 5.14
N ARG A 61 -7.46 4.35 5.31
CA ARG A 61 -8.32 5.49 5.01
C ARG A 61 -8.38 5.74 3.50
N GLY A 62 -7.66 4.91 2.74
CA GLY A 62 -7.66 5.06 1.30
C GLY A 62 -6.85 6.26 0.84
N GLN A 63 -6.01 6.78 1.73
CA GLN A 63 -5.19 7.93 1.42
C GLN A 63 -3.79 7.50 0.99
N VAL A 64 -3.20 8.25 0.06
CA VAL A 64 -1.86 7.94 -0.43
C VAL A 64 -0.86 9.01 -0.01
N GLY A 65 0.38 8.60 0.24
CA GLY A 65 1.41 9.54 0.65
C GLY A 65 2.80 8.94 0.58
N LEU A 66 3.79 9.70 1.02
CA LEU A 66 5.18 9.25 1.00
C LEU A 66 5.55 8.59 2.33
N VAL A 67 5.75 7.27 2.30
CA VAL A 67 6.11 6.53 3.51
C VAL A 67 7.54 6.02 3.43
N PRO A 68 8.28 6.12 4.54
CA PRO A 68 9.67 5.66 4.62
C PRO A 68 9.79 4.15 4.55
N LYS A 69 10.54 3.67 3.57
CA LYS A 69 10.74 2.23 3.39
C LYS A 69 11.56 1.65 4.54
N ASN A 70 12.60 2.37 4.93
CA ASN A 70 13.47 1.93 6.03
C ASN A 70 12.65 1.61 7.27
N TYR A 71 11.42 2.10 7.31
CA TYR A 71 10.53 1.87 8.45
C TYR A 71 9.60 0.69 8.19
N VAL A 72 9.32 0.44 6.90
CA VAL A 72 8.45 -0.66 6.51
C VAL A 72 9.25 -1.82 5.92
N VAL A 73 8.55 -2.88 5.56
CA VAL A 73 9.19 -4.05 4.97
C VAL A 73 8.23 -4.81 4.06
N VAL A 74 8.74 -5.30 2.94
CA VAL A 74 7.93 -6.05 1.99
C VAL A 74 7.72 -7.49 2.45
N LEU A 75 6.46 -7.88 2.63
CA LEU A 75 6.13 -9.22 3.06
C LEU A 75 5.96 -10.16 1.87
N SER A 76 5.05 -9.81 0.97
CA SER A 76 4.79 -10.62 -0.22
C SER A 76 4.79 -9.75 -1.47
N ASP A 77 4.52 -10.39 -2.61
CA ASP A 77 4.48 -9.67 -3.89
C ASP A 77 3.19 -9.95 -4.63
N GLY A 78 2.26 -8.99 -4.57
CA GLY A 78 0.99 -9.15 -5.24
C GLY A 78 -0.12 -9.53 -4.29
N PRO A 79 -1.34 -9.05 -4.57
CA PRO A 79 -2.52 -9.32 -3.73
C PRO A 79 -2.96 -10.77 -3.82
N ALA A 80 -2.42 -11.61 -2.94
CA ALA A 80 -2.78 -13.02 -2.92
C ALA A 80 -2.61 -13.65 -4.30
N LEU A 81 -1.51 -13.32 -4.96
CA LEU A 81 -1.23 -13.85 -6.29
C LEU A 81 -1.69 -15.30 -6.40
N HIS A 82 -2.20 -15.67 -7.58
CA HIS A 82 -2.68 -17.02 -7.82
C HIS A 82 -3.60 -17.48 -6.70
N PRO A 83 -4.66 -16.69 -6.45
CA PRO A 83 -5.64 -17.00 -5.40
C PRO A 83 -6.51 -18.19 -5.76
N ALA A 84 -7.50 -18.48 -4.91
CA ALA A 84 -8.40 -19.60 -5.13
C ALA A 84 -9.59 -19.19 -5.98
N HIS A 85 -10.44 -20.15 -6.31
CA HIS A 85 -11.63 -19.88 -7.13
C HIS A 85 -12.79 -19.44 -6.25
N SER A 86 -13.25 -20.34 -5.39
CA SER A 86 -14.37 -20.04 -4.50
C SER A 86 -14.26 -20.85 -3.21
N GLY A 87 -14.79 -20.30 -2.12
CA GLY A 87 -14.75 -20.97 -0.84
C GLY A 87 -16.13 -21.41 -0.36
N PRO A 88 -16.26 -21.61 0.95
CA PRO A 88 -17.52 -22.03 1.56
C PRO A 88 -18.58 -20.93 1.52
N SER A 89 -19.81 -21.30 1.18
CA SER A 89 -20.91 -20.34 1.10
C SER A 89 -22.26 -21.06 1.12
N SER A 90 -23.33 -20.29 1.31
CA SER A 90 -24.66 -20.86 1.34
C SER A 90 -24.93 -21.73 0.11
N GLY A 91 -25.90 -22.62 0.23
CA GLY A 91 -26.23 -23.50 -0.87
C GLY A 91 -26.10 -22.81 -2.22
N GLY A 1 -17.66 -11.86 12.53
CA GLY A 1 -17.33 -13.14 11.92
C GLY A 1 -16.07 -13.08 11.10
N SER A 2 -16.15 -13.60 9.87
CA SER A 2 -14.99 -13.61 8.97
C SER A 2 -15.35 -12.99 7.62
N SER A 3 -15.25 -11.66 7.54
CA SER A 3 -15.56 -10.95 6.32
C SER A 3 -14.65 -11.40 5.17
N GLY A 4 -15.21 -11.46 3.96
CA GLY A 4 -14.43 -11.88 2.81
C GLY A 4 -14.74 -11.04 1.58
N SER A 5 -13.74 -10.30 1.11
CA SER A 5 -13.91 -9.46 -0.07
C SER A 5 -12.86 -9.78 -1.13
N SER A 6 -13.29 -10.50 -2.17
CA SER A 6 -12.38 -10.88 -3.25
C SER A 6 -11.45 -9.73 -3.61
N GLY A 7 -12.03 -8.60 -3.98
CA GLY A 7 -11.23 -7.44 -4.34
C GLY A 7 -11.92 -6.56 -5.36
N LEU A 8 -11.70 -6.85 -6.65
CA LEU A 8 -12.31 -6.08 -7.72
C LEU A 8 -12.11 -4.59 -7.50
N SER A 9 -10.88 -4.19 -7.20
CA SER A 9 -10.56 -2.80 -6.97
C SER A 9 -10.45 -2.03 -8.27
N ASN A 10 -10.76 -0.74 -8.23
CA ASN A 10 -10.70 0.11 -9.42
C ASN A 10 -9.56 1.12 -9.32
N GLY A 11 -8.41 0.77 -9.87
CA GLY A 11 -7.26 1.66 -9.82
C GLY A 11 -6.35 1.49 -11.02
N GLN A 12 -6.92 1.58 -12.22
CA GLN A 12 -6.15 1.43 -13.44
C GLN A 12 -4.81 2.15 -13.33
N GLY A 13 -3.77 1.53 -13.88
CA GLY A 13 -2.44 2.13 -13.82
C GLY A 13 -1.75 1.90 -12.51
N SER A 14 -2.38 2.34 -11.43
CA SER A 14 -1.82 2.19 -10.09
C SER A 14 -2.48 1.02 -9.35
N ARG A 15 -1.86 -0.15 -9.44
CA ARG A 15 -2.38 -1.34 -8.77
C ARG A 15 -1.48 -1.76 -7.63
N VAL A 16 -1.88 -2.83 -6.94
CA VAL A 16 -1.10 -3.35 -5.82
C VAL A 16 0.22 -3.94 -6.29
N LEU A 17 1.32 -3.26 -5.97
CA LEU A 17 2.64 -3.73 -6.36
C LEU A 17 3.18 -4.75 -5.37
N HIS A 18 3.33 -4.35 -4.11
CA HIS A 18 3.82 -5.23 -3.07
C HIS A 18 3.28 -4.81 -1.70
N VAL A 19 2.84 -5.80 -0.92
CA VAL A 19 2.31 -5.54 0.41
C VAL A 19 3.42 -5.41 1.44
N VAL A 20 3.45 -4.29 2.15
CA VAL A 20 4.46 -4.04 3.17
C VAL A 20 3.81 -3.78 4.53
N GLN A 21 4.58 -4.02 5.59
CA GLN A 21 4.09 -3.81 6.95
C GLN A 21 4.88 -2.71 7.65
N THR A 22 4.29 -2.12 8.68
CA THR A 22 4.95 -1.06 9.43
C THR A 22 5.50 -1.59 10.75
N LEU A 23 6.82 -1.61 10.87
CA LEU A 23 7.48 -2.09 12.09
C LEU A 23 7.34 -1.07 13.22
N TYR A 24 7.50 0.20 12.87
CA TYR A 24 7.40 1.27 13.87
C TYR A 24 6.35 2.29 13.46
N PRO A 25 5.63 2.84 14.45
CA PRO A 25 4.58 3.84 14.21
C PRO A 25 5.16 5.18 13.76
N PHE A 26 4.60 5.72 12.68
CA PHE A 26 5.06 7.00 12.14
C PHE A 26 3.87 7.91 11.82
N SER A 27 4.04 9.20 12.08
CA SER A 27 3.00 10.17 11.84
C SER A 27 3.38 11.11 10.70
N SER A 28 2.41 11.42 9.84
CA SER A 28 2.64 12.30 8.71
C SER A 28 2.44 13.76 9.10
N VAL A 29 3.51 14.54 9.01
CA VAL A 29 3.46 15.96 9.36
C VAL A 29 2.65 16.74 8.34
N THR A 30 2.70 16.29 7.09
CA THR A 30 1.96 16.96 6.01
C THR A 30 1.07 15.97 5.27
N GLU A 31 0.12 16.50 4.52
CA GLU A 31 -0.81 15.67 3.75
C GLU A 31 -0.06 14.82 2.73
N GLU A 32 1.22 15.10 2.56
CA GLU A 32 2.05 14.37 1.61
C GLU A 32 2.47 13.01 2.18
N GLU A 33 2.86 13.02 3.46
CA GLU A 33 3.28 11.79 4.12
C GLU A 33 2.09 10.93 4.51
N LEU A 34 2.35 9.71 4.95
CA LEU A 34 1.29 8.79 5.35
C LEU A 34 1.28 8.60 6.87
N ASN A 35 0.08 8.46 7.43
CA ASN A 35 -0.06 8.27 8.87
C ASN A 35 -0.49 6.84 9.19
N PHE A 36 0.28 6.18 10.03
CA PHE A 36 -0.01 4.80 10.40
C PHE A 36 0.47 4.51 11.82
N GLU A 37 0.26 3.27 12.28
CA GLU A 37 0.68 2.88 13.62
C GLU A 37 1.52 1.61 13.57
N LYS A 38 2.06 1.21 14.72
CA LYS A 38 2.87 0.01 14.81
C LYS A 38 2.07 -1.23 14.43
N GLY A 39 2.59 -2.00 13.48
CA GLY A 39 1.91 -3.22 13.05
C GLY A 39 0.78 -2.92 12.08
N GLU A 40 1.06 -2.09 11.09
CA GLU A 40 0.05 -1.72 10.09
C GLU A 40 0.45 -2.24 8.72
N THR A 41 -0.51 -2.82 8.01
CA THR A 41 -0.26 -3.36 6.67
C THR A 41 -0.65 -2.35 5.59
N MET A 42 0.02 -2.43 4.44
CA MET A 42 -0.26 -1.52 3.34
C MET A 42 0.14 -2.15 2.01
N GLU A 43 -0.12 -1.44 0.92
CA GLU A 43 0.20 -1.94 -0.41
C GLU A 43 0.87 -0.84 -1.25
N VAL A 44 2.01 -1.17 -1.84
CA VAL A 44 2.75 -0.22 -2.66
C VAL A 44 2.00 0.07 -3.96
N ILE A 45 1.55 1.30 -4.13
CA ILE A 45 0.84 1.70 -5.33
C ILE A 45 1.79 2.27 -6.38
N GLU A 46 2.79 3.01 -5.93
CA GLU A 46 3.77 3.60 -6.83
C GLU A 46 5.09 3.82 -6.12
N LYS A 47 6.16 3.94 -6.90
CA LYS A 47 7.51 4.15 -6.35
C LYS A 47 8.21 5.30 -7.06
N PRO A 48 8.28 6.46 -6.40
CA PRO A 48 8.93 7.66 -6.96
C PRO A 48 10.45 7.50 -7.05
N GLU A 49 10.99 7.71 -8.24
CA GLU A 49 12.42 7.59 -8.47
C GLU A 49 13.18 8.67 -7.69
N ASN A 50 12.84 9.93 -7.97
CA ASN A 50 13.48 11.06 -7.31
C ASN A 50 13.76 10.74 -5.84
N ASP A 51 12.72 10.33 -5.12
CA ASP A 51 12.85 10.01 -3.71
C ASP A 51 12.76 8.50 -3.49
N PRO A 52 13.90 7.80 -3.66
CA PRO A 52 13.98 6.35 -3.49
C PRO A 52 13.81 5.93 -2.03
N GLU A 53 14.05 6.85 -1.12
CA GLU A 53 13.94 6.57 0.31
C GLU A 53 12.47 6.60 0.75
N TRP A 54 11.61 7.12 -0.12
CA TRP A 54 10.19 7.21 0.17
C TRP A 54 9.38 6.37 -0.80
N TRP A 55 8.30 5.76 -0.31
CA TRP A 55 7.44 4.93 -1.14
C TRP A 55 5.99 5.37 -1.03
N LYS A 56 5.23 5.18 -2.11
CA LYS A 56 3.82 5.56 -2.13
C LYS A 56 2.94 4.36 -1.80
N CYS A 57 2.26 4.44 -0.67
CA CYS A 57 1.37 3.35 -0.24
C CYS A 57 0.00 3.89 0.17
N LYS A 58 -0.94 3.00 0.42
CA LYS A 58 -2.29 3.38 0.81
C LYS A 58 -2.65 2.79 2.17
N ASN A 59 -3.00 3.66 3.11
CA ASN A 59 -3.37 3.22 4.45
C ASN A 59 -4.78 2.63 4.47
N ALA A 60 -5.25 2.28 5.66
CA ALA A 60 -6.58 1.71 5.82
C ALA A 60 -7.66 2.71 5.40
N ARG A 61 -7.38 3.99 5.60
CA ARG A 61 -8.32 5.05 5.26
C ARG A 61 -8.46 5.18 3.74
N GLY A 62 -7.50 4.62 3.02
CA GLY A 62 -7.52 4.69 1.57
C GLY A 62 -6.73 5.86 1.03
N GLN A 63 -6.06 6.59 1.92
CA GLN A 63 -5.26 7.74 1.52
C GLN A 63 -3.87 7.30 1.08
N VAL A 64 -3.25 8.11 0.24
CA VAL A 64 -1.90 7.82 -0.27
C VAL A 64 -0.92 8.91 0.13
N GLY A 65 0.34 8.53 0.32
CA GLY A 65 1.35 9.49 0.70
C GLY A 65 2.75 8.91 0.62
N LEU A 66 3.73 9.67 1.09
CA LEU A 66 5.12 9.23 1.08
C LEU A 66 5.51 8.60 2.40
N VAL A 67 5.75 7.29 2.38
CA VAL A 67 6.14 6.56 3.59
C VAL A 67 7.57 6.07 3.51
N PRO A 68 8.31 6.19 4.62
CA PRO A 68 9.71 5.76 4.70
C PRO A 68 9.85 4.24 4.65
N LYS A 69 10.57 3.76 3.64
CA LYS A 69 10.78 2.32 3.48
C LYS A 69 11.60 1.76 4.65
N ASN A 70 12.44 2.60 5.23
CA ASN A 70 13.27 2.19 6.36
C ASN A 70 12.41 1.86 7.58
N TYR A 71 11.12 2.18 7.50
CA TYR A 71 10.20 1.92 8.59
C TYR A 71 9.30 0.74 8.27
N VAL A 72 9.11 0.47 6.98
CA VAL A 72 8.27 -0.64 6.54
C VAL A 72 9.12 -1.77 5.98
N VAL A 73 8.46 -2.82 5.51
CA VAL A 73 9.15 -3.98 4.95
C VAL A 73 8.24 -4.74 3.98
N VAL A 74 8.82 -5.23 2.89
CA VAL A 74 8.07 -5.97 1.89
C VAL A 74 7.83 -7.41 2.34
N LEU A 75 6.56 -7.77 2.50
CA LEU A 75 6.19 -9.11 2.93
C LEU A 75 5.98 -10.03 1.73
N SER A 76 5.10 -9.60 0.83
CA SER A 76 4.79 -10.38 -0.37
C SER A 76 4.74 -9.48 -1.60
N ASP A 77 4.44 -10.08 -2.75
CA ASP A 77 4.35 -9.34 -4.01
C ASP A 77 3.07 -9.70 -4.76
N GLY A 78 2.25 -8.69 -5.03
CA GLY A 78 1.01 -8.92 -5.75
C GLY A 78 -0.15 -9.19 -4.81
N PRO A 79 -1.36 -8.78 -5.22
CA PRO A 79 -2.58 -8.97 -4.42
C PRO A 79 -2.99 -10.44 -4.35
N ALA A 80 -2.46 -11.15 -3.37
CA ALA A 80 -2.78 -12.56 -3.19
C ALA A 80 -2.19 -13.40 -4.30
N LEU A 81 -0.96 -13.09 -4.70
CA LEU A 81 -0.29 -13.82 -5.76
C LEU A 81 0.64 -14.90 -5.18
N HIS A 82 0.67 -16.06 -5.83
CA HIS A 82 1.51 -17.16 -5.38
C HIS A 82 2.75 -17.29 -6.26
N PRO A 83 3.88 -17.66 -5.64
CA PRO A 83 5.15 -17.82 -6.34
C PRO A 83 5.16 -19.03 -7.26
N ALA A 84 5.52 -18.82 -8.51
CA ALA A 84 5.57 -19.90 -9.49
C ALA A 84 6.56 -20.98 -9.08
N HIS A 85 6.12 -22.23 -9.12
CA HIS A 85 6.98 -23.35 -8.75
C HIS A 85 8.23 -23.38 -9.61
N SER A 86 8.06 -23.25 -10.92
CA SER A 86 9.18 -23.28 -11.85
C SER A 86 9.19 -22.01 -12.71
N GLY A 87 10.34 -21.74 -13.32
CA GLY A 87 10.47 -20.55 -14.16
C GLY A 87 11.88 -20.37 -14.68
N PRO A 88 12.79 -19.94 -13.79
CA PRO A 88 14.19 -19.71 -14.13
C PRO A 88 14.94 -21.01 -14.42
N SER A 89 16.12 -20.89 -15.02
CA SER A 89 16.94 -22.04 -15.36
C SER A 89 18.22 -22.07 -14.52
N SER A 90 18.86 -23.23 -14.47
CA SER A 90 20.09 -23.39 -13.72
C SER A 90 21.26 -22.71 -14.43
N GLY A 91 22.35 -22.49 -13.69
CA GLY A 91 23.51 -21.86 -14.27
C GLY A 91 23.80 -20.49 -13.68
N GLY A 1 -31.96 0.84 -1.71
CA GLY A 1 -31.73 0.93 -0.28
C GLY A 1 -30.49 0.20 0.15
N SER A 2 -29.33 0.71 -0.26
CA SER A 2 -28.05 0.10 0.08
C SER A 2 -27.24 1.01 1.01
N SER A 3 -27.40 0.79 2.31
CA SER A 3 -26.70 1.60 3.30
C SER A 3 -25.18 1.42 3.16
N GLY A 4 -24.47 2.53 3.09
CA GLY A 4 -23.02 2.49 2.96
C GLY A 4 -22.58 2.08 1.57
N SER A 5 -21.64 2.83 1.00
CA SER A 5 -21.14 2.53 -0.34
C SER A 5 -20.14 1.39 -0.31
N SER A 6 -20.42 0.35 -1.08
CA SER A 6 -19.55 -0.82 -1.14
C SER A 6 -19.04 -1.05 -2.56
N GLY A 7 -18.01 -1.88 -2.69
CA GLY A 7 -17.45 -2.17 -3.99
C GLY A 7 -17.17 -0.92 -4.79
N LEU A 8 -15.93 -0.45 -4.76
CA LEU A 8 -15.54 0.76 -5.48
C LEU A 8 -14.39 0.46 -6.43
N SER A 9 -14.68 0.45 -7.74
CA SER A 9 -13.67 0.18 -8.75
C SER A 9 -13.75 1.21 -9.88
N ASN A 10 -13.15 2.37 -9.65
CA ASN A 10 -13.15 3.44 -10.64
C ASN A 10 -11.74 3.98 -10.86
N GLY A 11 -11.36 4.15 -12.12
CA GLY A 11 -10.05 4.67 -12.44
C GLY A 11 -8.95 3.65 -12.17
N GLN A 12 -8.60 2.87 -13.20
CA GLN A 12 -7.57 1.85 -13.07
C GLN A 12 -6.44 2.34 -12.17
N GLY A 13 -6.00 3.58 -12.40
CA GLY A 13 -4.92 4.13 -11.59
C GLY A 13 -3.78 3.17 -11.39
N SER A 14 -3.27 3.09 -10.17
CA SER A 14 -2.17 2.20 -9.85
C SER A 14 -2.67 0.90 -9.22
N ARG A 15 -1.97 -0.19 -9.50
CA ARG A 15 -2.34 -1.49 -8.97
C ARG A 15 -1.42 -1.91 -7.83
N VAL A 16 -1.88 -2.86 -7.02
CA VAL A 16 -1.09 -3.34 -5.89
C VAL A 16 0.25 -3.90 -6.35
N LEU A 17 1.33 -3.26 -5.92
CA LEU A 17 2.68 -3.69 -6.29
C LEU A 17 3.19 -4.74 -5.32
N HIS A 18 3.31 -4.36 -4.05
CA HIS A 18 3.80 -5.28 -3.02
C HIS A 18 3.26 -4.88 -1.65
N VAL A 19 2.79 -5.87 -0.90
CA VAL A 19 2.26 -5.62 0.44
C VAL A 19 3.37 -5.49 1.47
N VAL A 20 3.35 -4.39 2.21
CA VAL A 20 4.36 -4.14 3.23
C VAL A 20 3.72 -3.86 4.59
N GLN A 21 4.52 -3.95 5.64
CA GLN A 21 4.03 -3.71 6.99
C GLN A 21 4.85 -2.62 7.69
N THR A 22 4.28 -2.03 8.74
CA THR A 22 4.96 -0.98 9.48
C THR A 22 5.53 -1.52 10.78
N LEU A 23 6.86 -1.50 10.90
CA LEU A 23 7.54 -1.99 12.09
C LEU A 23 7.46 -0.95 13.21
N TYR A 24 7.66 0.30 12.86
CA TYR A 24 7.61 1.39 13.84
C TYR A 24 6.55 2.41 13.47
N PRO A 25 5.95 3.04 14.50
CA PRO A 25 4.91 4.05 14.30
C PRO A 25 5.46 5.34 13.70
N PHE A 26 4.72 5.91 12.74
CA PHE A 26 5.14 7.14 12.09
C PHE A 26 3.92 7.98 11.71
N SER A 27 3.85 9.19 12.26
CA SER A 27 2.74 10.10 11.98
C SER A 27 3.14 11.15 10.96
N SER A 28 2.33 11.32 9.93
CA SER A 28 2.60 12.29 8.87
C SER A 28 2.07 13.67 9.27
N VAL A 29 2.98 14.55 9.68
CA VAL A 29 2.60 15.90 10.07
C VAL A 29 1.87 16.62 8.95
N THR A 30 2.06 16.15 7.72
CA THR A 30 1.43 16.75 6.56
C THR A 30 0.62 15.72 5.79
N GLU A 31 0.07 16.14 4.64
CA GLU A 31 -0.73 15.24 3.81
C GLU A 31 0.17 14.40 2.91
N GLU A 32 1.22 15.01 2.37
CA GLU A 32 2.15 14.31 1.50
C GLU A 32 2.57 12.98 2.10
N GLU A 33 2.95 13.00 3.37
CA GLU A 33 3.37 11.79 4.07
C GLU A 33 2.17 10.95 4.49
N LEU A 34 2.41 9.68 4.77
CA LEU A 34 1.35 8.77 5.18
C LEU A 34 1.31 8.62 6.70
N ASN A 35 0.11 8.49 7.26
CA ASN A 35 -0.05 8.34 8.70
C ASN A 35 -0.43 6.91 9.05
N PHE A 36 0.35 6.30 9.94
CA PHE A 36 0.11 4.92 10.37
C PHE A 36 0.66 4.68 11.77
N GLU A 37 0.42 3.48 12.29
CA GLU A 37 0.89 3.12 13.62
C GLU A 37 1.77 1.87 13.57
N LYS A 38 2.19 1.40 14.73
CA LYS A 38 3.03 0.21 14.83
C LYS A 38 2.21 -1.04 14.51
N GLY A 39 2.67 -1.81 13.53
CA GLY A 39 1.98 -3.03 13.15
C GLY A 39 0.84 -2.77 12.19
N GLU A 40 1.10 -1.96 11.18
CA GLU A 40 0.08 -1.63 10.18
C GLU A 40 0.45 -2.18 8.81
N THR A 41 -0.55 -2.65 8.07
CA THR A 41 -0.33 -3.21 6.75
C THR A 41 -0.73 -2.22 5.66
N MET A 42 -0.04 -2.28 4.52
CA MET A 42 -0.32 -1.40 3.40
C MET A 42 0.10 -2.03 2.08
N GLU A 43 -0.24 -1.38 0.97
CA GLU A 43 0.10 -1.89 -0.35
C GLU A 43 0.77 -0.80 -1.18
N VAL A 44 1.91 -1.14 -1.79
CA VAL A 44 2.64 -0.19 -2.62
C VAL A 44 1.93 0.04 -3.96
N ILE A 45 1.46 1.26 -4.16
CA ILE A 45 0.76 1.61 -5.40
C ILE A 45 1.72 2.19 -6.43
N GLU A 46 2.72 2.94 -5.95
CA GLU A 46 3.70 3.55 -6.82
C GLU A 46 5.01 3.82 -6.07
N LYS A 47 6.08 4.04 -6.84
CA LYS A 47 7.39 4.31 -6.25
C LYS A 47 8.07 5.48 -6.95
N PRO A 48 8.31 6.56 -6.18
CA PRO A 48 8.96 7.76 -6.72
C PRO A 48 10.43 7.54 -7.04
N GLU A 49 10.85 7.95 -8.23
CA GLU A 49 12.23 7.79 -8.66
C GLU A 49 13.14 8.79 -7.95
N ASN A 50 12.71 10.05 -7.92
CA ASN A 50 13.48 11.10 -7.28
C ASN A 50 13.75 10.76 -5.81
N ASP A 51 12.71 10.33 -5.11
CA ASP A 51 12.84 9.96 -3.71
C ASP A 51 12.77 8.46 -3.53
N PRO A 52 13.92 7.78 -3.72
CA PRO A 52 14.02 6.33 -3.59
C PRO A 52 13.89 5.87 -2.14
N GLU A 53 14.32 6.73 -1.21
CA GLU A 53 14.25 6.40 0.21
C GLU A 53 12.80 6.43 0.70
N TRP A 54 11.89 6.78 -0.19
CA TRP A 54 10.47 6.84 0.16
C TRP A 54 9.64 6.01 -0.81
N TRP A 55 8.47 5.58 -0.35
CA TRP A 55 7.58 4.77 -1.18
C TRP A 55 6.14 5.28 -1.09
N LYS A 56 5.38 5.09 -2.16
CA LYS A 56 3.98 5.53 -2.19
C LYS A 56 3.05 4.36 -1.89
N CYS A 57 2.35 4.46 -0.76
CA CYS A 57 1.42 3.41 -0.34
C CYS A 57 0.07 4.01 0.05
N LYS A 58 -0.90 3.14 0.30
CA LYS A 58 -2.24 3.58 0.68
C LYS A 58 -2.68 2.91 1.98
N ASN A 59 -3.03 3.73 2.97
CA ASN A 59 -3.48 3.22 4.26
C ASN A 59 -4.87 2.62 4.15
N ALA A 60 -5.42 2.21 5.30
CA ALA A 60 -6.76 1.62 5.34
C ALA A 60 -7.83 2.68 5.08
N ARG A 61 -7.49 3.94 5.36
CA ARG A 61 -8.42 5.04 5.16
C ARG A 61 -8.59 5.36 3.68
N GLY A 62 -7.68 4.83 2.87
CA GLY A 62 -7.73 5.07 1.43
C GLY A 62 -6.97 6.31 1.01
N GLN A 63 -5.95 6.67 1.80
CA GLN A 63 -5.13 7.84 1.51
C GLN A 63 -3.73 7.42 1.09
N VAL A 64 -3.18 8.13 0.10
CA VAL A 64 -1.84 7.84 -0.40
C VAL A 64 -0.85 8.91 0.04
N GLY A 65 0.40 8.51 0.24
CA GLY A 65 1.43 9.46 0.65
C GLY A 65 2.82 8.87 0.57
N LEU A 66 3.80 9.62 1.07
CA LEU A 66 5.19 9.15 1.05
C LEU A 66 5.57 8.51 2.37
N VAL A 67 5.81 7.20 2.34
CA VAL A 67 6.18 6.47 3.54
C VAL A 67 7.62 5.96 3.45
N PRO A 68 8.36 6.07 4.57
CA PRO A 68 9.75 5.63 4.64
C PRO A 68 9.88 4.11 4.58
N LYS A 69 10.59 3.61 3.57
CA LYS A 69 10.79 2.18 3.41
C LYS A 69 11.64 1.62 4.54
N ASN A 70 12.46 2.47 5.15
CA ASN A 70 13.32 2.05 6.25
C ASN A 70 12.50 1.71 7.49
N TYR A 71 11.22 2.07 7.45
CA TYR A 71 10.33 1.80 8.57
C TYR A 71 9.40 0.64 8.26
N VAL A 72 9.18 0.39 6.97
CA VAL A 72 8.31 -0.70 6.54
C VAL A 72 9.13 -1.87 5.99
N VAL A 73 8.43 -2.90 5.53
CA VAL A 73 9.09 -4.08 4.97
C VAL A 73 8.17 -4.82 4.01
N VAL A 74 8.74 -5.33 2.92
CA VAL A 74 7.97 -6.06 1.92
C VAL A 74 7.74 -7.50 2.37
N LEU A 75 6.47 -7.86 2.55
CA LEU A 75 6.11 -9.21 2.97
C LEU A 75 5.99 -10.14 1.77
N SER A 76 5.17 -9.76 0.80
CA SER A 76 4.96 -10.55 -0.40
C SER A 76 4.97 -9.67 -1.65
N ASP A 77 4.72 -10.29 -2.80
CA ASP A 77 4.71 -9.57 -4.07
C ASP A 77 3.40 -9.82 -4.81
N GLY A 78 2.72 -8.75 -5.19
CA GLY A 78 1.47 -8.88 -5.91
C GLY A 78 0.34 -9.37 -5.03
N PRO A 79 -0.90 -8.97 -5.36
CA PRO A 79 -2.08 -9.36 -4.59
C PRO A 79 -2.42 -10.84 -4.76
N ALA A 80 -2.02 -11.41 -5.89
CA ALA A 80 -2.28 -12.82 -6.16
C ALA A 80 -3.70 -13.20 -5.79
N LEU A 81 -4.66 -12.41 -6.25
CA LEU A 81 -6.07 -12.67 -5.97
C LEU A 81 -6.78 -13.24 -7.19
N HIS A 82 -7.05 -14.54 -7.17
CA HIS A 82 -7.73 -15.20 -8.27
C HIS A 82 -8.81 -16.14 -7.75
N PRO A 83 -9.94 -16.21 -8.48
CA PRO A 83 -11.07 -17.06 -8.12
C PRO A 83 -10.76 -18.54 -8.30
N ALA A 84 -10.45 -19.21 -7.19
CA ALA A 84 -10.12 -20.63 -7.21
C ALA A 84 -11.19 -21.41 -7.97
N HIS A 85 -10.74 -22.25 -8.91
CA HIS A 85 -11.65 -23.06 -9.71
C HIS A 85 -11.78 -24.47 -9.12
N SER A 86 -12.94 -24.76 -8.52
CA SER A 86 -13.18 -26.06 -7.93
C SER A 86 -14.65 -26.47 -8.07
N GLY A 87 -14.90 -27.44 -8.94
CA GLY A 87 -16.26 -27.91 -9.15
C GLY A 87 -16.32 -29.23 -9.88
N PRO A 88 -17.11 -30.16 -9.36
CA PRO A 88 -17.27 -31.50 -9.94
C PRO A 88 -18.03 -31.46 -11.27
N SER A 89 -17.28 -31.51 -12.37
CA SER A 89 -17.87 -31.48 -13.70
C SER A 89 -16.83 -31.79 -14.77
N SER A 90 -17.29 -31.97 -16.00
CA SER A 90 -16.40 -32.28 -17.12
C SER A 90 -15.08 -31.50 -17.00
N GLY A 91 -15.20 -30.20 -16.74
CA GLY A 91 -14.01 -29.38 -16.61
C GLY A 91 -13.65 -28.67 -17.90
N GLY A 1 -9.33 -3.44 13.10
CA GLY A 1 -10.76 -3.18 13.20
C GLY A 1 -11.31 -2.55 11.94
N SER A 2 -12.63 -2.38 11.89
CA SER A 2 -13.29 -1.80 10.73
C SER A 2 -13.76 -0.38 11.04
N SER A 3 -14.37 -0.21 12.20
CA SER A 3 -14.88 1.10 12.62
C SER A 3 -15.43 1.87 11.42
N GLY A 4 -16.15 1.16 10.56
CA GLY A 4 -16.72 1.79 9.38
C GLY A 4 -15.87 1.60 8.14
N SER A 5 -16.46 1.00 7.11
CA SER A 5 -15.74 0.75 5.87
C SER A 5 -16.70 0.69 4.69
N SER A 6 -16.58 1.65 3.78
CA SER A 6 -17.44 1.72 2.60
C SER A 6 -16.64 2.15 1.36
N GLY A 7 -17.25 1.98 0.20
CA GLY A 7 -16.60 2.35 -1.04
C GLY A 7 -16.95 1.44 -2.19
N LEU A 8 -17.35 2.02 -3.31
CA LEU A 8 -17.74 1.25 -4.49
C LEU A 8 -16.71 1.42 -5.61
N SER A 9 -15.43 1.39 -5.24
CA SER A 9 -14.36 1.55 -6.21
C SER A 9 -13.96 0.19 -6.80
N ASN A 10 -14.36 -0.04 -8.05
CA ASN A 10 -14.05 -1.29 -8.74
C ASN A 10 -12.54 -1.47 -8.88
N GLY A 11 -11.86 -0.41 -9.32
CA GLY A 11 -10.43 -0.46 -9.50
C GLY A 11 -10.00 -0.11 -10.91
N GLN A 12 -9.20 0.94 -11.04
CA GLN A 12 -8.72 1.38 -12.34
C GLN A 12 -7.50 2.29 -12.19
N GLY A 13 -6.39 1.88 -12.80
CA GLY A 13 -5.17 2.66 -12.73
C GLY A 13 -4.11 2.01 -11.86
N SER A 14 -3.59 2.77 -10.90
CA SER A 14 -2.55 2.25 -10.01
C SER A 14 -3.00 0.94 -9.36
N ARG A 15 -2.16 -0.08 -9.47
CA ARG A 15 -2.46 -1.39 -8.91
C ARG A 15 -1.51 -1.70 -7.75
N VAL A 16 -1.73 -2.84 -7.10
CA VAL A 16 -0.91 -3.27 -5.97
C VAL A 16 0.44 -3.82 -6.45
N LEU A 17 1.51 -3.26 -5.93
CA LEU A 17 2.86 -3.71 -6.30
C LEU A 17 3.38 -4.76 -5.32
N HIS A 18 3.46 -4.39 -4.05
CA HIS A 18 3.93 -5.31 -3.02
C HIS A 18 3.35 -4.93 -1.65
N VAL A 19 3.06 -5.95 -0.85
CA VAL A 19 2.50 -5.73 0.48
C VAL A 19 3.60 -5.55 1.52
N VAL A 20 3.62 -4.38 2.16
CA VAL A 20 4.62 -4.09 3.18
C VAL A 20 3.97 -3.87 4.55
N GLN A 21 4.76 -4.04 5.60
CA GLN A 21 4.26 -3.87 6.96
C GLN A 21 5.03 -2.77 7.68
N THR A 22 4.38 -2.14 8.65
CA THR A 22 5.01 -1.06 9.41
C THR A 22 5.56 -1.60 10.73
N LEU A 23 6.87 -1.53 10.88
CA LEU A 23 7.53 -2.00 12.10
C LEU A 23 7.40 -0.98 13.22
N TYR A 24 7.52 0.29 12.87
CA TYR A 24 7.41 1.36 13.86
C TYR A 24 6.32 2.36 13.46
N PRO A 25 5.63 2.91 14.47
CA PRO A 25 4.55 3.88 14.25
C PRO A 25 5.07 5.22 13.73
N PHE A 26 4.50 5.67 12.62
CA PHE A 26 4.91 6.94 12.02
C PHE A 26 3.70 7.85 11.80
N SER A 27 3.73 9.01 12.44
CA SER A 27 2.64 9.97 12.33
C SER A 27 3.14 11.32 11.82
N SER A 28 3.27 11.44 10.50
CA SER A 28 3.75 12.68 9.90
C SER A 28 2.88 13.87 10.31
N VAL A 29 3.17 15.03 9.76
CA VAL A 29 2.43 16.24 10.07
C VAL A 29 1.74 16.80 8.83
N THR A 30 2.28 16.46 7.66
CA THR A 30 1.73 16.93 6.39
C THR A 30 0.92 15.83 5.70
N GLU A 31 0.09 16.21 4.75
CA GLU A 31 -0.73 15.26 4.01
C GLU A 31 0.13 14.39 3.10
N GLU A 32 1.10 15.02 2.44
CA GLU A 32 2.00 14.32 1.53
C GLU A 32 2.40 12.96 2.11
N GLU A 33 2.89 12.98 3.35
CA GLU A 33 3.31 11.75 4.02
C GLU A 33 2.10 10.92 4.44
N LEU A 34 2.34 9.65 4.74
CA LEU A 34 1.28 8.74 5.16
C LEU A 34 1.22 8.64 6.68
N ASN A 35 0.01 8.46 7.21
CA ASN A 35 -0.18 8.34 8.65
C ASN A 35 -0.66 6.94 9.02
N PHE A 36 0.12 6.24 9.83
CA PHE A 36 -0.22 4.89 10.27
C PHE A 36 0.29 4.62 11.68
N GLU A 37 0.10 3.40 12.15
CA GLU A 37 0.53 3.02 13.48
C GLU A 37 1.47 1.81 13.43
N LYS A 38 1.86 1.32 14.60
CA LYS A 38 2.75 0.17 14.69
C LYS A 38 2.01 -1.12 14.33
N GLY A 39 2.59 -1.89 13.41
CA GLY A 39 1.98 -3.14 13.00
C GLY A 39 0.80 -2.92 12.05
N GLU A 40 1.00 -2.06 11.06
CA GLU A 40 -0.04 -1.77 10.09
C GLU A 40 0.35 -2.25 8.70
N THR A 41 -0.59 -2.89 8.01
CA THR A 41 -0.35 -3.41 6.67
C THR A 41 -0.75 -2.40 5.61
N MET A 42 -0.08 -2.46 4.46
CA MET A 42 -0.39 -1.55 3.36
C MET A 42 0.01 -2.17 2.02
N GLU A 43 -0.15 -1.41 0.94
CA GLU A 43 0.18 -1.88 -0.39
C GLU A 43 0.83 -0.78 -1.21
N VAL A 44 1.99 -1.09 -1.80
CA VAL A 44 2.72 -0.13 -2.61
C VAL A 44 2.00 0.13 -3.93
N ILE A 45 1.50 1.35 -4.09
CA ILE A 45 0.78 1.74 -5.30
C ILE A 45 1.74 2.32 -6.34
N GLU A 46 2.80 2.97 -5.86
CA GLU A 46 3.78 3.57 -6.75
C GLU A 46 5.06 3.91 -5.99
N LYS A 47 6.15 4.15 -6.73
CA LYS A 47 7.43 4.48 -6.12
C LYS A 47 8.06 5.68 -6.83
N PRO A 48 8.25 6.77 -6.07
CA PRO A 48 8.86 7.99 -6.60
C PRO A 48 10.34 7.83 -6.91
N GLU A 49 10.63 7.42 -8.14
CA GLU A 49 12.01 7.22 -8.57
C GLU A 49 12.94 8.23 -7.90
N ASN A 50 12.80 9.50 -8.29
CA ASN A 50 13.62 10.57 -7.74
C ASN A 50 13.86 10.34 -6.24
N ASP A 51 12.82 9.93 -5.54
CA ASP A 51 12.91 9.68 -4.10
C ASP A 51 12.78 8.19 -3.79
N PRO A 52 13.88 7.45 -3.94
CA PRO A 52 13.90 6.00 -3.69
C PRO A 52 13.75 5.67 -2.21
N GLU A 53 14.15 6.62 -1.35
CA GLU A 53 14.05 6.41 0.09
C GLU A 53 12.60 6.43 0.55
N TRP A 54 11.74 7.04 -0.25
CA TRP A 54 10.32 7.12 0.07
C TRP A 54 9.49 6.25 -0.87
N TRP A 55 8.40 5.70 -0.35
CA TRP A 55 7.53 4.85 -1.15
C TRP A 55 6.07 5.33 -1.06
N LYS A 56 5.33 5.15 -2.14
CA LYS A 56 3.94 5.56 -2.19
C LYS A 56 3.01 4.38 -1.87
N CYS A 57 2.32 4.48 -0.75
CA CYS A 57 1.40 3.41 -0.33
C CYS A 57 0.04 3.99 0.06
N LYS A 58 -0.92 3.11 0.32
CA LYS A 58 -2.26 3.53 0.71
C LYS A 58 -2.68 2.87 2.01
N ASN A 59 -3.04 3.69 2.99
CA ASN A 59 -3.47 3.19 4.29
C ASN A 59 -4.94 2.81 4.28
N ALA A 60 -5.40 2.21 5.36
CA ALA A 60 -6.81 1.80 5.47
C ALA A 60 -7.74 3.00 5.33
N ARG A 61 -7.17 4.20 5.42
CA ARG A 61 -7.95 5.42 5.30
C ARG A 61 -8.23 5.76 3.83
N GLY A 62 -7.76 4.89 2.94
CA GLY A 62 -7.95 5.12 1.51
C GLY A 62 -7.16 6.30 1.00
N GLN A 63 -6.15 6.71 1.76
CA GLN A 63 -5.32 7.85 1.37
C GLN A 63 -3.92 7.38 1.00
N VAL A 64 -3.25 8.15 0.13
CA VAL A 64 -1.90 7.82 -0.30
C VAL A 64 -0.91 8.93 0.07
N GLY A 65 0.34 8.54 0.29
CA GLY A 65 1.35 9.52 0.65
C GLY A 65 2.75 8.95 0.59
N LEU A 66 3.74 9.75 0.98
CA LEU A 66 5.13 9.31 0.98
C LEU A 66 5.51 8.68 2.31
N VAL A 67 5.74 7.37 2.30
CA VAL A 67 6.12 6.64 3.50
C VAL A 67 7.55 6.12 3.40
N PRO A 68 8.29 6.24 4.51
CA PRO A 68 9.69 5.78 4.58
C PRO A 68 9.80 4.26 4.55
N LYS A 69 10.52 3.75 3.55
CA LYS A 69 10.70 2.31 3.40
C LYS A 69 11.46 1.74 4.60
N ASN A 70 12.46 2.48 5.07
CA ASN A 70 13.26 2.04 6.20
C ASN A 70 12.39 1.72 7.41
N TYR A 71 11.16 2.24 7.38
CA TYR A 71 10.22 2.00 8.48
C TYR A 71 9.36 0.77 8.20
N VAL A 72 9.14 0.48 6.92
CA VAL A 72 8.34 -0.67 6.52
C VAL A 72 9.22 -1.79 5.98
N VAL A 73 8.59 -2.86 5.52
CA VAL A 73 9.32 -4.00 4.96
C VAL A 73 8.42 -4.83 4.05
N VAL A 74 8.95 -5.19 2.89
CA VAL A 74 8.20 -5.99 1.92
C VAL A 74 8.03 -7.43 2.41
N LEU A 75 6.78 -7.86 2.56
CA LEU A 75 6.48 -9.20 3.03
C LEU A 75 6.32 -10.16 1.85
N SER A 76 5.35 -9.87 0.98
CA SER A 76 5.10 -10.70 -0.19
C SER A 76 5.05 -9.86 -1.45
N ASP A 77 4.83 -10.51 -2.59
CA ASP A 77 4.76 -9.82 -3.87
C ASP A 77 3.38 -9.98 -4.50
N GLY A 78 2.72 -8.86 -4.78
CA GLY A 78 1.40 -8.90 -5.37
C GLY A 78 0.31 -9.17 -4.35
N PRO A 79 -0.94 -8.83 -4.71
CA PRO A 79 -2.10 -9.03 -3.84
C PRO A 79 -2.44 -10.51 -3.66
N ALA A 80 -1.97 -11.09 -2.56
CA ALA A 80 -2.24 -12.50 -2.28
C ALA A 80 -3.18 -12.65 -1.08
N LEU A 81 -4.47 -12.46 -1.34
CA LEU A 81 -5.48 -12.57 -0.29
C LEU A 81 -6.15 -13.94 -0.33
N HIS A 82 -6.59 -14.41 0.84
CA HIS A 82 -7.25 -15.71 0.93
C HIS A 82 -8.76 -15.54 1.01
N PRO A 83 -9.49 -16.47 0.38
CA PRO A 83 -10.96 -16.44 0.36
C PRO A 83 -11.56 -16.76 1.72
N ALA A 84 -10.70 -16.96 2.72
CA ALA A 84 -11.14 -17.27 4.07
C ALA A 84 -12.46 -16.55 4.39
N HIS A 85 -12.43 -15.23 4.34
CA HIS A 85 -13.62 -14.43 4.63
C HIS A 85 -14.06 -13.65 3.38
N SER A 86 -13.11 -12.99 2.73
CA SER A 86 -13.40 -12.20 1.54
C SER A 86 -13.19 -13.04 0.28
N GLY A 87 -14.28 -13.65 -0.20
CA GLY A 87 -14.19 -14.46 -1.40
C GLY A 87 -15.01 -15.73 -1.29
N PRO A 88 -16.34 -15.59 -1.39
CA PRO A 88 -17.26 -16.73 -1.31
C PRO A 88 -17.18 -17.63 -2.53
N SER A 89 -17.57 -18.89 -2.34
CA SER A 89 -17.53 -19.86 -3.43
C SER A 89 -18.85 -20.64 -3.51
N SER A 90 -19.14 -21.41 -2.47
CA SER A 90 -20.36 -22.20 -2.41
C SER A 90 -21.56 -21.33 -2.03
N GLY A 91 -22.38 -20.99 -3.02
CA GLY A 91 -23.54 -20.16 -2.77
C GLY A 91 -23.72 -19.07 -3.81
N GLY A 1 -22.43 18.19 -5.42
CA GLY A 1 -21.96 17.96 -4.07
C GLY A 1 -21.82 16.49 -3.74
N SER A 2 -22.91 15.75 -3.84
CA SER A 2 -22.90 14.32 -3.53
C SER A 2 -21.66 13.65 -4.13
N SER A 3 -20.75 13.26 -3.25
CA SER A 3 -19.51 12.62 -3.68
C SER A 3 -19.76 11.15 -4.04
N GLY A 4 -19.55 10.82 -5.32
CA GLY A 4 -19.76 9.46 -5.78
C GLY A 4 -18.46 8.74 -6.07
N SER A 5 -18.33 8.25 -7.30
CA SER A 5 -17.13 7.53 -7.71
C SER A 5 -16.15 8.47 -8.41
N SER A 6 -14.86 8.22 -8.22
CA SER A 6 -13.82 9.05 -8.84
C SER A 6 -12.89 8.19 -9.69
N GLY A 7 -11.95 8.86 -10.37
CA GLY A 7 -11.02 8.13 -11.21
C GLY A 7 -11.69 7.45 -12.38
N LEU A 8 -10.89 7.07 -13.38
CA LEU A 8 -11.43 6.39 -14.56
C LEU A 8 -12.28 5.18 -14.15
N SER A 9 -13.59 5.33 -14.24
CA SER A 9 -14.52 4.26 -13.89
C SER A 9 -14.17 2.98 -14.65
N ASN A 10 -13.91 3.12 -15.95
CA ASN A 10 -13.57 1.97 -16.78
C ASN A 10 -12.06 1.78 -16.83
N GLY A 11 -11.54 0.93 -15.96
CA GLY A 11 -10.11 0.66 -15.93
C GLY A 11 -9.46 1.18 -14.66
N GLN A 12 -8.68 0.32 -14.00
CA GLN A 12 -7.99 0.69 -12.78
C GLN A 12 -6.56 1.11 -13.06
N GLY A 13 -6.32 2.42 -13.08
CA GLY A 13 -4.99 2.93 -13.33
C GLY A 13 -3.93 2.23 -12.51
N SER A 14 -3.55 2.84 -11.39
CA SER A 14 -2.53 2.27 -10.51
C SER A 14 -3.00 0.95 -9.93
N ARG A 15 -2.04 0.07 -9.64
CA ARG A 15 -2.36 -1.25 -9.08
C ARG A 15 -1.44 -1.58 -7.91
N VAL A 16 -1.72 -2.67 -7.23
CA VAL A 16 -0.91 -3.11 -6.09
C VAL A 16 0.42 -3.70 -6.56
N LEU A 17 1.51 -3.13 -6.07
CA LEU A 17 2.84 -3.60 -6.43
C LEU A 17 3.34 -4.67 -5.46
N HIS A 18 3.43 -4.31 -4.18
CA HIS A 18 3.88 -5.23 -3.15
C HIS A 18 3.32 -4.84 -1.78
N VAL A 19 2.96 -5.84 -0.99
CA VAL A 19 2.42 -5.60 0.34
C VAL A 19 3.53 -5.45 1.37
N VAL A 20 3.53 -4.33 2.09
CA VAL A 20 4.54 -4.07 3.11
C VAL A 20 3.89 -3.77 4.46
N GLN A 21 4.63 -4.02 5.53
CA GLN A 21 4.13 -3.77 6.87
C GLN A 21 4.93 -2.68 7.57
N THR A 22 4.37 -2.12 8.64
CA THR A 22 5.04 -1.06 9.38
C THR A 22 5.61 -1.58 10.70
N LEU A 23 6.92 -1.58 10.81
CA LEU A 23 7.60 -2.05 12.01
C LEU A 23 7.48 -1.03 13.15
N TYR A 24 7.65 0.24 12.79
CA TYR A 24 7.57 1.32 13.77
C TYR A 24 6.49 2.32 13.39
N PRO A 25 5.82 2.88 14.41
CA PRO A 25 4.75 3.87 14.22
C PRO A 25 5.28 5.20 13.69
N PHE A 26 4.63 5.72 12.65
CA PHE A 26 5.04 6.99 12.06
C PHE A 26 3.82 7.85 11.73
N SER A 27 3.74 9.02 12.37
CA SER A 27 2.62 9.92 12.15
C SER A 27 3.11 11.28 11.64
N SER A 28 2.50 11.76 10.56
CA SER A 28 2.88 13.04 9.98
C SER A 28 1.81 14.09 10.23
N VAL A 29 2.11 15.33 9.87
CA VAL A 29 1.17 16.44 10.06
C VAL A 29 0.55 16.87 8.73
N THR A 30 1.29 16.65 7.64
CA THR A 30 0.81 17.02 6.31
C THR A 30 0.22 15.82 5.59
N GLU A 31 -0.41 16.07 4.45
CA GLU A 31 -1.01 15.00 3.65
C GLU A 31 0.05 14.25 2.86
N GLU A 32 1.02 15.00 2.32
CA GLU A 32 2.09 14.40 1.53
C GLU A 32 2.57 13.10 2.16
N GLU A 33 2.89 13.14 3.45
CA GLU A 33 3.37 11.97 4.16
C GLU A 33 2.19 11.09 4.61
N LEU A 34 2.46 9.80 4.76
CA LEU A 34 1.42 8.86 5.18
C LEU A 34 1.34 8.79 6.70
N ASN A 35 0.17 8.43 7.21
CA ASN A 35 -0.04 8.32 8.65
C ASN A 35 -0.49 6.91 9.03
N PHE A 36 0.31 6.25 9.86
CA PHE A 36 0.00 4.90 10.31
C PHE A 36 0.55 4.64 11.70
N GLU A 37 0.35 3.43 12.21
CA GLU A 37 0.81 3.06 13.53
C GLU A 37 1.68 1.81 13.48
N LYS A 38 2.10 1.34 14.65
CA LYS A 38 2.94 0.14 14.73
C LYS A 38 2.13 -1.11 14.41
N GLY A 39 2.60 -1.88 13.42
CA GLY A 39 1.91 -3.09 13.05
C GLY A 39 0.78 -2.84 12.07
N GLU A 40 1.03 -1.99 11.08
CA GLU A 40 0.02 -1.66 10.08
C GLU A 40 0.44 -2.16 8.70
N THR A 41 -0.52 -2.72 7.97
CA THR A 41 -0.25 -3.25 6.63
C THR A 41 -0.66 -2.25 5.56
N MET A 42 -0.04 -2.34 4.39
CA MET A 42 -0.34 -1.45 3.29
C MET A 42 0.02 -2.09 1.95
N GLU A 43 -0.12 -1.33 0.88
CA GLU A 43 0.18 -1.84 -0.46
C GLU A 43 0.86 -0.76 -1.30
N VAL A 44 2.02 -1.09 -1.86
CA VAL A 44 2.77 -0.16 -2.69
C VAL A 44 2.05 0.11 -4.01
N ILE A 45 1.52 1.32 -4.15
CA ILE A 45 0.81 1.71 -5.36
C ILE A 45 1.76 2.28 -6.40
N GLU A 46 2.76 3.02 -5.94
CA GLU A 46 3.75 3.63 -6.83
C GLU A 46 5.03 3.97 -6.07
N LYS A 47 6.16 3.87 -6.77
CA LYS A 47 7.45 4.17 -6.17
C LYS A 47 8.12 5.34 -6.88
N PRO A 48 8.31 6.46 -6.16
CA PRO A 48 8.94 7.66 -6.70
C PRO A 48 10.43 7.46 -6.95
N GLU A 49 10.79 7.20 -8.21
CA GLU A 49 12.18 6.99 -8.58
C GLU A 49 13.07 8.03 -7.92
N ASN A 50 12.82 9.30 -8.19
CA ASN A 50 13.61 10.38 -7.62
C ASN A 50 13.82 10.17 -6.13
N ASP A 51 12.76 9.79 -5.43
CA ASP A 51 12.83 9.55 -3.99
C ASP A 51 12.73 8.07 -3.68
N PRO A 52 13.86 7.35 -3.79
CA PRO A 52 13.92 5.91 -3.53
C PRO A 52 13.74 5.58 -2.05
N GLU A 53 14.24 6.46 -1.19
CA GLU A 53 14.13 6.27 0.25
C GLU A 53 12.67 6.35 0.70
N TRP A 54 11.81 6.85 -0.18
CA TRP A 54 10.39 6.97 0.13
C TRP A 54 9.54 6.18 -0.85
N TRP A 55 8.44 5.61 -0.35
CA TRP A 55 7.55 4.82 -1.19
C TRP A 55 6.11 5.31 -1.05
N LYS A 56 5.34 5.16 -2.13
CA LYS A 56 3.94 5.58 -2.13
C LYS A 56 3.02 4.41 -1.82
N CYS A 57 2.35 4.49 -0.67
CA CYS A 57 1.44 3.44 -0.26
C CYS A 57 0.11 4.02 0.20
N LYS A 58 -0.87 3.15 0.44
CA LYS A 58 -2.20 3.58 0.88
C LYS A 58 -2.56 2.93 2.21
N ASN A 59 -3.03 3.73 3.16
CA ASN A 59 -3.43 3.24 4.47
C ASN A 59 -4.89 2.83 4.48
N ALA A 60 -5.38 2.39 5.64
CA ALA A 60 -6.76 1.97 5.79
C ALA A 60 -7.72 3.10 5.42
N ARG A 61 -7.29 4.33 5.67
CA ARG A 61 -8.11 5.50 5.38
C ARG A 61 -8.19 5.75 3.87
N GLY A 62 -7.52 4.88 3.11
CA GLY A 62 -7.53 5.03 1.66
C GLY A 62 -6.75 6.23 1.19
N GLN A 63 -5.86 6.73 2.04
CA GLN A 63 -5.05 7.90 1.70
C GLN A 63 -3.66 7.49 1.26
N VAL A 64 -3.11 8.20 0.28
CA VAL A 64 -1.78 7.91 -0.24
C VAL A 64 -0.78 8.99 0.16
N GLY A 65 0.46 8.59 0.37
CA GLY A 65 1.49 9.53 0.76
C GLY A 65 2.88 8.94 0.66
N LEU A 66 3.88 9.69 1.13
CA LEU A 66 5.26 9.24 1.09
C LEU A 66 5.66 8.57 2.40
N VAL A 67 5.93 7.27 2.35
CA VAL A 67 6.31 6.52 3.54
C VAL A 67 7.74 6.00 3.42
N PRO A 68 8.51 6.12 4.51
CA PRO A 68 9.90 5.66 4.55
C PRO A 68 10.02 4.14 4.52
N LYS A 69 10.73 3.62 3.53
CA LYS A 69 10.92 2.19 3.38
C LYS A 69 11.71 1.63 4.56
N ASN A 70 12.58 2.45 5.13
CA ASN A 70 13.40 2.04 6.26
C ASN A 70 12.53 1.70 7.48
N TYR A 71 11.27 2.11 7.41
CA TYR A 71 10.33 1.86 8.51
C TYR A 71 9.41 0.69 8.18
N VAL A 72 9.27 0.41 6.89
CA VAL A 72 8.42 -0.68 6.44
C VAL A 72 9.25 -1.84 5.88
N VAL A 73 8.57 -2.89 5.42
CA VAL A 73 9.24 -4.05 4.87
C VAL A 73 8.33 -4.81 3.91
N VAL A 74 8.91 -5.30 2.82
CA VAL A 74 8.14 -6.06 1.84
C VAL A 74 7.92 -7.49 2.28
N LEU A 75 6.65 -7.87 2.41
CA LEU A 75 6.29 -9.23 2.84
C LEU A 75 6.03 -10.12 1.63
N SER A 76 5.00 -9.77 0.87
CA SER A 76 4.63 -10.55 -0.32
C SER A 76 4.80 -9.71 -1.59
N ASP A 77 4.79 -10.38 -2.73
CA ASP A 77 4.93 -9.71 -4.02
C ASP A 77 3.63 -9.75 -4.80
N GLY A 78 2.85 -8.68 -4.70
CA GLY A 78 1.58 -8.61 -5.40
C GLY A 78 0.39 -8.66 -4.46
N PRO A 79 -0.80 -8.35 -5.00
CA PRO A 79 -2.04 -8.35 -4.22
C PRO A 79 -2.48 -9.75 -3.81
N ALA A 80 -1.67 -10.74 -4.17
CA ALA A 80 -1.96 -12.12 -3.84
C ALA A 80 -2.48 -12.26 -2.41
N LEU A 81 -3.79 -12.19 -2.25
CA LEU A 81 -4.42 -12.29 -0.93
C LEU A 81 -5.55 -13.31 -0.94
N HIS A 82 -6.30 -13.34 -2.04
CA HIS A 82 -7.41 -14.27 -2.18
C HIS A 82 -7.10 -15.34 -3.22
N PRO A 83 -7.66 -16.54 -3.02
CA PRO A 83 -7.46 -17.67 -3.94
C PRO A 83 -8.15 -17.47 -5.28
N ALA A 84 -7.40 -17.65 -6.36
CA ALA A 84 -7.94 -17.49 -7.70
C ALA A 84 -9.40 -17.94 -7.76
N HIS A 85 -10.29 -17.00 -8.07
CA HIS A 85 -11.71 -17.30 -8.16
C HIS A 85 -12.02 -18.19 -9.37
N SER A 86 -12.76 -19.26 -9.13
CA SER A 86 -13.11 -20.20 -10.19
C SER A 86 -13.90 -19.50 -11.30
N GLY A 87 -13.27 -19.32 -12.45
CA GLY A 87 -13.92 -18.67 -13.57
C GLY A 87 -13.59 -19.32 -14.90
N PRO A 88 -13.75 -18.55 -15.99
CA PRO A 88 -13.46 -19.04 -17.35
C PRO A 88 -11.97 -19.24 -17.59
N SER A 89 -11.17 -18.95 -16.57
CA SER A 89 -9.72 -19.09 -16.67
C SER A 89 -9.16 -18.18 -17.75
N SER A 90 -9.51 -16.89 -17.67
CA SER A 90 -9.05 -15.91 -18.63
C SER A 90 -8.77 -14.57 -17.96
N GLY A 91 -7.69 -13.91 -18.37
CA GLY A 91 -7.33 -12.63 -17.80
C GLY A 91 -5.91 -12.21 -18.15
N GLY A 1 -9.20 -14.21 16.42
CA GLY A 1 -8.77 -13.85 15.08
C GLY A 1 -9.67 -14.42 14.01
N SER A 2 -10.97 -14.14 14.11
CA SER A 2 -11.94 -14.63 13.15
C SER A 2 -12.21 -13.60 12.07
N SER A 3 -12.56 -14.06 10.87
CA SER A 3 -12.84 -13.18 9.75
C SER A 3 -13.75 -12.03 10.18
N GLY A 4 -13.67 -10.92 9.46
CA GLY A 4 -14.49 -9.76 9.79
C GLY A 4 -15.25 -9.24 8.58
N SER A 5 -15.46 -7.93 8.54
CA SER A 5 -16.18 -7.31 7.44
C SER A 5 -15.56 -7.67 6.10
N SER A 6 -16.38 -7.68 5.06
CA SER A 6 -15.92 -8.01 3.71
C SER A 6 -15.23 -6.82 3.06
N GLY A 7 -14.35 -7.10 2.10
CA GLY A 7 -13.64 -6.04 1.41
C GLY A 7 -13.10 -6.48 0.07
N LEU A 8 -12.73 -5.52 -0.77
CA LEU A 8 -12.19 -5.82 -2.09
C LEU A 8 -11.60 -4.56 -2.73
N SER A 9 -10.56 -4.75 -3.55
CA SER A 9 -9.92 -3.64 -4.23
C SER A 9 -10.15 -3.71 -5.73
N ASN A 10 -10.48 -2.57 -6.32
CA ASN A 10 -10.74 -2.50 -7.76
C ASN A 10 -10.80 -1.05 -8.24
N GLY A 11 -10.22 -0.79 -9.41
CA GLY A 11 -10.23 0.55 -9.95
C GLY A 11 -9.21 0.73 -11.07
N GLN A 12 -9.68 1.22 -12.21
CA GLN A 12 -8.81 1.44 -13.36
C GLN A 12 -7.71 2.44 -13.03
N GLY A 13 -6.46 1.99 -13.07
CA GLY A 13 -5.34 2.85 -12.77
C GLY A 13 -4.19 2.12 -12.12
N SER A 14 -3.67 2.68 -11.04
CA SER A 14 -2.56 2.07 -10.31
C SER A 14 -2.99 0.78 -9.62
N ARG A 15 -2.10 -0.20 -9.63
CA ARG A 15 -2.39 -1.49 -9.00
C ARG A 15 -1.48 -1.73 -7.81
N VAL A 16 -1.70 -2.86 -7.12
CA VAL A 16 -0.88 -3.21 -5.95
C VAL A 16 0.44 -3.82 -6.37
N LEU A 17 1.52 -3.10 -6.13
CA LEU A 17 2.87 -3.58 -6.48
C LEU A 17 3.33 -4.64 -5.49
N HIS A 18 3.44 -4.27 -4.23
CA HIS A 18 3.88 -5.19 -3.19
C HIS A 18 3.30 -4.81 -1.84
N VAL A 19 3.08 -5.80 -0.98
CA VAL A 19 2.53 -5.56 0.35
C VAL A 19 3.64 -5.41 1.39
N VAL A 20 3.61 -4.31 2.12
CA VAL A 20 4.61 -4.04 3.14
C VAL A 20 3.96 -3.82 4.51
N GLN A 21 4.75 -3.98 5.56
CA GLN A 21 4.25 -3.80 6.92
C GLN A 21 5.00 -2.69 7.64
N THR A 22 4.40 -2.17 8.70
CA THR A 22 5.01 -1.10 9.48
C THR A 22 5.60 -1.61 10.78
N LEU A 23 6.93 -1.57 10.89
CA LEU A 23 7.61 -2.05 12.08
C LEU A 23 7.50 -1.02 13.22
N TYR A 24 7.57 0.26 12.86
CA TYR A 24 7.48 1.33 13.84
C TYR A 24 6.41 2.34 13.44
N PRO A 25 5.75 2.91 14.45
CA PRO A 25 4.68 3.90 14.24
C PRO A 25 5.22 5.23 13.71
N PHE A 26 4.69 5.68 12.59
CA PHE A 26 5.13 6.93 11.98
C PHE A 26 3.93 7.80 11.62
N SER A 27 3.77 8.91 12.34
CA SER A 27 2.66 9.83 12.09
C SER A 27 3.17 11.20 11.64
N SER A 28 2.82 11.57 10.41
CA SER A 28 3.25 12.84 9.86
C SER A 28 2.26 13.95 10.21
N VAL A 29 2.53 15.16 9.72
CA VAL A 29 1.66 16.30 9.97
C VAL A 29 1.06 16.84 8.67
N THR A 30 1.69 16.50 7.56
CA THR A 30 1.22 16.95 6.25
C THR A 30 0.55 15.81 5.48
N GLU A 31 -0.30 16.17 4.53
CA GLU A 31 -1.00 15.18 3.73
C GLU A 31 -0.04 14.44 2.81
N GLU A 32 1.04 15.11 2.42
CA GLU A 32 2.04 14.52 1.55
C GLU A 32 2.52 13.17 2.09
N GLU A 33 2.80 13.14 3.39
CA GLU A 33 3.25 11.91 4.04
C GLU A 33 2.08 11.07 4.51
N LEU A 34 2.36 9.81 4.84
CA LEU A 34 1.33 8.89 5.30
C LEU A 34 1.33 8.77 6.82
N ASN A 35 0.17 8.53 7.40
CA ASN A 35 0.05 8.40 8.85
C ASN A 35 -0.45 7.01 9.23
N PHE A 36 0.33 6.31 10.05
CA PHE A 36 -0.04 4.96 10.49
C PHE A 36 0.52 4.68 11.88
N GLU A 37 0.33 3.45 12.34
CA GLU A 37 0.81 3.05 13.67
C GLU A 37 1.66 1.78 13.58
N LYS A 38 2.07 1.27 14.73
CA LYS A 38 2.89 0.07 14.79
C LYS A 38 2.07 -1.16 14.42
N GLY A 39 2.60 -1.97 13.50
CA GLY A 39 1.90 -3.18 13.08
C GLY A 39 0.78 -2.87 12.11
N GLU A 40 1.07 -2.07 11.09
CA GLU A 40 0.07 -1.71 10.10
C GLU A 40 0.42 -2.32 8.74
N THR A 41 -0.62 -2.62 7.95
CA THR A 41 -0.42 -3.21 6.64
C THR A 41 -0.82 -2.23 5.53
N MET A 42 -0.08 -2.24 4.44
CA MET A 42 -0.36 -1.36 3.31
C MET A 42 0.10 -1.98 2.00
N GLU A 43 -0.14 -1.28 0.90
CA GLU A 43 0.24 -1.77 -0.42
C GLU A 43 0.93 -0.67 -1.23
N VAL A 44 2.04 -1.02 -1.86
CA VAL A 44 2.80 -0.06 -2.68
C VAL A 44 2.11 0.18 -4.01
N ILE A 45 1.51 1.35 -4.16
CA ILE A 45 0.82 1.70 -5.39
C ILE A 45 1.79 2.26 -6.42
N GLU A 46 2.84 2.92 -5.94
CA GLU A 46 3.85 3.51 -6.81
C GLU A 46 5.10 3.87 -6.03
N LYS A 47 6.24 3.91 -6.72
CA LYS A 47 7.51 4.25 -6.09
C LYS A 47 8.17 5.42 -6.80
N PRO A 48 8.42 6.51 -6.04
CA PRO A 48 9.05 7.71 -6.58
C PRO A 48 10.52 7.49 -6.92
N GLU A 49 10.83 7.50 -8.22
CA GLU A 49 12.19 7.31 -8.68
C GLU A 49 13.13 8.36 -8.09
N ASN A 50 12.74 9.62 -8.23
CA ASN A 50 13.55 10.73 -7.72
C ASN A 50 13.99 10.45 -6.28
N ASP A 51 13.06 10.01 -5.45
CA ASP A 51 13.35 9.70 -4.06
C ASP A 51 13.03 8.24 -3.74
N PRO A 52 14.02 7.36 -3.97
CA PRO A 52 13.88 5.93 -3.72
C PRO A 52 13.79 5.61 -2.22
N GLU A 53 14.17 6.57 -1.40
CA GLU A 53 14.14 6.39 0.05
C GLU A 53 12.71 6.46 0.58
N TRP A 54 11.77 6.75 -0.31
CA TRP A 54 10.37 6.84 0.06
C TRP A 54 9.50 6.02 -0.87
N TRP A 55 8.39 5.49 -0.35
CA TRP A 55 7.48 4.68 -1.14
C TRP A 55 6.05 5.20 -1.02
N LYS A 56 5.28 5.07 -2.09
CA LYS A 56 3.90 5.52 -2.11
C LYS A 56 2.94 4.37 -1.81
N CYS A 57 2.27 4.45 -0.67
CA CYS A 57 1.31 3.42 -0.27
C CYS A 57 -0.01 4.03 0.16
N LYS A 58 -1.01 3.18 0.39
CA LYS A 58 -2.32 3.64 0.80
C LYS A 58 -2.77 2.93 2.08
N ASN A 59 -3.08 3.72 3.11
CA ASN A 59 -3.52 3.18 4.38
C ASN A 59 -5.01 2.84 4.35
N ALA A 60 -5.49 2.23 5.43
CA ALA A 60 -6.90 1.85 5.52
C ALA A 60 -7.80 3.06 5.32
N ARG A 61 -7.23 4.25 5.47
CA ARG A 61 -7.99 5.49 5.30
C ARG A 61 -8.15 5.83 3.83
N GLY A 62 -7.76 4.90 2.96
CA GLY A 62 -7.88 5.13 1.53
C GLY A 62 -7.08 6.33 1.06
N GLN A 63 -6.13 6.76 1.88
CA GLN A 63 -5.29 7.91 1.54
C GLN A 63 -3.88 7.48 1.17
N VAL A 64 -3.31 8.14 0.17
CA VAL A 64 -1.97 7.82 -0.28
C VAL A 64 -0.98 8.91 0.13
N GLY A 65 0.27 8.51 0.38
CA GLY A 65 1.29 9.47 0.77
C GLY A 65 2.68 8.87 0.73
N LEU A 66 3.68 9.69 1.04
CA LEU A 66 5.07 9.23 1.05
C LEU A 66 5.42 8.57 2.37
N VAL A 67 5.69 7.27 2.32
CA VAL A 67 6.05 6.51 3.52
C VAL A 67 7.48 5.99 3.43
N PRO A 68 8.20 6.08 4.56
CA PRO A 68 9.59 5.62 4.65
C PRO A 68 9.72 4.11 4.57
N LYS A 69 10.54 3.63 3.65
CA LYS A 69 10.75 2.20 3.46
C LYS A 69 11.55 1.62 4.62
N ASN A 70 12.60 2.32 5.02
CA ASN A 70 13.44 1.87 6.12
C ASN A 70 12.61 1.55 7.36
N TYR A 71 11.39 2.07 7.39
CA TYR A 71 10.49 1.85 8.51
C TYR A 71 9.58 0.66 8.24
N VAL A 72 9.31 0.40 6.97
CA VAL A 72 8.45 -0.71 6.58
C VAL A 72 9.27 -1.86 5.99
N VAL A 73 8.58 -2.90 5.55
CA VAL A 73 9.24 -4.07 4.96
C VAL A 73 8.29 -4.84 4.05
N VAL A 74 8.81 -5.30 2.92
CA VAL A 74 8.01 -6.06 1.97
C VAL A 74 7.82 -7.50 2.43
N LEU A 75 6.57 -7.92 2.57
CA LEU A 75 6.26 -9.27 3.00
C LEU A 75 6.11 -10.21 1.81
N SER A 76 5.27 -9.82 0.86
CA SER A 76 5.03 -10.63 -0.34
C SER A 76 5.07 -9.76 -1.60
N ASP A 77 5.32 -10.39 -2.73
CA ASP A 77 5.38 -9.68 -4.01
C ASP A 77 4.01 -9.66 -4.69
N GLY A 78 3.17 -8.71 -4.29
CA GLY A 78 1.84 -8.61 -4.87
C GLY A 78 0.74 -8.85 -3.85
N PRO A 79 -0.50 -8.58 -4.24
CA PRO A 79 -1.68 -8.77 -3.37
C PRO A 79 -1.98 -10.24 -3.11
N ALA A 80 -1.59 -10.71 -1.94
CA ALA A 80 -1.81 -12.11 -1.56
C ALA A 80 -3.29 -12.47 -1.68
N LEU A 81 -3.66 -13.05 -2.81
CA LEU A 81 -5.05 -13.44 -3.05
C LEU A 81 -5.25 -14.92 -2.74
N HIS A 82 -6.25 -15.21 -1.91
CA HIS A 82 -6.56 -16.58 -1.53
C HIS A 82 -7.01 -17.40 -2.74
N PRO A 83 -6.62 -18.68 -2.77
CA PRO A 83 -6.97 -19.59 -3.87
C PRO A 83 -8.46 -19.92 -3.88
N ALA A 84 -9.06 -19.89 -5.07
CA ALA A 84 -10.48 -20.20 -5.21
C ALA A 84 -10.68 -21.55 -5.89
N HIS A 85 -10.03 -21.74 -7.04
CA HIS A 85 -10.13 -22.99 -7.78
C HIS A 85 -8.78 -23.41 -8.33
N SER A 86 -8.75 -24.53 -9.05
CA SER A 86 -7.53 -25.04 -9.63
C SER A 86 -6.97 -24.07 -10.68
N GLY A 87 -5.88 -23.39 -10.32
CA GLY A 87 -5.27 -22.44 -11.24
C GLY A 87 -4.07 -21.75 -10.63
N PRO A 88 -4.32 -20.72 -9.80
CA PRO A 88 -3.26 -19.95 -9.15
C PRO A 88 -2.54 -20.76 -8.08
N SER A 89 -1.50 -20.17 -7.49
CA SER A 89 -0.73 -20.83 -6.45
C SER A 89 -1.55 -20.95 -5.17
N SER A 90 -1.29 -22.01 -4.40
CA SER A 90 -2.00 -22.25 -3.15
C SER A 90 -1.26 -21.60 -1.97
N GLY A 91 0.06 -21.78 -1.94
CA GLY A 91 0.85 -21.21 -0.87
C GLY A 91 2.29 -21.69 -0.90
N GLY A 1 -35.25 14.51 5.81
CA GLY A 1 -33.98 14.79 6.46
C GLY A 1 -32.95 15.35 5.50
N SER A 2 -31.93 14.56 5.19
CA SER A 2 -30.88 14.99 4.28
C SER A 2 -30.62 13.93 3.21
N SER A 3 -30.49 14.37 1.97
CA SER A 3 -30.24 13.45 0.86
C SER A 3 -28.80 13.57 0.37
N GLY A 4 -28.18 12.43 0.11
CA GLY A 4 -26.80 12.42 -0.36
C GLY A 4 -26.27 11.02 -0.56
N SER A 5 -27.03 10.19 -1.29
CA SER A 5 -26.62 8.82 -1.55
C SER A 5 -25.51 8.77 -2.60
N SER A 6 -24.29 8.52 -2.15
CA SER A 6 -23.15 8.44 -3.05
C SER A 6 -22.30 7.20 -2.75
N GLY A 7 -22.38 6.22 -3.64
CA GLY A 7 -21.62 5.00 -3.47
C GLY A 7 -20.16 5.26 -3.13
N LEU A 8 -19.45 4.22 -2.73
CA LEU A 8 -18.03 4.35 -2.39
C LEU A 8 -17.18 4.57 -3.63
N SER A 9 -15.89 4.78 -3.43
CA SER A 9 -14.97 5.01 -4.54
C SER A 9 -13.78 4.05 -4.47
N ASN A 10 -13.30 3.63 -5.63
CA ASN A 10 -12.16 2.71 -5.70
C ASN A 10 -11.01 3.33 -6.50
N GLY A 11 -9.81 2.80 -6.30
CA GLY A 11 -8.65 3.32 -7.00
C GLY A 11 -8.76 3.13 -8.50
N GLN A 12 -7.69 3.46 -9.22
CA GLN A 12 -7.66 3.34 -10.67
C GLN A 12 -6.23 3.38 -11.19
N GLY A 13 -6.06 2.96 -12.44
CA GLY A 13 -4.74 2.97 -13.05
C GLY A 13 -3.74 2.12 -12.28
N SER A 14 -3.14 2.70 -11.24
CA SER A 14 -2.17 2.00 -10.43
C SER A 14 -2.79 0.76 -9.78
N ARG A 15 -1.94 -0.21 -9.45
CA ARG A 15 -2.41 -1.44 -8.83
C ARG A 15 -1.44 -1.91 -7.75
N VAL A 16 -1.89 -2.82 -6.90
CA VAL A 16 -1.06 -3.36 -5.81
C VAL A 16 0.26 -3.88 -6.35
N LEU A 17 1.36 -3.32 -5.85
CA LEU A 17 2.69 -3.73 -6.28
C LEU A 17 3.29 -4.74 -5.30
N HIS A 18 3.42 -4.33 -4.04
CA HIS A 18 3.97 -5.20 -3.01
C HIS A 18 3.43 -4.83 -1.64
N VAL A 19 3.00 -5.83 -0.88
CA VAL A 19 2.45 -5.61 0.46
C VAL A 19 3.58 -5.44 1.48
N VAL A 20 3.54 -4.33 2.21
CA VAL A 20 4.55 -4.05 3.23
C VAL A 20 3.91 -3.84 4.59
N GLN A 21 4.70 -3.99 5.65
CA GLN A 21 4.21 -3.81 7.00
C GLN A 21 4.97 -2.70 7.72
N THR A 22 4.36 -2.14 8.76
CA THR A 22 4.98 -1.07 9.53
C THR A 22 5.56 -1.59 10.83
N LEU A 23 6.88 -1.56 10.95
CA LEU A 23 7.56 -2.03 12.15
C LEU A 23 7.43 -1.02 13.28
N TYR A 24 7.52 0.27 12.93
CA TYR A 24 7.41 1.34 13.91
C TYR A 24 6.34 2.34 13.52
N PRO A 25 5.65 2.90 14.52
CA PRO A 25 4.59 3.88 14.30
C PRO A 25 5.12 5.22 13.80
N PHE A 26 4.57 5.68 12.67
CA PHE A 26 5.00 6.95 12.08
C PHE A 26 3.78 7.80 11.72
N SER A 27 3.83 9.07 12.11
CA SER A 27 2.74 10.00 11.83
C SER A 27 3.19 11.08 10.83
N SER A 28 2.38 11.27 9.79
CA SER A 28 2.70 12.26 8.77
C SER A 28 2.13 13.63 9.16
N VAL A 29 3.02 14.52 9.58
CA VAL A 29 2.63 15.87 9.98
C VAL A 29 1.81 16.54 8.88
N THR A 30 2.06 16.15 7.63
CA THR A 30 1.35 16.72 6.50
C THR A 30 0.67 15.63 5.67
N GLU A 31 -0.04 16.04 4.62
CA GLU A 31 -0.73 15.10 3.75
C GLU A 31 0.26 14.34 2.87
N GLU A 32 1.27 15.06 2.38
CA GLU A 32 2.28 14.45 1.52
C GLU A 32 2.72 13.10 2.06
N GLU A 33 2.98 13.04 3.36
CA GLU A 33 3.40 11.80 4.00
C GLU A 33 2.20 10.98 4.45
N LEU A 34 2.44 9.72 4.80
CA LEU A 34 1.38 8.84 5.25
C LEU A 34 1.41 8.68 6.77
N ASN A 35 0.23 8.47 7.35
CA ASN A 35 0.11 8.31 8.79
C ASN A 35 -0.39 6.90 9.16
N PHE A 36 0.42 6.17 9.91
CA PHE A 36 0.06 4.81 10.32
C PHE A 36 0.51 4.54 11.75
N GLU A 37 0.31 3.31 12.20
CA GLU A 37 0.70 2.91 13.55
C GLU A 37 1.51 1.63 13.53
N LYS A 38 2.08 1.28 14.68
CA LYS A 38 2.89 0.06 14.79
C LYS A 38 2.07 -1.17 14.40
N GLY A 39 2.65 -2.00 13.54
CA GLY A 39 1.97 -3.20 13.09
C GLY A 39 0.82 -2.90 12.15
N GLU A 40 1.09 -2.11 11.11
CA GLU A 40 0.07 -1.75 10.14
C GLU A 40 0.40 -2.33 8.77
N THR A 41 -0.64 -2.73 8.04
CA THR A 41 -0.46 -3.31 6.71
C THR A 41 -0.87 -2.32 5.63
N MET A 42 -0.18 -2.35 4.50
CA MET A 42 -0.47 -1.47 3.39
C MET A 42 -0.06 -2.10 2.06
N GLU A 43 -0.24 -1.36 0.96
CA GLU A 43 0.11 -1.86 -0.36
C GLU A 43 0.77 -0.75 -1.19
N VAL A 44 1.91 -1.07 -1.78
CA VAL A 44 2.64 -0.11 -2.60
C VAL A 44 1.96 0.10 -3.94
N ILE A 45 1.41 1.29 -4.15
CA ILE A 45 0.73 1.62 -5.39
C ILE A 45 1.70 2.21 -6.41
N GLU A 46 2.69 2.93 -5.92
CA GLU A 46 3.69 3.55 -6.79
C GLU A 46 4.96 3.89 -6.01
N LYS A 47 6.07 4.00 -6.73
CA LYS A 47 7.35 4.32 -6.12
C LYS A 47 8.01 5.52 -6.80
N PRO A 48 8.23 6.59 -6.03
CA PRO A 48 8.86 7.81 -6.54
C PRO A 48 10.34 7.62 -6.88
N GLU A 49 10.68 7.84 -8.14
CA GLU A 49 12.06 7.69 -8.59
C GLU A 49 12.98 8.68 -7.88
N ASN A 50 12.74 9.97 -8.12
CA ASN A 50 13.55 11.01 -7.50
C ASN A 50 13.86 10.68 -6.05
N ASP A 51 12.82 10.31 -5.30
CA ASP A 51 12.98 9.96 -3.90
C ASP A 51 12.80 8.46 -3.68
N PRO A 52 13.88 7.69 -3.91
CA PRO A 52 13.87 6.25 -3.75
C PRO A 52 13.76 5.81 -2.29
N GLU A 53 14.15 6.71 -1.39
CA GLU A 53 14.09 6.43 0.04
C GLU A 53 12.66 6.47 0.55
N TRP A 54 11.74 6.87 -0.32
CA TRP A 54 10.33 6.96 0.03
C TRP A 54 9.48 6.13 -0.92
N TRP A 55 8.40 5.56 -0.40
CA TRP A 55 7.50 4.75 -1.20
C TRP A 55 6.06 5.24 -1.09
N LYS A 56 5.30 5.09 -2.16
CA LYS A 56 3.91 5.52 -2.18
C LYS A 56 2.97 4.36 -1.86
N CYS A 57 2.28 4.46 -0.73
CA CYS A 57 1.36 3.41 -0.31
C CYS A 57 0.02 4.01 0.11
N LYS A 58 -0.96 3.15 0.37
CA LYS A 58 -2.28 3.59 0.78
C LYS A 58 -2.69 2.95 2.10
N ASN A 59 -3.12 3.77 3.05
CA ASN A 59 -3.54 3.28 4.36
C ASN A 59 -5.01 2.85 4.33
N ALA A 60 -5.52 2.46 5.49
CA ALA A 60 -6.91 2.03 5.60
C ALA A 60 -7.86 3.15 5.22
N ARG A 61 -7.45 4.39 5.48
CA ARG A 61 -8.27 5.54 5.16
C ARG A 61 -8.34 5.77 3.65
N GLY A 62 -7.59 4.95 2.91
CA GLY A 62 -7.58 5.07 1.46
C GLY A 62 -6.77 6.26 0.98
N GLN A 63 -5.93 6.80 1.87
CA GLN A 63 -5.10 7.94 1.54
C GLN A 63 -3.71 7.50 1.10
N VAL A 64 -3.14 8.21 0.14
CA VAL A 64 -1.81 7.89 -0.37
C VAL A 64 -0.80 8.96 0.01
N GLY A 65 0.45 8.56 0.22
CA GLY A 65 1.49 9.50 0.59
C GLY A 65 2.87 8.89 0.52
N LEU A 66 3.88 9.65 0.97
CA LEU A 66 5.26 9.18 0.96
C LEU A 66 5.63 8.55 2.30
N VAL A 67 5.79 7.22 2.31
CA VAL A 67 6.15 6.51 3.52
C VAL A 67 7.59 5.99 3.45
N PRO A 68 8.31 6.11 4.57
CA PRO A 68 9.71 5.66 4.66
C PRO A 68 9.82 4.14 4.63
N LYS A 69 10.54 3.63 3.62
CA LYS A 69 10.74 2.20 3.48
C LYS A 69 11.53 1.63 4.64
N ASN A 70 12.47 2.42 5.15
CA ASN A 70 13.31 1.99 6.27
C ASN A 70 12.44 1.64 7.48
N TYR A 71 11.23 2.18 7.51
CA TYR A 71 10.31 1.91 8.62
C TYR A 71 9.44 0.71 8.32
N VAL A 72 9.20 0.45 7.04
CA VAL A 72 8.38 -0.68 6.62
C VAL A 72 9.23 -1.80 6.05
N VAL A 73 8.58 -2.87 5.58
CA VAL A 73 9.28 -4.00 5.00
C VAL A 73 8.37 -4.80 4.09
N VAL A 74 8.89 -5.18 2.92
CA VAL A 74 8.12 -5.96 1.96
C VAL A 74 7.95 -7.40 2.42
N LEU A 75 6.69 -7.83 2.55
CA LEU A 75 6.39 -9.18 2.99
C LEU A 75 6.19 -10.10 1.79
N SER A 76 5.31 -9.71 0.88
CA SER A 76 5.03 -10.49 -0.31
C SER A 76 5.18 -9.66 -1.57
N ASP A 77 5.23 -10.32 -2.72
CA ASP A 77 5.37 -9.64 -4.00
C ASP A 77 4.07 -9.69 -4.79
N GLY A 78 3.36 -8.56 -4.81
CA GLY A 78 2.11 -8.48 -5.53
C GLY A 78 0.96 -9.08 -4.75
N PRO A 79 -0.27 -8.91 -5.26
CA PRO A 79 -1.48 -9.43 -4.62
C PRO A 79 -1.57 -10.95 -4.69
N ALA A 80 -0.54 -11.57 -5.27
CA ALA A 80 -0.48 -13.02 -5.40
C ALA A 80 -1.47 -13.51 -6.45
N LEU A 81 -1.76 -12.64 -7.42
CA LEU A 81 -2.69 -12.99 -8.50
C LEU A 81 -2.32 -12.26 -9.79
N HIS A 82 -2.78 -12.80 -10.91
CA HIS A 82 -2.49 -12.20 -12.22
C HIS A 82 -3.44 -11.03 -12.50
N PRO A 83 -2.92 -9.99 -13.15
CA PRO A 83 -3.69 -8.79 -13.49
C PRO A 83 -4.74 -9.07 -14.56
N ALA A 84 -5.89 -8.41 -14.44
CA ALA A 84 -6.97 -8.58 -15.40
C ALA A 84 -7.49 -7.23 -15.88
N HIS A 85 -6.61 -6.26 -15.99
CA HIS A 85 -6.97 -4.92 -16.44
C HIS A 85 -6.19 -4.53 -17.68
N SER A 86 -6.87 -3.94 -18.65
CA SER A 86 -6.25 -3.51 -19.89
C SER A 86 -6.68 -2.11 -20.28
N GLY A 87 -5.85 -1.43 -21.07
CA GLY A 87 -6.16 -0.08 -21.50
C GLY A 87 -4.94 0.66 -22.00
N PRO A 88 -4.30 1.42 -21.11
CA PRO A 88 -3.10 2.20 -21.45
C PRO A 88 -1.90 1.32 -21.72
N SER A 89 -1.14 1.67 -22.76
CA SER A 89 0.06 0.90 -23.13
C SER A 89 1.25 1.32 -22.27
N SER A 90 2.12 0.35 -21.97
CA SER A 90 3.30 0.61 -21.16
C SER A 90 4.49 -0.19 -21.66
N GLY A 91 5.68 0.40 -21.57
CA GLY A 91 6.88 -0.29 -22.02
C GLY A 91 7.34 -1.36 -21.05
N GLY A 1 -17.85 -12.16 5.71
CA GLY A 1 -18.98 -12.67 4.95
C GLY A 1 -18.73 -12.65 3.46
N SER A 2 -19.30 -11.66 2.78
CA SER A 2 -19.15 -11.54 1.33
C SER A 2 -19.31 -10.08 0.90
N SER A 3 -18.58 -9.70 -0.15
CA SER A 3 -18.63 -8.34 -0.67
C SER A 3 -18.66 -8.34 -2.20
N GLY A 4 -19.42 -7.40 -2.76
CA GLY A 4 -19.52 -7.31 -4.21
C GLY A 4 -20.44 -6.19 -4.65
N SER A 5 -20.25 -5.01 -4.06
CA SER A 5 -21.07 -3.85 -4.40
C SER A 5 -21.33 -3.79 -5.90
N SER A 6 -22.57 -3.45 -6.26
CA SER A 6 -22.95 -3.36 -7.67
C SER A 6 -22.65 -1.97 -8.22
N GLY A 7 -22.48 -1.90 -9.54
CA GLY A 7 -22.18 -0.63 -10.18
C GLY A 7 -20.97 -0.71 -11.07
N LEU A 8 -20.18 0.37 -11.09
CA LEU A 8 -18.98 0.42 -11.91
C LEU A 8 -17.76 0.78 -11.07
N SER A 9 -16.57 0.45 -11.56
CA SER A 9 -15.33 0.74 -10.86
C SER A 9 -14.99 2.21 -10.96
N ASN A 10 -14.18 2.69 -10.02
CA ASN A 10 -13.76 4.09 -10.01
C ASN A 10 -13.08 4.47 -11.31
N GLY A 11 -11.97 3.81 -11.60
CA GLY A 11 -11.23 4.09 -12.81
C GLY A 11 -9.87 3.43 -12.84
N GLN A 12 -9.10 3.69 -13.90
CA GLN A 12 -7.77 3.11 -14.03
C GLN A 12 -6.73 3.94 -13.28
N GLY A 13 -5.75 3.26 -12.70
CA GLY A 13 -4.71 3.96 -11.96
C GLY A 13 -3.56 3.04 -11.58
N SER A 14 -3.22 3.03 -10.30
CA SER A 14 -2.13 2.19 -9.82
C SER A 14 -2.65 1.00 -9.02
N ARG A 15 -2.26 -0.20 -9.44
CA ARG A 15 -2.70 -1.42 -8.76
C ARG A 15 -1.73 -1.81 -7.65
N VAL A 16 -2.10 -2.80 -6.86
CA VAL A 16 -1.27 -3.28 -5.76
C VAL A 16 0.05 -3.83 -6.28
N LEU A 17 1.16 -3.26 -5.81
CA LEU A 17 2.49 -3.69 -6.23
C LEU A 17 3.05 -4.73 -5.25
N HIS A 18 3.20 -4.32 -4.00
CA HIS A 18 3.72 -5.22 -2.96
C HIS A 18 3.22 -4.81 -1.58
N VAL A 19 2.71 -5.78 -0.83
CA VAL A 19 2.19 -5.52 0.51
C VAL A 19 3.33 -5.41 1.52
N VAL A 20 3.42 -4.25 2.18
CA VAL A 20 4.46 -4.02 3.17
C VAL A 20 3.85 -3.77 4.55
N GLN A 21 4.64 -4.01 5.58
CA GLN A 21 4.18 -3.81 6.96
C GLN A 21 5.03 -2.76 7.66
N THR A 22 4.44 -2.10 8.66
CA THR A 22 5.14 -1.07 9.42
C THR A 22 5.70 -1.63 10.72
N LEU A 23 7.01 -1.63 10.86
CA LEU A 23 7.67 -2.13 12.05
C LEU A 23 7.57 -1.13 13.19
N TYR A 24 7.69 0.15 12.86
CA TYR A 24 7.62 1.21 13.85
C TYR A 24 6.50 2.19 13.52
N PRO A 25 5.86 2.75 14.56
CA PRO A 25 4.76 3.70 14.41
C PRO A 25 5.25 5.05 13.87
N PHE A 26 4.69 5.46 12.74
CA PHE A 26 5.06 6.72 12.11
C PHE A 26 3.82 7.50 11.68
N SER A 27 3.72 8.75 12.12
CA SER A 27 2.58 9.60 11.78
C SER A 27 3.03 10.78 10.92
N SER A 28 2.30 11.02 9.84
CA SER A 28 2.61 12.12 8.93
C SER A 28 2.19 13.45 9.53
N VAL A 29 2.55 14.54 8.85
CA VAL A 29 2.20 15.88 9.31
C VAL A 29 1.42 16.64 8.25
N THR A 30 1.51 16.18 7.01
CA THR A 30 0.81 16.81 5.90
C THR A 30 0.21 15.77 4.96
N GLU A 31 -0.42 16.25 3.88
CA GLU A 31 -1.04 15.36 2.91
C GLU A 31 0.01 14.73 2.01
N GLU A 32 1.28 15.03 2.27
CA GLU A 32 2.39 14.50 1.48
C GLU A 32 2.93 13.21 2.11
N GLU A 33 2.92 13.17 3.43
CA GLU A 33 3.41 11.99 4.16
C GLU A 33 2.26 11.08 4.56
N LEU A 34 2.59 9.84 4.92
CA LEU A 34 1.58 8.87 5.33
C LEU A 34 1.58 8.70 6.85
N ASN A 35 0.39 8.47 7.40
CA ASN A 35 0.25 8.27 8.84
C ASN A 35 -0.17 6.84 9.17
N PHE A 36 0.46 6.27 10.19
CA PHE A 36 0.16 4.90 10.61
C PHE A 36 0.75 4.60 11.98
N GLU A 37 0.55 3.38 12.45
CA GLU A 37 1.07 2.96 13.75
C GLU A 37 1.88 1.67 13.63
N LYS A 38 2.34 1.15 14.76
CA LYS A 38 3.12 -0.07 14.79
C LYS A 38 2.25 -1.27 14.43
N GLY A 39 2.66 -2.00 13.40
CA GLY A 39 1.92 -3.16 12.96
C GLY A 39 0.79 -2.82 12.01
N GLU A 40 1.09 -1.95 11.04
CA GLU A 40 0.10 -1.54 10.05
C GLU A 40 0.41 -2.12 8.68
N THR A 41 -0.60 -2.70 8.04
CA THR A 41 -0.42 -3.29 6.72
C THR A 41 -0.86 -2.32 5.62
N MET A 42 0.01 -2.12 4.63
CA MET A 42 -0.28 -1.22 3.53
C MET A 42 -0.01 -1.91 2.19
N GLU A 43 -0.22 -1.16 1.11
CA GLU A 43 0.00 -1.70 -0.23
C GLU A 43 0.70 -0.67 -1.13
N VAL A 44 1.84 -1.05 -1.68
CA VAL A 44 2.60 -0.16 -2.57
C VAL A 44 1.87 0.05 -3.89
N ILE A 45 1.53 1.30 -4.17
CA ILE A 45 0.83 1.63 -5.41
C ILE A 45 1.79 2.23 -6.42
N GLU A 46 2.73 3.04 -5.95
CA GLU A 46 3.71 3.67 -6.83
C GLU A 46 5.00 3.97 -6.07
N LYS A 47 6.12 3.96 -6.78
CA LYS A 47 7.42 4.23 -6.19
C LYS A 47 8.11 5.39 -6.89
N PRO A 48 8.40 6.46 -6.13
CA PRO A 48 9.06 7.65 -6.65
C PRO A 48 10.52 7.38 -7.01
N GLU A 49 10.98 8.01 -8.10
CA GLU A 49 12.36 7.85 -8.55
C GLU A 49 13.28 8.82 -7.83
N ASN A 50 12.97 10.11 -7.93
CA ASN A 50 13.78 11.14 -7.29
C ASN A 50 14.05 10.79 -5.82
N ASP A 51 13.00 10.40 -5.11
CA ASP A 51 13.13 10.04 -3.70
C ASP A 51 12.90 8.54 -3.51
N PRO A 52 13.97 7.75 -3.74
CA PRO A 52 13.91 6.29 -3.60
C PRO A 52 13.80 5.86 -2.14
N GLU A 53 14.17 6.75 -1.23
CA GLU A 53 14.11 6.46 0.19
C GLU A 53 12.66 6.45 0.69
N TRP A 54 11.77 7.00 -0.12
CA TRP A 54 10.35 7.04 0.22
C TRP A 54 9.53 6.21 -0.74
N TRP A 55 8.41 5.67 -0.26
CA TRP A 55 7.54 4.85 -1.08
C TRP A 55 6.09 5.33 -0.98
N LYS A 56 5.34 5.20 -2.08
CA LYS A 56 3.96 5.62 -2.10
C LYS A 56 3.03 4.44 -1.81
N CYS A 57 2.33 4.51 -0.68
CA CYS A 57 1.41 3.45 -0.27
C CYS A 57 0.06 4.04 0.15
N LYS A 58 -0.91 3.17 0.36
CA LYS A 58 -2.24 3.59 0.78
C LYS A 58 -2.64 2.94 2.10
N ASN A 59 -2.98 3.76 3.08
CA ASN A 59 -3.38 3.27 4.39
C ASN A 59 -4.84 2.81 4.38
N ALA A 60 -5.31 2.34 5.53
CA ALA A 60 -6.69 1.87 5.66
C ALA A 60 -7.67 2.97 5.27
N ARG A 61 -7.31 4.21 5.54
CA ARG A 61 -8.17 5.36 5.22
C ARG A 61 -8.24 5.56 3.71
N GLY A 62 -7.51 4.73 2.97
CA GLY A 62 -7.51 4.85 1.52
C GLY A 62 -6.76 6.07 1.03
N GLN A 63 -5.92 6.62 1.90
CA GLN A 63 -5.14 7.82 1.56
C GLN A 63 -3.72 7.43 1.15
N VAL A 64 -3.21 8.08 0.11
CA VAL A 64 -1.86 7.82 -0.37
C VAL A 64 -0.89 8.90 0.08
N GLY A 65 0.36 8.51 0.32
CA GLY A 65 1.36 9.46 0.75
C GLY A 65 2.77 8.90 0.68
N LEU A 66 3.73 9.65 1.19
CA LEU A 66 5.13 9.23 1.17
C LEU A 66 5.52 8.57 2.48
N VAL A 67 5.78 7.27 2.43
CA VAL A 67 6.17 6.51 3.62
C VAL A 67 7.60 6.00 3.50
N PRO A 68 8.35 6.10 4.61
CA PRO A 68 9.75 5.67 4.66
C PRO A 68 9.88 4.14 4.60
N LYS A 69 10.58 3.65 3.59
CA LYS A 69 10.77 2.22 3.41
C LYS A 69 11.62 1.65 4.54
N ASN A 70 12.46 2.49 5.14
CA ASN A 70 13.31 2.07 6.24
C ASN A 70 12.49 1.71 7.47
N TYR A 71 11.23 2.11 7.46
CA TYR A 71 10.34 1.83 8.59
C TYR A 71 9.42 0.65 8.27
N VAL A 72 9.19 0.42 6.97
CA VAL A 72 8.34 -0.68 6.54
C VAL A 72 9.16 -1.81 5.93
N VAL A 73 8.48 -2.86 5.48
CA VAL A 73 9.15 -4.00 4.88
C VAL A 73 8.20 -4.77 3.95
N VAL A 74 8.74 -5.25 2.83
CA VAL A 74 7.94 -6.00 1.87
C VAL A 74 7.72 -7.43 2.34
N LEU A 75 6.46 -7.82 2.49
CA LEU A 75 6.12 -9.16 2.94
C LEU A 75 5.91 -10.09 1.74
N SER A 76 4.90 -9.79 0.93
CA SER A 76 4.59 -10.60 -0.25
C SER A 76 4.85 -9.81 -1.52
N ASP A 77 4.80 -10.50 -2.65
CA ASP A 77 5.03 -9.87 -3.95
C ASP A 77 3.76 -9.89 -4.79
N GLY A 78 2.89 -8.91 -4.55
CA GLY A 78 1.64 -8.83 -5.29
C GLY A 78 0.44 -9.26 -4.46
N PRO A 79 -0.77 -8.90 -4.93
CA PRO A 79 -2.01 -9.25 -4.23
C PRO A 79 -2.32 -10.75 -4.30
N ALA A 80 -1.45 -11.49 -4.98
CA ALA A 80 -1.62 -12.93 -5.11
C ALA A 80 -1.55 -13.63 -3.76
N LEU A 81 -2.71 -13.82 -3.13
CA LEU A 81 -2.76 -14.47 -1.83
C LEU A 81 -3.64 -15.73 -1.89
N HIS A 82 -3.91 -16.19 -3.10
CA HIS A 82 -4.73 -17.38 -3.29
C HIS A 82 -4.34 -18.47 -2.31
N PRO A 83 -5.36 -19.18 -1.78
CA PRO A 83 -5.15 -20.27 -0.82
C PRO A 83 -4.48 -21.49 -1.45
N ALA A 84 -3.18 -21.62 -1.25
CA ALA A 84 -2.43 -22.75 -1.80
C ALA A 84 -0.99 -22.75 -1.30
N HIS A 85 -0.58 -23.86 -0.70
CA HIS A 85 0.78 -23.98 -0.18
C HIS A 85 1.57 -25.04 -0.96
N SER A 86 2.89 -25.00 -0.84
CA SER A 86 3.75 -25.95 -1.52
C SER A 86 3.25 -27.38 -1.32
N GLY A 87 2.52 -27.59 -0.23
CA GLY A 87 2.01 -28.92 0.07
C GLY A 87 2.51 -29.45 1.39
N PRO A 88 1.92 -30.57 1.84
CA PRO A 88 2.31 -31.21 3.11
C PRO A 88 3.69 -31.84 3.05
N SER A 89 4.09 -32.50 4.13
CA SER A 89 5.39 -33.15 4.20
C SER A 89 5.35 -34.52 3.56
N SER A 90 6.08 -34.67 2.45
CA SER A 90 6.12 -35.94 1.73
C SER A 90 7.40 -36.06 0.91
N GLY A 91 8.09 -37.19 1.04
CA GLY A 91 9.32 -37.40 0.30
C GLY A 91 10.54 -36.98 1.09
#